data_8ALZ
#
_entry.id   8ALZ
#
_cell.length_a   1.00
_cell.length_b   1.00
_cell.length_c   1.00
_cell.angle_alpha   90.00
_cell.angle_beta   90.00
_cell.angle_gamma   90.00
#
_symmetry.space_group_name_H-M   'P 1'
#
loop_
_entity.id
_entity.type
_entity.pdbx_description
1 polymer 'Activating signal cointegrator 1'
2 polymer 'Activating signal cointegrator 1 complex subunit 3'
3 non-polymer 'ZINC ION'
#
loop_
_entity_poly.entity_id
_entity_poly.type
_entity_poly.pdbx_seq_one_letter_code
_entity_poly.pdbx_strand_id
1 'polypeptide(L)'
;GAEFMAVAGAVSGEPLVHWCTQQLRKTFGLDVSEEIIQYVLSIESAEEIREYVTDLLQGNEGKKGQFIEELITKWQKNDQ
ELISDPLQQCFKKDEILDGQKSGDHLKRGRKKGRNRQEVPAFTEPDTTAEVKTPFDLAKAQENSNSVKKKTKFVNLYTRE
GQDRLAVLLPGRHPCDCLGQKHKLINNCLICGRIVCEQEGSGPCLFCGTLVCTHEEQDILQRDSNKSQKLLKKLMSGVEN
SGKVDISTKDLLPHQELRIKSGLEKAIKHKDKLLEFDRTSIRRTQVIDDESDYFASDSNQWLSKLERETLQKREEELREL
RHASRLSKKVTIDFAGRKILEEENSLAEYHSRLDETIQAIANGTLNQPLTKLDRSSEEPLGVLVNPNMYQSPPQWVDHTG
AASQKKAFRSSGFGLEFNSFQHQLRIQDQEFQEGFDGGWCLSVHQPWASLLVRGIKRVEGRSWYTPHRGRLWIAATAKKP
SPQEVSELQATYRLLRGKDVEFPNDYPSGCLLGCVDLIDCLSQKQFKEQFPDISQESDSPFVFICKNPQEMVVKFPIKGN
PKIWKLDSKIHQGAKKGLMKQNKAV
;
A
2 'polypeptide(L)'
;GAEFHYPHVYDSQAEAMKTSAFIAGAKMILPEGIQRENNKLYEEVRIPYSEPMPLSFEEKPVYIQDLDEIGQLAFKGMKR
LNRIQSIVFETAYNTNENMLICAPTGAGKTNIAMLTVLHEIRQHFQQGVIKKNEFKIVYVAPMKALAAEMTDYFSRRLEP
LGIIVKELTGDMQLSKSEILRTQMLVTTPEKWDVVTRKSVGDVALSQIVRLLILDEVHLLHEDRGPVLESIVARTLRQVE
STQSMIRILGLSATLPNYLDVATFLHVNPYIGLFFFDGRFRPVPLGQTFLGIKCANKMQQLNNMDEVCYENVLKQVKAGH
QVMVFVHARNATVRTAMSLIERAKNCGHIPFFFPTQGHDYVLAEKQVQRSRNKQVRELFPDGFSIHHAGMLRQDRNLVEN
LFSNGHIKVLVCTATLAWGVNLPAHAVIIKGTQIYAAKRGSFVDLGILDVMQIFGRAGRPQFDKFGEGIIITTHDKLSHY
LTLLTQRNPIESQFLESLADNLNAEIALGTVTNVEEAVKWISYTYLYVRMRANPLAYGISHKAYQIDPTLRKHREQLVIE
VGRKLDKAQMIRFEERTGYFSSTDLGRTASHYYIKYNTIETFNELFDAHKTEGDIFAIVSKAEEFDQIKVREEEIEELDT
LLSNFCELSTPGGVENSYGKINILLQTYISRGEMDSFSLISDSAYVAQNAARIVRALFEIALRKRWPTMTYRLLNLSKVI
DKRLWGWASPLRQFSILPPHILTRLEEKKLTVDKLKDMRKDEIGHILHHVNIGLKVKQCVHQIPSVMMEASIQPITRTVL
RVTLSIYADFTWNDQVHGTVGEPWWIWVEDPTNDHIYHSEYFLALKKQVISKEAQLLVFTIPIFEPLPSQYYIRAVSDRW
LGAEAVCIINFQHLILPERHPPHTELLDLQPLPITALGCKAYEALYNFSHFNPVQTQIFHTLYHTDCNVLLGAPTGSGKT
VAAELAIFRVFNKYPTSKAVYIAPLKALVRERMDDWKVRIEEKLGKKVIELTGDVTPDMKSIAKADLIVTTPEKWDGVSR
SWQNRNYVQQVTILIIDEIHLLGEERGPVLEVIVSRTNFISSHTEKPVRIVGLSTALANARDLADWLNIKQMGLFNFRPS
VRPVPLEVHIQGFPGQHYCPRMASMNKPAFQAIRSHSPAKPVLIFVSSRRQTRLTALELIAFLATEEDPKQWLNMDEREM
ENIIATVRDSNLKLTLAFGIGMHHAGLHERDRKTVEELFVNCKVQVLIATSTLAWGVNFPAHLVIIKGTEYYDGKTRRYV
DFPITDVLQMMGRAGRPQFDDQGKAVILVHDIKKDFYKKFLYEPFPVESSLLGVLSDHLNAEIAGGTITSKQDALDYITW
TYFFRRLIMNPSYYNLGDVSHDSVNKFLSHLIEKSLIELELSYCIEIGEDNRSIEPLTYGRIASYYYLKHQTVKMFKDRL
KPECSTEELLSILSDAEEYTDLPVRHNEDHMNSELAKCLPIESNPHSFDSPHTKAHLLLQAHLSRAMLPCPDYDTDTKTV
LDQALRVCQAMLDVAANQGWLVTVLNITNLIQMVIQGRWLKDSSLLTLPNIENHHLHLFKKWKPIMKGPHARGRTSIESL
PELIHACGGKDHVFSSMVESELHAAKTKQAWNFLSHLPVINVGISVKGSWDDLVEGHNELSVSTLTADKRDDNKWIKLHA
DQEYVLQVSLQRVHFGFHKGKPESCAVTPRFPKSKDEGWFLILGEVDKRELIALKRVGYIRNHHVASLSFYTPEIPGRYI
YTLYFMSDCYLGLDQQYDIYLNVTQASLSAQVNTKVSDSLTDLALK
;
B
#
# COMPACT_ATOMS: atom_id res chain seq x y z
N ARG A 172 62.91 -13.86 -3.69
CA ARG A 172 62.08 -12.71 -3.98
C ARG A 172 61.14 -12.40 -2.83
N HIS A 173 59.94 -11.93 -3.16
CA HIS A 173 58.93 -11.57 -2.17
C HIS A 173 57.55 -11.65 -2.80
N PRO A 174 56.61 -12.38 -2.21
CA PRO A 174 55.28 -12.49 -2.81
C PRO A 174 54.49 -11.19 -2.72
N CYS A 175 54.77 -10.25 -3.62
CA CYS A 175 54.01 -9.01 -3.68
C CYS A 175 52.55 -9.30 -4.00
N ASP A 176 51.66 -8.61 -3.29
CA ASP A 176 50.22 -8.78 -3.45
C ASP A 176 49.67 -7.54 -4.15
N CYS A 177 49.63 -7.60 -5.48
CA CYS A 177 49.03 -6.53 -6.27
C CYS A 177 48.00 -7.09 -7.24
N LEU A 178 48.22 -8.32 -7.70
CA LEU A 178 47.29 -9.02 -8.59
C LEU A 178 46.99 -8.21 -9.85
N GLY A 179 48.02 -7.53 -10.37
CA GLY A 179 47.87 -6.75 -11.58
C GLY A 179 47.18 -5.42 -11.41
N GLN A 180 46.83 -5.04 -10.19
CA GLN A 180 46.17 -3.77 -9.93
C GLN A 180 47.13 -2.65 -9.61
N LYS A 181 48.44 -2.92 -9.59
CA LYS A 181 49.43 -1.91 -9.28
C LYS A 181 50.46 -1.82 -10.40
N HIS A 182 50.79 -2.96 -11.01
CA HIS A 182 51.70 -3.00 -12.14
C HIS A 182 51.21 -4.10 -13.09
N LYS A 183 52.05 -4.45 -14.07
CA LYS A 183 51.67 -5.45 -15.05
C LYS A 183 51.69 -6.84 -14.43
N LEU A 184 51.43 -7.84 -15.26
CA LEU A 184 51.23 -9.21 -14.79
C LEU A 184 52.02 -10.18 -15.65
N ILE A 185 52.20 -11.39 -15.11
CA ILE A 185 52.73 -12.51 -15.87
C ILE A 185 51.74 -13.67 -15.76
N ASN A 186 52.11 -14.80 -16.35
CA ASN A 186 51.25 -15.98 -16.33
C ASN A 186 50.95 -16.41 -14.91
N ASN A 187 49.70 -16.79 -14.69
CA ASN A 187 49.30 -17.32 -13.38
C ASN A 187 49.58 -18.83 -13.33
N CYS A 188 49.92 -19.30 -12.14
CA CYS A 188 50.25 -20.72 -11.97
C CYS A 188 49.01 -21.57 -12.20
N LEU A 189 49.19 -22.67 -12.93
CA LEU A 189 48.06 -23.56 -13.19
C LEU A 189 47.69 -24.38 -11.96
N ILE A 190 48.68 -24.80 -11.18
CA ILE A 190 48.41 -25.67 -10.03
C ILE A 190 47.65 -24.89 -8.96
N CYS A 191 48.12 -23.69 -8.61
CA CYS A 191 47.55 -22.92 -7.53
C CYS A 191 46.55 -21.87 -7.98
N GLY A 192 46.49 -21.56 -9.28
CA GLY A 192 45.64 -20.48 -9.76
C GLY A 192 46.02 -19.13 -9.18
N ARG A 193 47.32 -18.89 -8.97
CA ARG A 193 47.80 -17.70 -8.30
C ARG A 193 48.28 -16.69 -9.32
N ILE A 194 47.70 -15.49 -9.28
CA ILE A 194 48.14 -14.41 -10.16
C ILE A 194 49.51 -13.93 -9.68
N VAL A 195 50.48 -13.91 -10.58
CA VAL A 195 51.83 -13.49 -10.28
C VAL A 195 52.12 -12.21 -11.05
N CYS A 196 52.77 -11.26 -10.40
CA CYS A 196 53.11 -10.00 -11.01
C CYS A 196 54.51 -10.04 -11.62
N GLU A 197 54.86 -8.99 -12.34
CA GLU A 197 56.20 -8.89 -12.91
C GLU A 197 57.26 -8.61 -11.84
N GLN A 198 56.85 -8.28 -10.62
CA GLN A 198 57.82 -8.03 -9.55
C GLN A 198 58.65 -9.27 -9.26
N GLU A 199 58.01 -10.44 -9.21
CA GLU A 199 58.70 -11.70 -9.04
C GLU A 199 58.27 -12.64 -10.16
N GLY A 200 59.25 -13.27 -10.81
CA GLY A 200 58.92 -14.14 -11.92
C GLY A 200 60.15 -14.87 -12.43
N SER A 201 60.00 -15.46 -13.62
CA SER A 201 61.05 -16.27 -14.25
C SER A 201 61.53 -17.38 -13.32
N GLY A 202 60.59 -18.02 -12.63
CA GLY A 202 60.90 -19.08 -11.71
C GLY A 202 59.66 -19.74 -11.16
N PRO A 203 59.85 -20.77 -10.33
CA PRO A 203 58.71 -21.47 -9.73
C PRO A 203 57.88 -20.53 -8.86
N CYS A 204 56.57 -20.75 -8.85
CA CYS A 204 55.68 -19.95 -8.03
C CYS A 204 55.89 -20.28 -6.55
N LEU A 205 55.58 -19.31 -5.70
CA LEU A 205 55.84 -19.45 -4.27
C LEU A 205 55.00 -20.57 -3.65
N PHE A 206 53.74 -20.69 -4.06
CA PHE A 206 52.82 -21.60 -3.38
C PHE A 206 53.17 -23.06 -3.64
N CYS A 207 53.38 -23.42 -4.92
CA CYS A 207 53.57 -24.82 -5.28
C CYS A 207 54.93 -25.13 -5.88
N GLY A 208 55.73 -24.14 -6.24
CA GLY A 208 57.06 -24.38 -6.75
C GLY A 208 57.13 -25.07 -8.10
N THR A 209 56.32 -24.65 -9.06
CA THR A 209 56.37 -25.16 -10.42
C THR A 209 56.64 -24.02 -11.39
N LEU A 210 57.39 -24.33 -12.44
CA LEU A 210 57.76 -23.31 -13.43
C LEU A 210 56.53 -22.75 -14.12
N VAL A 211 56.44 -21.43 -14.19
CA VAL A 211 55.33 -20.73 -14.82
C VAL A 211 55.89 -19.57 -15.62
N CYS A 212 55.47 -19.44 -16.87
CA CYS A 212 55.97 -18.39 -17.74
C CYS A 212 54.87 -17.95 -18.70
N THR A 213 54.95 -16.71 -19.15
CA THR A 213 53.97 -16.15 -20.07
C THR A 213 54.10 -16.78 -21.45
N HIS A 214 53.07 -16.59 -22.27
CA HIS A 214 53.03 -17.21 -23.59
C HIS A 214 54.20 -16.72 -24.46
N GLU A 215 54.46 -15.42 -24.45
CA GLU A 215 55.51 -14.88 -25.31
C GLU A 215 56.90 -15.36 -24.88
N GLU A 216 57.08 -15.66 -23.60
CA GLU A 216 58.37 -16.17 -23.13
C GLU A 216 58.44 -17.68 -23.03
N GLN A 217 57.30 -18.37 -22.96
CA GLN A 217 57.29 -19.83 -23.03
C GLN A 217 57.29 -20.33 -24.47
N ASP A 218 57.05 -19.46 -25.44
CA ASP A 218 57.15 -19.88 -26.85
C ASP A 218 58.57 -20.30 -27.19
N ILE A 219 59.57 -19.62 -26.63
CA ILE A 219 60.96 -20.01 -26.87
C ILE A 219 61.22 -21.41 -26.34
N LEU A 220 60.75 -21.71 -25.13
CA LEU A 220 60.91 -23.04 -24.58
C LEU A 220 60.16 -24.09 -25.40
N GLN A 221 58.96 -23.74 -25.87
CA GLN A 221 58.18 -24.67 -26.69
C GLN A 221 58.89 -24.98 -27.99
N ARG A 222 59.49 -23.97 -28.63
CA ARG A 222 60.21 -24.19 -29.87
C ARG A 222 61.45 -25.05 -29.69
N ASP A 223 62.00 -25.11 -28.48
CA ASP A 223 63.19 -25.91 -28.18
C ASP A 223 64.37 -25.53 -29.08
N PRO A 379 46.31 6.14 25.16
CA PRO A 379 45.99 4.87 25.79
C PRO A 379 45.24 3.91 24.85
N LEU A 380 44.91 2.73 25.35
CA LEU A 380 44.23 1.70 24.58
C LEU A 380 42.94 1.33 25.30
N GLY A 381 41.81 1.66 24.68
CA GLY A 381 40.53 1.41 25.31
C GLY A 381 40.17 -0.07 25.33
N VAL A 382 39.25 -0.41 26.24
CA VAL A 382 38.86 -1.81 26.41
C VAL A 382 38.22 -2.35 25.14
N LEU A 383 37.34 -1.57 24.52
CA LEU A 383 36.64 -1.97 23.30
C LEU A 383 36.95 -0.94 22.22
N VAL A 384 38.06 -1.15 21.51
CA VAL A 384 38.45 -0.28 20.40
C VAL A 384 39.42 -1.05 19.53
N ASN A 385 39.30 -0.84 18.22
CA ASN A 385 40.18 -1.46 17.23
C ASN A 385 41.13 -0.44 16.64
N PRO A 386 42.29 -0.88 16.14
CA PRO A 386 43.18 0.05 15.43
C PRO A 386 42.47 0.66 14.23
N ASN A 387 42.66 1.95 14.04
CA ASN A 387 42.00 2.69 12.98
C ASN A 387 42.86 3.87 12.57
N MET A 388 42.61 4.35 11.35
CA MET A 388 43.29 5.54 10.85
C MET A 388 42.61 6.80 11.34
N TYR A 389 42.41 6.91 12.66
CA TYR A 389 41.74 8.04 13.27
C TYR A 389 42.67 8.70 14.28
N GLN A 390 42.65 10.04 14.29
CA GLN A 390 43.51 10.79 15.20
C GLN A 390 43.11 10.65 16.66
N SER A 391 41.83 10.36 16.93
CA SER A 391 41.37 10.24 18.31
C SER A 391 40.12 9.38 18.36
N PRO A 392 39.97 8.53 19.36
CA PRO A 392 38.73 7.74 19.50
C PRO A 392 37.57 8.61 19.90
N PRO A 393 36.33 8.14 19.71
CA PRO A 393 35.17 8.98 20.03
C PRO A 393 34.89 9.11 21.52
N GLN A 394 35.56 10.06 22.16
CA GLN A 394 35.34 10.33 23.58
C GLN A 394 33.92 10.85 23.82
N TRP A 395 33.50 10.80 25.08
CA TRP A 395 32.16 11.22 25.48
C TRP A 395 32.20 12.63 26.02
N VAL A 396 31.22 13.44 25.63
CA VAL A 396 31.05 14.79 26.14
C VAL A 396 29.68 14.88 26.79
N ASP A 397 29.66 15.34 28.05
CA ASP A 397 28.42 15.45 28.82
C ASP A 397 27.78 16.83 28.71
N HIS A 398 28.27 17.67 27.80
CA HIS A 398 27.76 19.03 27.67
C HIS A 398 26.32 19.08 27.18
N THR A 399 25.84 18.01 26.57
CA THR A 399 24.50 18.01 25.98
C THR A 399 23.43 18.24 27.06
N GLY A 400 22.39 18.98 26.68
CA GLY A 400 21.33 19.28 27.62
C GLY A 400 20.43 18.09 27.91
N ALA A 401 20.40 17.11 27.01
CA ALA A 401 19.59 15.91 27.24
C ALA A 401 20.06 15.16 28.48
N ALA A 402 21.38 15.06 28.66
CA ALA A 402 21.91 14.46 29.88
C ALA A 402 21.79 15.42 31.05
N SER A 403 21.73 16.72 30.77
CA SER A 403 21.52 17.70 31.84
C SER A 403 20.16 17.51 32.49
N GLN A 404 19.13 17.23 31.69
CA GLN A 404 17.83 16.89 32.26
C GLN A 404 17.90 15.59 33.07
N LYS A 405 18.59 14.58 32.54
CA LYS A 405 18.68 13.30 33.22
C LYS A 405 19.38 13.43 34.58
N LYS A 406 20.37 14.32 34.67
CA LYS A 406 21.07 14.51 35.94
C LYS A 406 20.17 15.05 37.04
N ALA A 407 19.02 15.65 36.67
CA ALA A 407 18.12 16.20 37.66
C ALA A 407 17.34 15.09 38.38
N PHE A 408 16.74 14.18 37.61
CA PHE A 408 15.92 13.13 38.19
C PHE A 408 16.60 11.78 38.23
N ARG A 409 17.93 11.72 38.04
CA ARG A 409 18.65 10.47 38.24
C ARG A 409 19.11 10.30 39.70
N SER A 410 18.44 10.96 40.64
CA SER A 410 18.80 10.81 42.05
C SER A 410 18.48 9.43 42.58
N SER A 411 17.51 8.75 41.98
CA SER A 411 17.11 7.42 42.45
C SER A 411 17.96 6.34 41.79
N GLY A 412 18.03 5.18 42.46
CA GLY A 412 18.76 4.05 41.93
C GLY A 412 19.79 3.49 42.90
N PHE A 413 20.92 3.04 42.36
CA PHE A 413 22.03 2.43 43.11
C PHE A 413 21.53 1.52 44.23
N GLY A 414 20.70 0.56 43.85
CA GLY A 414 20.19 -0.41 44.79
C GLY A 414 20.67 -1.82 44.51
N LEU A 415 21.53 -2.35 45.38
CA LEU A 415 22.10 -3.69 45.23
C LEU A 415 21.74 -4.52 46.45
N GLU A 416 21.27 -5.74 46.20
CA GLU A 416 20.93 -6.65 47.29
C GLU A 416 22.16 -7.22 47.98
N PHE A 417 23.25 -7.41 47.23
CA PHE A 417 24.53 -7.92 47.75
C PHE A 417 24.27 -9.31 48.34
N ASN A 418 24.88 -9.64 49.48
CA ASN A 418 24.70 -10.96 50.09
C ASN A 418 23.47 -10.91 50.98
N SER A 419 22.34 -11.38 50.44
CA SER A 419 21.10 -11.50 51.18
C SER A 419 20.62 -12.94 51.11
N PHE A 420 20.44 -13.57 52.26
CA PHE A 420 19.93 -14.93 52.28
C PHE A 420 18.49 -14.96 51.76
N GLN A 421 17.75 -13.88 51.98
CA GLN A 421 16.37 -13.77 51.50
C GLN A 421 16.28 -13.70 49.98
N HIS A 422 17.40 -13.50 49.29
CA HIS A 422 17.37 -13.44 47.84
C HIS A 422 16.88 -14.76 47.26
N GLN A 423 15.99 -14.67 46.28
CA GLN A 423 15.43 -15.85 45.63
C GLN A 423 15.09 -15.46 44.20
N LEU A 424 15.74 -16.10 43.22
CA LEU A 424 15.49 -15.78 41.83
C LEU A 424 14.04 -16.05 41.46
N ARG A 425 13.50 -17.19 41.91
CA ARG A 425 12.11 -17.62 41.70
C ARG A 425 11.87 -17.91 40.22
N ILE A 426 12.87 -17.64 39.39
CA ILE A 426 12.92 -18.12 38.01
C ILE A 426 14.32 -18.68 37.84
N GLN A 427 14.46 -19.98 38.08
CA GLN A 427 15.76 -20.63 38.15
C GLN A 427 16.00 -21.58 36.97
N ASP A 428 15.46 -21.25 35.80
CA ASP A 428 15.72 -22.06 34.62
C ASP A 428 17.22 -22.11 34.35
N GLN A 429 17.73 -23.31 34.06
CA GLN A 429 19.17 -23.47 33.93
C GLN A 429 19.71 -22.66 32.76
N GLU A 430 18.97 -22.61 31.65
CA GLU A 430 19.47 -21.98 30.43
C GLU A 430 19.65 -20.48 30.57
N PHE A 431 18.97 -19.84 31.52
CA PHE A 431 19.09 -18.39 31.66
C PHE A 431 20.40 -17.98 32.31
N GLN A 432 20.89 -18.79 33.26
CA GLN A 432 21.98 -18.34 34.11
C GLN A 432 23.31 -18.23 33.36
N GLU A 433 23.65 -19.21 32.51
CA GLU A 433 24.96 -19.15 31.89
C GLU A 433 25.01 -18.16 30.73
N GLY A 434 23.84 -17.70 30.27
CA GLY A 434 23.83 -16.67 29.24
C GLY A 434 24.33 -15.34 29.75
N PHE A 435 23.97 -14.98 30.99
CA PHE A 435 24.25 -13.68 31.55
C PHE A 435 24.98 -13.85 32.88
N ASP A 436 26.12 -13.19 33.03
CA ASP A 436 26.87 -13.24 34.27
C ASP A 436 26.25 -12.27 35.26
N GLY A 437 25.71 -12.80 36.36
CA GLY A 437 25.07 -12.00 37.37
C GLY A 437 25.98 -11.44 38.43
N GLY A 438 27.27 -11.68 38.34
CA GLY A 438 28.21 -11.17 39.33
C GLY A 438 28.28 -11.97 40.61
N TRP A 439 27.59 -13.11 40.69
CA TRP A 439 27.63 -13.93 41.89
C TRP A 439 29.03 -14.50 42.10
N CYS A 440 29.46 -14.50 43.36
CA CYS A 440 30.79 -14.97 43.72
C CYS A 440 30.71 -15.92 44.91
N LEU A 441 31.71 -16.79 45.03
CA LEU A 441 31.77 -17.77 46.08
C LEU A 441 33.17 -17.81 46.68
N SER A 442 33.26 -18.25 47.92
CA SER A 442 34.53 -18.35 48.63
C SER A 442 34.85 -19.82 48.87
N VAL A 443 36.03 -20.25 48.41
CA VAL A 443 36.49 -21.63 48.55
C VAL A 443 37.88 -21.60 49.17
N HIS A 444 38.15 -22.58 50.03
CA HIS A 444 39.46 -22.68 50.67
C HIS A 444 40.55 -22.82 49.61
N GLN A 445 41.67 -22.14 49.85
CA GLN A 445 42.75 -22.07 48.87
C GLN A 445 43.24 -23.43 48.38
N PRO A 446 43.48 -24.44 49.22
CA PRO A 446 43.91 -25.74 48.69
C PRO A 446 42.92 -26.34 47.70
N TRP A 447 41.62 -26.13 47.92
CA TRP A 447 40.63 -26.59 46.96
C TRP A 447 40.40 -25.56 45.86
N ALA A 448 40.48 -24.26 46.19
CA ALA A 448 40.21 -23.22 45.21
C ALA A 448 41.22 -23.25 44.06
N SER A 449 42.50 -23.45 44.38
CA SER A 449 43.53 -23.47 43.35
C SER A 449 43.26 -24.58 42.33
N LEU A 450 42.97 -25.79 42.82
CA LEU A 450 42.68 -26.90 41.93
C LEU A 450 41.35 -26.74 41.21
N LEU A 451 40.39 -26.03 41.84
CA LEU A 451 39.12 -25.78 41.17
C LEU A 451 39.30 -24.81 40.01
N VAL A 452 40.16 -23.81 40.17
CA VAL A 452 40.28 -22.79 39.12
C VAL A 452 41.28 -23.22 38.06
N ARG A 453 42.27 -24.05 38.41
CA ARG A 453 43.16 -24.62 37.40
C ARG A 453 42.56 -25.82 36.69
N GLY A 454 41.39 -26.29 37.12
CA GLY A 454 40.75 -27.43 36.50
C GLY A 454 41.25 -28.78 36.95
N ILE A 455 42.15 -28.82 37.94
CA ILE A 455 42.67 -30.10 38.42
C ILE A 455 41.55 -30.92 39.07
N LYS A 456 40.73 -30.28 39.89
CA LYS A 456 39.57 -30.91 40.50
C LYS A 456 38.31 -30.49 39.74
N ARG A 457 37.38 -31.44 39.59
CA ARG A 457 36.23 -31.25 38.72
C ARG A 457 34.91 -31.08 39.48
N VAL A 458 34.83 -31.52 40.73
CA VAL A 458 33.60 -31.46 41.50
C VAL A 458 33.90 -30.87 42.87
N GLU A 459 33.01 -30.00 43.34
CA GLU A 459 33.15 -29.32 44.62
C GLU A 459 32.07 -29.78 45.57
N GLY A 460 32.41 -29.84 46.86
CA GLY A 460 31.47 -30.32 47.86
C GLY A 460 31.15 -29.34 48.97
N ARG A 461 29.89 -28.95 49.06
CA ARG A 461 29.42 -28.07 50.13
C ARG A 461 28.04 -28.53 50.60
N SER A 462 27.70 -28.13 51.83
CA SER A 462 26.45 -28.59 52.42
C SER A 462 25.25 -27.88 51.81
N TRP A 463 25.36 -26.57 51.56
CA TRP A 463 24.22 -25.81 51.05
C TRP A 463 24.04 -26.08 49.55
N TYR A 464 22.87 -25.71 49.06
CA TYR A 464 22.51 -25.85 47.65
C TYR A 464 22.32 -24.46 47.06
N THR A 465 22.88 -24.25 45.86
CA THR A 465 22.84 -22.94 45.21
C THR A 465 22.09 -23.06 43.90
N PRO A 466 21.00 -22.30 43.70
CA PRO A 466 20.26 -22.37 42.43
C PRO A 466 20.91 -21.58 41.31
N HIS A 467 21.98 -20.84 41.58
CA HIS A 467 22.68 -20.07 40.55
C HIS A 467 23.57 -21.02 39.75
N ARG A 468 23.16 -21.32 38.52
CA ARG A 468 23.89 -22.24 37.65
C ARG A 468 24.61 -21.51 36.52
N GLY A 469 24.94 -20.24 36.72
CA GLY A 469 25.69 -19.47 35.76
C GLY A 469 27.15 -19.37 36.11
N ARG A 470 27.81 -18.38 35.52
CA ARG A 470 29.21 -18.14 35.82
C ARG A 470 29.35 -17.57 37.23
N LEU A 471 30.25 -18.15 38.03
CA LEU A 471 30.48 -17.71 39.39
C LEU A 471 31.98 -17.54 39.62
N TRP A 472 32.32 -16.54 40.42
CA TRP A 472 33.71 -16.27 40.75
C TRP A 472 34.08 -16.90 42.07
N ILE A 473 35.34 -17.29 42.21
CA ILE A 473 35.87 -17.97 43.38
C ILE A 473 36.89 -17.06 44.02
N ALA A 474 36.69 -16.75 45.30
CA ALA A 474 37.57 -15.88 46.06
C ALA A 474 38.40 -16.72 47.02
N ALA A 475 39.70 -16.49 47.03
CA ALA A 475 40.60 -17.23 47.91
C ALA A 475 40.30 -16.90 49.37
N THR A 476 40.44 -17.90 50.22
CA THR A 476 40.17 -17.71 51.65
C THR A 476 41.27 -16.86 52.28
N ALA A 477 40.90 -16.20 53.39
CA ALA A 477 41.84 -15.35 54.09
C ALA A 477 42.88 -16.15 54.87
N LYS A 478 42.50 -17.32 55.40
CA LYS A 478 43.43 -18.12 56.17
C LYS A 478 44.55 -18.66 55.29
N LYS A 479 45.75 -18.73 55.84
CA LYS A 479 46.90 -19.25 55.12
C LYS A 479 46.88 -20.77 55.15
N PRO A 480 46.86 -21.44 54.00
CA PRO A 480 46.84 -22.91 54.02
C PRO A 480 48.16 -23.49 54.52
N SER A 481 48.05 -24.62 55.22
CA SER A 481 49.24 -25.30 55.70
C SER A 481 49.92 -26.06 54.58
N PRO A 482 51.25 -26.13 54.56
CA PRO A 482 51.95 -26.85 53.49
C PRO A 482 51.68 -28.35 53.49
N GLN A 483 51.23 -28.92 54.60
CA GLN A 483 51.00 -30.36 54.66
C GLN A 483 49.71 -30.79 53.98
N GLU A 484 48.76 -29.87 53.78
CA GLU A 484 47.51 -30.23 53.12
C GLU A 484 47.72 -30.52 51.65
N VAL A 485 48.66 -29.82 51.00
CA VAL A 485 48.90 -30.05 49.58
C VAL A 485 49.43 -31.45 49.35
N SER A 486 50.15 -32.02 50.33
CA SER A 486 50.66 -33.38 50.17
C SER A 486 49.53 -34.39 50.04
N GLU A 487 48.58 -34.36 50.98
CA GLU A 487 47.46 -35.30 50.91
C GLU A 487 46.54 -34.99 49.74
N LEU A 488 46.38 -33.71 49.39
CA LEU A 488 45.58 -33.37 48.22
C LEU A 488 46.19 -33.94 46.94
N GLN A 489 47.51 -33.84 46.80
CA GLN A 489 48.19 -34.42 45.66
C GLN A 489 48.08 -35.94 45.66
N ALA A 490 48.25 -36.55 46.84
CA ALA A 490 48.20 -38.02 46.93
C ALA A 490 46.81 -38.53 46.56
N THR A 491 45.76 -37.79 46.93
CA THR A 491 44.41 -38.21 46.61
C THR A 491 44.17 -38.23 45.11
N TYR A 492 44.71 -37.24 44.40
CA TYR A 492 44.46 -37.07 42.97
C TYR A 492 45.51 -37.73 42.09
N ARG A 493 46.45 -38.49 42.67
CA ARG A 493 47.45 -39.16 41.86
C ARG A 493 46.82 -40.19 40.92
N LEU A 494 45.84 -40.96 41.42
CA LEU A 494 45.18 -41.94 40.57
C LEU A 494 44.29 -41.25 39.54
N LEU A 495 43.62 -40.16 39.93
CA LEU A 495 42.72 -39.47 39.00
C LEU A 495 43.49 -38.66 37.97
N ARG A 496 44.54 -37.96 38.37
CA ARG A 496 45.28 -37.07 37.47
C ARG A 496 46.71 -37.50 37.27
N GLY A 497 47.48 -37.68 38.35
CA GLY A 497 48.88 -38.05 38.24
C GLY A 497 49.82 -36.87 38.29
N LYS A 498 51.11 -37.17 38.41
CA LYS A 498 52.14 -36.16 38.49
C LYS A 498 52.44 -35.51 37.13
N ASP A 499 51.87 -36.02 36.04
CA ASP A 499 52.16 -35.46 34.72
C ASP A 499 51.72 -34.00 34.62
N VAL A 500 50.55 -33.68 35.17
CA VAL A 500 50.03 -32.32 35.12
C VAL A 500 50.78 -31.46 36.14
N GLU A 501 51.29 -30.32 35.69
CA GLU A 501 52.00 -29.41 36.58
C GLU A 501 51.04 -28.76 37.56
N PHE A 502 51.54 -28.51 38.78
CA PHE A 502 50.75 -27.92 39.83
C PHE A 502 51.28 -26.55 40.21
N PRO A 503 50.43 -25.51 40.19
CA PRO A 503 50.89 -24.17 40.55
C PRO A 503 51.07 -24.00 42.06
N ASN A 504 52.27 -24.37 42.55
CA ASN A 504 52.51 -24.38 44.00
C ASN A 504 52.34 -23.01 44.64
N ASP A 505 52.41 -21.93 43.86
CA ASP A 505 52.20 -20.59 44.39
C ASP A 505 50.73 -20.42 44.74
N TYR A 506 50.41 -20.53 46.03
CA TYR A 506 49.03 -20.45 46.49
C TYR A 506 48.77 -19.09 47.10
N PRO A 507 47.89 -18.27 46.53
CA PRO A 507 47.59 -16.97 47.12
C PRO A 507 46.56 -17.13 48.26
N SER A 508 46.15 -15.99 48.81
CA SER A 508 45.17 -15.98 49.88
C SER A 508 44.43 -14.64 49.88
N GLY A 509 43.11 -14.70 50.00
CA GLY A 509 42.30 -13.50 50.05
C GLY A 509 42.08 -12.81 48.72
N CYS A 510 42.46 -13.43 47.62
CA CYS A 510 42.33 -12.84 46.30
C CYS A 510 41.04 -13.32 45.64
N LEU A 511 40.86 -12.98 44.37
CA LEU A 511 39.71 -13.38 43.56
C LEU A 511 40.20 -13.96 42.24
N LEU A 512 41.16 -14.89 42.34
CA LEU A 512 41.74 -15.49 41.15
C LEU A 512 40.77 -16.42 40.44
N GLY A 513 39.73 -16.87 41.14
CA GLY A 513 38.86 -17.90 40.57
C GLY A 513 37.72 -17.31 39.75
N CYS A 514 37.46 -17.95 38.61
CA CYS A 514 36.29 -17.61 37.80
C CYS A 514 35.91 -18.87 37.01
N VAL A 515 34.86 -19.55 37.43
CA VAL A 515 34.48 -20.84 36.84
C VAL A 515 33.00 -20.80 36.52
N ASP A 516 32.60 -21.66 35.58
CA ASP A 516 31.20 -21.79 35.21
C ASP A 516 30.61 -23.06 35.81
N LEU A 517 29.39 -22.96 36.33
CA LEU A 517 28.71 -24.05 36.99
C LEU A 517 27.67 -24.64 36.05
N ILE A 518 27.58 -25.97 36.01
CA ILE A 518 26.61 -26.64 35.16
C ILE A 518 25.50 -27.31 35.96
N ASP A 519 25.78 -27.81 37.16
CA ASP A 519 24.74 -28.53 37.89
C ASP A 519 25.10 -28.66 39.37
N CYS A 520 24.05 -28.78 40.18
CA CYS A 520 24.12 -29.13 41.59
C CYS A 520 23.04 -30.16 41.89
N LEU A 521 23.44 -31.22 42.58
CA LEU A 521 22.49 -32.26 42.96
C LEU A 521 23.04 -33.04 44.14
N SER A 522 22.20 -33.93 44.67
CA SER A 522 22.51 -34.69 45.87
C SER A 522 23.57 -35.76 45.57
N GLN A 523 24.13 -36.31 46.64
CA GLN A 523 25.15 -37.34 46.50
C GLN A 523 24.59 -38.62 45.90
N LYS A 524 23.37 -39.00 46.27
CA LYS A 524 22.78 -40.22 45.75
C LYS A 524 22.59 -40.13 44.23
N GLN A 525 22.07 -39.00 43.75
CA GLN A 525 21.95 -38.80 42.31
C GLN A 525 23.31 -38.71 41.66
N PHE A 526 24.31 -38.17 42.36
CA PHE A 526 25.67 -38.12 41.83
C PHE A 526 26.21 -39.53 41.59
N LYS A 527 25.99 -40.44 42.55
CA LYS A 527 26.39 -41.82 42.35
C LYS A 527 25.58 -42.49 41.25
N GLU A 528 24.28 -42.19 41.17
CA GLU A 528 23.42 -42.85 40.20
C GLU A 528 23.81 -42.47 38.77
N GLN A 529 24.06 -41.19 38.52
CA GLN A 529 24.26 -40.70 37.16
C GLN A 529 25.72 -40.45 36.80
N PHE A 530 26.58 -40.18 37.78
CA PHE A 530 27.98 -39.86 37.52
C PHE A 530 28.88 -40.70 38.43
N PRO A 531 28.94 -42.01 38.21
CA PRO A 531 29.72 -42.88 39.11
C PRO A 531 31.22 -42.90 38.82
N ASP A 532 31.65 -42.35 37.69
CA ASP A 532 33.06 -42.46 37.31
C ASP A 532 33.96 -41.66 38.25
N ILE A 533 33.61 -40.40 38.50
CA ILE A 533 34.44 -39.49 39.28
C ILE A 533 33.78 -39.16 40.62
N SER A 534 32.68 -39.86 40.95
CA SER A 534 31.97 -39.58 42.19
C SER A 534 32.83 -39.82 43.42
N GLN A 535 33.82 -40.72 43.32
CA GLN A 535 34.70 -41.01 44.44
C GLN A 535 35.69 -39.87 44.72
N GLU A 536 35.78 -38.89 43.82
CA GLU A 536 36.70 -37.77 44.05
C GLU A 536 36.31 -36.97 45.28
N SER A 537 35.02 -36.70 45.45
CA SER A 537 34.54 -35.95 46.60
C SER A 537 33.10 -36.34 46.89
N ASP A 538 32.76 -36.36 48.18
CA ASP A 538 31.41 -36.74 48.63
C ASP A 538 30.86 -35.63 49.52
N SER A 539 29.64 -35.21 49.24
CA SER A 539 28.99 -34.15 50.00
C SER A 539 27.49 -34.23 49.74
N PRO A 540 26.66 -33.67 50.62
CA PRO A 540 25.21 -33.69 50.39
C PRO A 540 24.81 -33.03 49.08
N PHE A 541 25.53 -32.00 48.64
CA PHE A 541 25.29 -31.37 47.35
C PHE A 541 26.62 -31.17 46.63
N VAL A 542 26.64 -31.44 45.34
CA VAL A 542 27.87 -31.44 44.56
C VAL A 542 27.78 -30.40 43.46
N PHE A 543 28.73 -29.46 43.45
CA PHE A 543 28.89 -28.53 42.34
C PHE A 543 29.68 -29.21 41.24
N ILE A 544 29.18 -29.16 40.01
CA ILE A 544 29.93 -29.63 38.85
C ILE A 544 30.34 -28.41 38.04
N CYS A 545 31.64 -28.14 37.97
CA CYS A 545 32.18 -26.97 37.31
C CYS A 545 32.98 -27.37 36.08
N LYS A 546 32.73 -26.66 34.98
CA LYS A 546 33.43 -26.89 33.72
C LYS A 546 34.68 -26.00 33.67
N ASN A 547 35.26 -25.84 32.49
CA ASN A 547 36.56 -25.20 32.35
C ASN A 547 36.55 -23.79 32.93
N PRO A 548 37.47 -23.45 33.81
CA PRO A 548 37.56 -22.08 34.34
C PRO A 548 38.46 -21.19 33.49
N GLN A 549 38.68 -19.96 33.95
CA GLN A 549 39.55 -19.02 33.27
C GLN A 549 40.61 -18.52 34.24
N GLU A 550 41.73 -18.05 33.68
CA GLU A 550 42.85 -17.57 34.46
C GLU A 550 43.39 -16.26 33.88
N MET A 551 43.92 -15.42 34.77
CA MET A 551 44.57 -14.17 34.40
C MET A 551 45.86 -14.05 35.20
N VAL A 552 46.62 -12.99 34.92
CA VAL A 552 47.93 -12.77 35.54
C VAL A 552 47.91 -11.65 36.56
N VAL A 553 46.76 -11.08 36.86
CA VAL A 553 46.64 -9.98 37.81
C VAL A 553 45.84 -10.44 39.02
N LYS A 554 46.00 -9.71 40.12
CA LYS A 554 45.48 -10.11 41.42
C LYS A 554 44.48 -9.06 41.94
N PHE A 555 43.31 -9.54 42.37
CA PHE A 555 42.25 -8.68 42.90
C PHE A 555 42.15 -8.84 44.41
N PRO A 556 42.41 -7.80 45.19
CA PRO A 556 42.22 -7.89 46.64
C PRO A 556 40.74 -7.79 47.00
N ILE A 557 40.27 -8.76 47.77
CA ILE A 557 38.88 -8.77 48.26
C ILE A 557 38.90 -9.15 49.74
N LYS A 558 38.13 -8.42 50.54
CA LYS A 558 38.05 -8.71 51.97
C LYS A 558 37.43 -10.07 52.21
N GLY A 559 36.39 -10.41 51.48
CA GLY A 559 35.71 -11.67 51.66
C GLY A 559 34.32 -11.49 52.24
N ASN A 560 33.40 -12.34 51.80
CA ASN A 560 32.01 -12.27 52.23
C ASN A 560 31.49 -13.69 52.38
N PRO A 561 30.42 -13.89 53.15
CA PRO A 561 29.82 -15.23 53.27
C PRO A 561 29.39 -15.77 51.91
N LYS A 562 29.01 -17.06 51.93
CA LYS A 562 28.79 -17.79 50.69
C LYS A 562 27.64 -17.19 49.89
N ILE A 563 27.80 -17.23 48.56
CA ILE A 563 26.82 -16.71 47.61
C ILE A 563 26.59 -15.23 47.88
N TRP A 564 27.53 -14.39 47.44
CA TRP A 564 27.47 -12.95 47.63
C TRP A 564 27.67 -12.26 46.30
N LYS A 565 26.90 -11.20 46.08
CA LYS A 565 27.01 -10.43 44.84
C LYS A 565 28.27 -9.57 44.86
N LEU A 566 29.09 -9.70 43.82
CA LEU A 566 30.30 -8.90 43.72
C LEU A 566 29.97 -7.44 43.47
N ASP A 567 30.78 -6.55 44.03
CA ASP A 567 30.59 -5.13 43.83
C ASP A 567 30.87 -4.75 42.38
N SER A 568 30.26 -3.65 41.94
CA SER A 568 30.35 -3.26 40.53
C SER A 568 31.78 -2.93 40.12
N LYS A 569 32.51 -2.22 40.97
CA LYS A 569 33.86 -1.77 40.61
C LYS A 569 34.79 -2.96 40.40
N ILE A 570 34.76 -3.94 41.32
CA ILE A 570 35.61 -5.11 41.17
C ILE A 570 35.14 -5.96 40.00
N HIS A 571 33.83 -6.10 39.83
CA HIS A 571 33.29 -6.88 38.72
C HIS A 571 33.71 -6.28 37.38
N GLN A 572 33.65 -4.96 37.26
CA GLN A 572 34.09 -4.30 36.03
C GLN A 572 35.58 -4.50 35.81
N GLY A 573 36.38 -4.35 36.87
CA GLY A 573 37.81 -4.55 36.73
C GLY A 573 38.17 -5.99 36.42
N ALA A 574 37.48 -6.94 37.05
CA ALA A 574 37.76 -8.35 36.80
C ALA A 574 37.44 -8.73 35.35
N LYS A 575 36.33 -8.23 34.81
CA LYS A 575 36.01 -8.50 33.41
C LYS A 575 37.05 -7.88 32.48
N LYS A 576 37.52 -6.67 32.81
CA LYS A 576 38.57 -6.04 31.99
C LYS A 576 39.86 -6.86 32.03
N GLY A 577 40.23 -7.35 33.22
CA GLY A 577 41.39 -8.22 33.30
C GLY A 577 41.21 -9.50 32.53
N LEU A 578 39.98 -10.03 32.49
CA LEU A 578 39.71 -11.22 31.70
C LEU A 578 39.94 -10.96 30.21
N MET A 579 39.63 -9.75 29.75
CA MET A 579 39.93 -9.39 28.37
C MET A 579 41.43 -9.22 28.15
N LYS A 580 42.14 -8.66 29.14
CA LYS A 580 43.58 -8.44 29.01
C LYS A 580 44.33 -9.77 28.96
N GLN A 581 43.89 -10.76 29.73
CA GLN A 581 44.48 -12.09 29.62
C GLN A 581 44.06 -12.79 28.33
N ASN A 582 42.86 -12.46 27.81
CA ASN A 582 42.46 -13.00 26.51
C ASN A 582 43.28 -12.38 25.39
N LYS A 583 43.87 -11.21 25.62
CA LYS A 583 44.81 -10.65 24.65
C LYS A 583 45.99 -11.58 24.41
N ALA A 584 46.55 -12.13 25.48
CA ALA A 584 47.69 -13.03 25.37
C ALA A 584 47.26 -14.41 24.87
N HIS B 5 -38.01 -0.80 -47.58
CA HIS B 5 -38.32 -2.20 -47.34
C HIS B 5 -39.34 -2.35 -46.21
N TYR B 6 -39.84 -1.21 -45.74
CA TYR B 6 -40.78 -1.15 -44.61
C TYR B 6 -40.24 -1.90 -43.40
N PRO B 7 -39.23 -1.37 -42.71
CA PRO B 7 -38.73 -2.05 -41.52
C PRO B 7 -39.83 -2.20 -40.47
N HIS B 8 -39.88 -3.38 -39.86
CA HIS B 8 -40.96 -3.76 -38.95
C HIS B 8 -42.31 -3.64 -39.64
N VAL B 9 -43.40 -3.66 -38.86
CA VAL B 9 -44.74 -3.51 -39.39
C VAL B 9 -45.54 -2.42 -38.68
N TYR B 10 -44.95 -1.75 -37.69
CA TYR B 10 -45.68 -0.82 -36.83
C TYR B 10 -45.68 0.62 -37.37
N ASP B 11 -44.63 1.03 -38.07
CA ASP B 11 -44.46 2.44 -38.40
C ASP B 11 -45.62 2.96 -39.25
N SER B 12 -45.94 4.23 -39.04
CA SER B 12 -47.11 4.88 -39.64
C SER B 12 -46.67 6.06 -40.49
N GLN B 13 -47.65 6.86 -40.91
CA GLN B 13 -47.46 8.10 -41.67
C GLN B 13 -46.69 7.87 -42.98
N ALA B 14 -46.68 6.64 -43.46
CA ALA B 14 -46.04 6.33 -44.73
C ALA B 14 -46.94 6.73 -45.90
N GLU B 15 -47.29 8.01 -45.97
CA GLU B 15 -48.18 8.50 -47.03
C GLU B 15 -47.98 10.00 -47.18
N ALA B 16 -48.13 10.48 -48.41
CA ALA B 16 -47.98 11.89 -48.72
C ALA B 16 -48.70 12.20 -50.02
N MET B 17 -48.95 13.49 -50.24
CA MET B 17 -49.63 13.95 -51.44
C MET B 17 -49.15 15.35 -51.79
N LYS B 18 -49.52 15.80 -52.99
CA LYS B 18 -49.21 17.14 -53.45
C LYS B 18 -50.47 17.99 -53.40
N THR B 19 -50.39 19.14 -52.72
CA THR B 19 -51.56 19.99 -52.52
C THR B 19 -51.43 21.34 -53.21
N SER B 20 -50.38 22.11 -52.93
CA SER B 20 -50.26 23.44 -53.49
C SER B 20 -48.89 23.69 -54.11
N ALA B 21 -47.87 22.98 -53.61
CA ALA B 21 -46.49 23.08 -54.10
C ALA B 21 -45.91 24.48 -53.95
N PHE B 22 -46.53 25.34 -53.12
CA PHE B 22 -46.04 26.70 -52.92
C PHE B 22 -46.51 27.16 -51.55
N ILE B 23 -45.60 27.13 -50.58
CA ILE B 23 -45.85 27.65 -49.24
C ILE B 23 -44.63 28.50 -48.89
N ALA B 24 -44.74 29.81 -49.10
CA ALA B 24 -43.63 30.75 -48.90
C ALA B 24 -42.39 30.30 -49.68
N GLY B 25 -42.61 29.93 -50.94
CA GLY B 25 -41.54 29.42 -51.78
C GLY B 25 -41.00 28.07 -51.35
N ALA B 26 -41.88 27.17 -50.90
CA ALA B 26 -41.46 25.85 -50.46
C ALA B 26 -42.66 24.91 -50.54
N LYS B 27 -42.38 23.62 -50.47
CA LYS B 27 -43.41 22.58 -50.49
C LYS B 27 -43.56 22.01 -49.09
N MET B 28 -44.80 21.93 -48.61
CA MET B 28 -45.12 21.46 -47.28
C MET B 28 -46.26 20.47 -47.40
N ILE B 29 -46.01 19.21 -47.02
CA ILE B 29 -46.96 18.14 -47.26
C ILE B 29 -48.19 18.38 -46.39
N LEU B 30 -49.28 18.80 -47.02
CA LEU B 30 -50.45 19.28 -46.28
C LEU B 30 -51.31 18.09 -45.85
N PRO B 31 -51.45 17.83 -44.55
CA PRO B 31 -52.16 16.62 -44.10
C PRO B 31 -53.66 16.64 -44.39
N GLU B 32 -54.35 17.70 -43.99
CA GLU B 32 -55.81 17.74 -44.05
C GLU B 32 -56.33 19.00 -44.74
N GLY B 33 -55.52 19.63 -45.58
CA GLY B 33 -55.97 20.81 -46.30
C GLY B 33 -56.23 22.03 -45.44
N ILE B 34 -55.37 22.30 -44.46
CA ILE B 34 -55.50 23.52 -43.67
C ILE B 34 -55.15 24.72 -44.54
N GLN B 35 -55.73 25.87 -44.20
CA GLN B 35 -55.59 27.07 -45.00
C GLN B 35 -54.61 28.05 -44.36
N ARG B 36 -53.95 28.83 -45.22
CA ARG B 36 -53.03 29.88 -44.79
C ARG B 36 -53.70 31.23 -45.06
N GLU B 37 -54.21 31.85 -44.00
CA GLU B 37 -54.91 33.12 -44.11
C GLU B 37 -53.93 34.30 -44.04
N ASN B 38 -52.94 34.25 -44.92
CA ASN B 38 -51.94 35.31 -44.97
C ASN B 38 -52.58 36.63 -45.36
N ASN B 39 -52.23 37.69 -44.62
CA ASN B 39 -52.75 39.02 -44.87
C ASN B 39 -51.61 40.02 -44.79
N LYS B 40 -51.95 41.31 -44.81
CA LYS B 40 -50.93 42.35 -44.87
C LYS B 40 -50.06 42.38 -43.62
N LEU B 41 -50.68 42.27 -42.44
CA LEU B 41 -49.96 42.47 -41.20
C LEU B 41 -49.37 41.20 -40.60
N TYR B 42 -49.83 40.03 -41.02
CA TYR B 42 -49.21 38.79 -40.56
C TYR B 42 -49.49 37.67 -41.56
N GLU B 43 -48.67 36.63 -41.48
CA GLU B 43 -48.82 35.42 -42.28
C GLU B 43 -48.87 34.22 -41.35
N GLU B 44 -49.79 33.30 -41.62
CA GLU B 44 -49.98 32.17 -40.73
C GLU B 44 -50.49 30.97 -41.50
N VAL B 45 -50.34 29.80 -40.88
CA VAL B 45 -50.92 28.55 -41.36
C VAL B 45 -51.76 27.97 -40.23
N ARG B 46 -52.83 27.27 -40.58
CA ARG B 46 -53.80 26.80 -39.59
C ARG B 46 -53.19 25.70 -38.72
N ILE B 47 -54.00 25.21 -37.79
CA ILE B 47 -53.56 24.21 -36.82
C ILE B 47 -53.79 22.81 -37.38
N PRO B 48 -52.74 22.01 -37.56
CA PRO B 48 -52.94 20.61 -37.97
C PRO B 48 -53.62 19.80 -36.87
N TYR B 49 -54.36 18.78 -37.29
CA TYR B 49 -55.08 17.92 -36.37
C TYR B 49 -54.84 16.46 -36.74
N SER B 50 -54.80 15.61 -35.72
CA SER B 50 -54.59 14.18 -35.90
C SER B 50 -55.62 13.41 -35.07
N GLU B 51 -56.04 12.28 -35.63
CA GLU B 51 -57.04 11.42 -34.99
C GLU B 51 -56.48 10.01 -34.83
N PRO B 52 -56.18 9.58 -33.60
CA PRO B 52 -55.69 8.21 -33.42
C PRO B 52 -56.74 7.18 -33.76
N MET B 53 -56.29 6.03 -34.32
CA MET B 53 -57.21 4.96 -34.63
C MET B 53 -57.45 4.08 -33.41
N PRO B 54 -58.63 3.47 -33.31
CA PRO B 54 -58.98 2.69 -32.10
C PRO B 54 -58.27 1.35 -32.07
N LEU B 55 -57.28 1.22 -31.18
CA LEU B 55 -56.56 -0.03 -31.02
C LEU B 55 -57.46 -1.06 -30.37
N SER B 56 -57.63 -2.21 -31.02
CA SER B 56 -58.57 -3.22 -30.58
C SER B 56 -57.89 -4.51 -30.14
N PHE B 57 -57.13 -5.16 -31.03
CA PHE B 57 -56.58 -6.47 -30.72
C PHE B 57 -55.13 -6.65 -31.20
N GLU B 58 -54.48 -5.61 -31.70
CA GLU B 58 -53.12 -5.76 -32.20
C GLU B 58 -52.15 -6.17 -31.10
N GLU B 59 -52.29 -5.57 -29.92
CA GLU B 59 -51.41 -5.91 -28.81
C GLU B 59 -52.17 -5.76 -27.50
N LYS B 60 -51.78 -6.57 -26.51
CA LYS B 60 -52.40 -6.54 -25.19
C LYS B 60 -51.46 -5.91 -24.17
N PRO B 61 -51.99 -5.07 -23.27
CA PRO B 61 -51.11 -4.40 -22.30
C PRO B 61 -50.47 -5.39 -21.34
N VAL B 62 -49.27 -5.03 -20.89
CA VAL B 62 -48.52 -5.82 -19.92
C VAL B 62 -48.94 -5.40 -18.52
N TYR B 63 -48.83 -6.32 -17.58
CA TYR B 63 -49.22 -6.08 -16.19
C TYR B 63 -48.02 -6.36 -15.27
N ILE B 64 -48.29 -6.34 -13.97
CA ILE B 64 -47.23 -6.54 -12.99
C ILE B 64 -47.12 -8.01 -12.57
N GLN B 65 -48.23 -8.74 -12.55
CA GLN B 65 -48.21 -10.12 -12.06
C GLN B 65 -47.35 -11.02 -12.94
N ASP B 66 -47.35 -10.78 -14.25
CA ASP B 66 -46.58 -11.58 -15.19
C ASP B 66 -45.14 -11.08 -15.27
N LEU B 67 -44.48 -11.09 -14.11
CA LEU B 67 -43.09 -10.63 -13.99
C LEU B 67 -42.36 -11.53 -13.00
N ASP B 68 -41.04 -11.41 -12.98
CA ASP B 68 -40.23 -12.07 -11.98
C ASP B 68 -40.37 -11.33 -10.64
N GLU B 69 -39.86 -11.96 -9.59
CA GLU B 69 -39.98 -11.38 -8.25
C GLU B 69 -39.33 -10.00 -8.19
N ILE B 70 -38.19 -9.83 -8.86
CA ILE B 70 -37.58 -8.51 -8.99
C ILE B 70 -38.52 -7.56 -9.70
N GLY B 71 -39.19 -8.05 -10.75
CA GLY B 71 -40.19 -7.24 -11.43
C GLY B 71 -41.35 -6.88 -10.53
N GLN B 72 -41.76 -7.80 -9.65
CA GLN B 72 -42.84 -7.51 -8.72
C GLN B 72 -42.44 -6.41 -7.75
N LEU B 73 -41.27 -6.54 -7.12
CA LEU B 73 -40.88 -5.58 -6.08
C LEU B 73 -40.52 -4.23 -6.67
N ALA B 74 -39.83 -4.22 -7.81
CA ALA B 74 -39.44 -2.95 -8.43
C ALA B 74 -40.66 -2.18 -8.92
N PHE B 75 -41.62 -2.87 -9.52
CA PHE B 75 -42.82 -2.22 -10.03
C PHE B 75 -43.67 -1.70 -8.87
N LYS B 76 -44.16 -0.48 -9.01
CA LYS B 76 -44.99 0.11 -7.97
C LYS B 76 -46.42 -0.36 -8.01
N GLY B 77 -46.85 -1.01 -9.09
CA GLY B 77 -48.12 -1.68 -9.12
C GLY B 77 -49.34 -0.84 -9.46
N MET B 78 -49.21 0.12 -10.38
CA MET B 78 -50.39 0.82 -10.86
C MET B 78 -51.31 -0.08 -11.68
N LYS B 79 -50.80 -1.22 -12.15
CA LYS B 79 -51.58 -2.24 -12.86
C LYS B 79 -51.97 -1.75 -14.26
N ARG B 80 -51.69 -0.50 -14.56
CA ARG B 80 -51.99 0.10 -15.85
C ARG B 80 -50.68 0.38 -16.58
N LEU B 81 -50.51 -0.26 -17.74
CA LEU B 81 -49.36 -0.01 -18.61
C LEU B 81 -49.89 0.44 -19.96
N ASN B 82 -49.34 1.54 -20.46
CA ASN B 82 -49.82 2.13 -21.70
C ASN B 82 -49.44 1.26 -22.89
N ARG B 83 -49.91 1.69 -24.06
CA ARG B 83 -49.65 0.95 -25.30
C ARG B 83 -48.16 0.83 -25.59
N ILE B 84 -47.36 1.76 -25.08
CA ILE B 84 -45.92 1.72 -25.33
C ILE B 84 -45.33 0.45 -24.71
N GLN B 85 -45.72 0.15 -23.47
CA GLN B 85 -45.24 -1.06 -22.80
C GLN B 85 -45.64 -2.30 -23.57
N SER B 86 -46.90 -2.36 -24.01
CA SER B 86 -47.37 -3.52 -24.75
C SER B 86 -46.57 -3.71 -26.03
N ILE B 87 -46.27 -2.62 -26.74
CA ILE B 87 -45.54 -2.74 -27.99
C ILE B 87 -44.10 -3.17 -27.75
N VAL B 88 -43.45 -2.62 -26.71
CA VAL B 88 -42.00 -2.77 -26.59
C VAL B 88 -41.56 -3.92 -25.68
N PHE B 89 -42.46 -4.45 -24.84
CA PHE B 89 -42.02 -5.33 -23.75
C PHE B 89 -41.39 -6.62 -24.25
N GLU B 90 -41.74 -7.08 -25.46
CA GLU B 90 -41.16 -8.33 -25.96
C GLU B 90 -39.65 -8.20 -26.14
N THR B 91 -39.18 -7.07 -26.66
CA THR B 91 -37.76 -6.89 -26.93
C THR B 91 -37.02 -6.12 -25.86
N ALA B 92 -37.71 -5.27 -25.10
CA ALA B 92 -37.05 -4.46 -24.08
C ALA B 92 -36.94 -5.15 -22.73
N TYR B 93 -37.55 -6.32 -22.55
CA TYR B 93 -37.46 -7.07 -21.30
C TYR B 93 -36.98 -8.50 -21.48
N ASN B 94 -36.89 -9.01 -22.71
CA ASN B 94 -36.40 -10.36 -22.96
C ASN B 94 -35.12 -10.36 -23.76
N THR B 95 -35.06 -9.61 -24.86
CA THR B 95 -33.84 -9.51 -25.64
C THR B 95 -32.84 -8.59 -24.96
N ASN B 96 -31.56 -8.76 -25.32
CA ASN B 96 -30.46 -8.01 -24.73
C ASN B 96 -29.55 -7.45 -25.82
N GLU B 97 -30.15 -6.83 -26.83
CA GLU B 97 -29.41 -6.20 -27.91
C GLU B 97 -29.75 -4.72 -27.97
N ASN B 98 -28.97 -3.99 -28.76
CA ASN B 98 -29.17 -2.56 -28.91
C ASN B 98 -30.50 -2.26 -29.59
N MET B 99 -31.13 -1.18 -29.15
CA MET B 99 -32.44 -0.78 -29.66
C MET B 99 -32.61 0.71 -29.43
N LEU B 100 -33.52 1.31 -30.17
CA LEU B 100 -33.84 2.72 -29.99
C LEU B 100 -35.35 2.93 -30.03
N ILE B 101 -35.78 4.02 -29.43
CA ILE B 101 -37.19 4.37 -29.35
C ILE B 101 -37.31 5.88 -29.50
N CYS B 102 -38.41 6.32 -30.11
CA CYS B 102 -38.63 7.75 -30.33
C CYS B 102 -40.11 8.04 -30.14
N ALA B 103 -40.42 8.85 -29.13
CA ALA B 103 -41.80 9.15 -28.75
C ALA B 103 -41.99 10.65 -28.58
N PRO B 104 -43.18 11.16 -28.87
CA PRO B 104 -43.49 12.56 -28.56
C PRO B 104 -43.89 12.80 -27.11
N THR B 105 -43.92 11.76 -26.29
CA THR B 105 -44.32 11.86 -24.89
C THR B 105 -43.25 11.24 -24.00
N GLY B 106 -42.85 11.98 -22.96
CA GLY B 106 -41.83 11.50 -22.05
C GLY B 106 -42.30 10.40 -21.11
N ALA B 107 -43.60 10.33 -20.84
CA ALA B 107 -44.15 9.23 -20.07
C ALA B 107 -43.98 7.90 -20.80
N GLY B 108 -43.95 7.93 -22.13
CA GLY B 108 -43.62 6.77 -22.93
C GLY B 108 -42.14 6.54 -23.10
N LYS B 109 -41.30 7.37 -22.49
CA LYS B 109 -39.85 7.23 -22.53
C LYS B 109 -39.29 6.72 -21.21
N THR B 110 -39.67 7.35 -20.10
CA THR B 110 -39.07 7.00 -18.81
C THR B 110 -39.41 5.57 -18.39
N ASN B 111 -40.66 5.15 -18.64
CA ASN B 111 -41.06 3.80 -18.29
C ASN B 111 -40.24 2.76 -19.05
N ILE B 112 -40.03 2.99 -20.35
CA ILE B 112 -39.19 2.10 -21.14
C ILE B 112 -37.77 2.11 -20.62
N ALA B 113 -37.27 3.30 -20.25
CA ALA B 113 -35.91 3.40 -19.74
C ALA B 113 -35.71 2.53 -18.52
N MET B 114 -36.57 2.68 -17.51
CA MET B 114 -36.34 1.92 -16.28
C MET B 114 -36.70 0.44 -16.44
N LEU B 115 -37.66 0.11 -17.32
CA LEU B 115 -37.91 -1.31 -17.54
C LEU B 115 -36.72 -1.99 -18.21
N THR B 116 -36.10 -1.30 -19.17
CA THR B 116 -34.89 -1.85 -19.80
C THR B 116 -33.75 -1.94 -18.79
N VAL B 117 -33.63 -0.96 -17.92
CA VAL B 117 -32.60 -1.01 -16.87
C VAL B 117 -32.81 -2.23 -15.99
N LEU B 118 -34.06 -2.46 -15.55
CA LEU B 118 -34.35 -3.62 -14.72
C LEU B 118 -34.11 -4.92 -15.47
N HIS B 119 -34.45 -4.96 -16.76
CA HIS B 119 -34.20 -6.15 -17.57
C HIS B 119 -32.71 -6.47 -17.62
N GLU B 120 -31.88 -5.45 -17.87
CA GLU B 120 -30.45 -5.68 -17.91
C GLU B 120 -29.93 -6.12 -16.55
N ILE B 121 -30.43 -5.51 -15.47
CA ILE B 121 -29.98 -5.87 -14.13
C ILE B 121 -30.30 -7.32 -13.82
N ARG B 122 -31.52 -7.77 -14.15
CA ARG B 122 -31.91 -9.13 -13.83
C ARG B 122 -31.25 -10.15 -14.76
N GLN B 123 -30.91 -9.77 -15.99
CA GLN B 123 -30.21 -10.70 -16.86
C GLN B 123 -28.71 -10.72 -16.59
N HIS B 124 -28.19 -9.73 -15.85
CA HIS B 124 -26.75 -9.70 -15.59
C HIS B 124 -26.33 -10.89 -14.74
N PHE B 125 -27.05 -11.19 -13.67
CA PHE B 125 -26.70 -12.28 -12.78
C PHE B 125 -27.89 -12.63 -11.91
N GLN B 126 -28.00 -13.93 -11.58
CA GLN B 126 -29.05 -14.36 -10.65
C GLN B 126 -28.84 -13.74 -9.28
N GLN B 127 -27.59 -13.72 -8.79
CA GLN B 127 -27.26 -13.04 -7.55
C GLN B 127 -26.97 -11.56 -7.75
N GLY B 128 -26.96 -11.08 -9.00
CA GLY B 128 -26.74 -9.66 -9.24
C GLY B 128 -27.82 -8.79 -8.66
N VAL B 129 -29.05 -9.29 -8.60
CA VAL B 129 -30.13 -8.56 -7.94
C VAL B 129 -29.98 -8.55 -6.43
N ILE B 130 -29.07 -9.37 -5.89
CA ILE B 130 -28.76 -9.37 -4.47
C ILE B 130 -27.50 -8.56 -4.17
N LYS B 131 -26.43 -8.78 -4.94
CA LYS B 131 -25.17 -8.08 -4.75
C LYS B 131 -24.90 -7.19 -5.96
N LYS B 132 -24.52 -5.95 -5.68
CA LYS B 132 -24.24 -4.96 -6.72
C LYS B 132 -22.75 -4.98 -7.08
N ASN B 133 -22.31 -3.94 -7.79
CA ASN B 133 -20.93 -3.62 -8.22
C ASN B 133 -20.45 -4.48 -9.37
N GLU B 134 -21.31 -5.32 -9.96
CA GLU B 134 -20.94 -6.10 -11.12
C GLU B 134 -21.21 -5.38 -12.43
N PHE B 135 -21.86 -4.21 -12.39
CA PHE B 135 -22.11 -3.41 -13.59
C PHE B 135 -22.22 -1.95 -13.18
N LYS B 136 -22.00 -1.07 -14.16
CA LYS B 136 -22.05 0.38 -13.93
C LYS B 136 -22.75 1.03 -15.12
N ILE B 137 -24.07 1.16 -15.03
CA ILE B 137 -24.83 1.78 -16.11
C ILE B 137 -24.77 3.30 -15.96
N VAL B 138 -24.96 3.99 -17.08
CA VAL B 138 -24.81 5.45 -17.15
C VAL B 138 -25.97 6.04 -17.93
N TYR B 139 -26.48 7.17 -17.45
CA TYR B 139 -27.56 7.92 -18.06
C TYR B 139 -27.04 9.29 -18.46
N VAL B 140 -27.54 9.83 -19.57
CA VAL B 140 -27.12 11.14 -20.05
C VAL B 140 -28.33 12.05 -20.13
N ALA B 141 -28.11 13.32 -19.80
CA ALA B 141 -29.15 14.33 -19.81
C ALA B 141 -28.59 15.60 -20.46
N PRO B 142 -29.45 16.42 -21.07
CA PRO B 142 -28.94 17.61 -21.77
C PRO B 142 -28.11 18.55 -20.89
N MET B 143 -28.65 19.03 -19.78
CA MET B 143 -27.85 19.77 -18.81
C MET B 143 -28.40 19.48 -17.41
N LYS B 144 -28.06 20.36 -16.46
CA LYS B 144 -28.19 20.04 -15.04
C LYS B 144 -29.64 19.73 -14.65
N ALA B 145 -30.60 20.42 -15.24
CA ALA B 145 -31.99 20.31 -14.77
C ALA B 145 -32.52 18.89 -14.94
N LEU B 146 -32.43 18.35 -16.16
CA LEU B 146 -32.95 17.01 -16.39
C LEU B 146 -32.09 15.96 -15.71
N ALA B 147 -30.78 16.21 -15.57
CA ALA B 147 -29.93 15.27 -14.86
C ALA B 147 -30.38 15.14 -13.40
N ALA B 148 -30.60 16.27 -12.73
CA ALA B 148 -31.06 16.24 -11.35
C ALA B 148 -32.46 15.64 -11.24
N GLU B 149 -33.34 15.97 -12.18
CA GLU B 149 -34.70 15.43 -12.13
C GLU B 149 -34.69 13.91 -12.29
N MET B 150 -33.92 13.40 -13.26
CA MET B 150 -33.81 11.96 -13.44
C MET B 150 -33.13 11.30 -12.26
N THR B 151 -32.15 11.97 -11.65
CA THR B 151 -31.49 11.43 -10.47
C THR B 151 -32.48 11.25 -9.32
N ASP B 152 -33.29 12.29 -9.07
CA ASP B 152 -34.31 12.17 -8.03
C ASP B 152 -35.35 11.11 -8.37
N TYR B 153 -35.75 11.05 -9.65
CA TYR B 153 -36.75 10.07 -10.07
C TYR B 153 -36.24 8.65 -9.88
N PHE B 154 -34.96 8.40 -10.18
CA PHE B 154 -34.40 7.07 -9.99
C PHE B 154 -34.14 6.77 -8.52
N SER B 155 -33.82 7.80 -7.72
CA SER B 155 -33.64 7.58 -6.29
C SER B 155 -34.95 7.18 -5.63
N ARG B 156 -36.05 7.81 -6.02
CA ARG B 156 -37.34 7.52 -5.39
C ARG B 156 -38.07 6.37 -6.05
N ARG B 157 -37.77 6.06 -7.31
CA ARG B 157 -38.48 5.01 -8.02
C ARG B 157 -38.10 3.62 -7.52
N LEU B 158 -36.80 3.36 -7.38
CA LEU B 158 -36.29 2.02 -7.12
C LEU B 158 -35.61 1.99 -5.75
N GLU B 159 -36.41 1.82 -4.71
CA GLU B 159 -35.89 1.59 -3.37
C GLU B 159 -35.52 0.13 -3.09
N PRO B 160 -36.34 -0.88 -3.46
CA PRO B 160 -36.07 -2.23 -2.94
C PRO B 160 -34.77 -2.84 -3.43
N LEU B 161 -34.30 -2.48 -4.63
CA LEU B 161 -33.06 -3.03 -5.14
C LEU B 161 -31.85 -2.58 -4.35
N GLY B 162 -31.97 -1.49 -3.58
CA GLY B 162 -30.83 -0.92 -2.90
C GLY B 162 -29.89 -0.15 -3.79
N ILE B 163 -30.26 0.06 -5.06
CA ILE B 163 -29.40 0.76 -5.99
C ILE B 163 -29.41 2.25 -5.66
N ILE B 164 -28.23 2.85 -5.59
CA ILE B 164 -28.07 4.26 -5.27
C ILE B 164 -27.56 4.97 -6.53
N VAL B 165 -28.22 6.07 -6.89
CA VAL B 165 -27.89 6.80 -8.09
C VAL B 165 -27.20 8.11 -7.70
N LYS B 166 -26.56 8.74 -8.66
CA LYS B 166 -25.83 9.99 -8.43
C LYS B 166 -26.04 10.92 -9.62
N GLU B 167 -25.54 12.15 -9.47
CA GLU B 167 -25.66 13.18 -10.51
C GLU B 167 -24.34 13.96 -10.53
N LEU B 168 -23.43 13.55 -11.40
CA LEU B 168 -22.17 14.26 -11.62
C LEU B 168 -22.26 14.96 -12.96
N THR B 169 -22.36 16.30 -12.94
CA THR B 169 -22.54 17.10 -14.15
C THR B 169 -21.65 18.33 -14.04
N GLY B 170 -20.40 18.19 -14.49
CA GLY B 170 -19.47 19.31 -14.49
C GLY B 170 -19.23 19.90 -13.12
N ASP B 171 -19.29 19.09 -12.07
CA ASP B 171 -19.17 19.57 -10.70
C ASP B 171 -17.82 19.24 -10.08
N MET B 172 -17.43 17.97 -10.03
CA MET B 172 -16.09 17.62 -9.56
C MET B 172 -15.70 16.27 -10.12
N GLN B 173 -14.40 15.96 -10.00
CA GLN B 173 -13.86 14.67 -10.41
C GLN B 173 -14.24 13.63 -9.36
N LEU B 174 -15.05 12.67 -9.74
CA LEU B 174 -15.55 11.67 -8.81
C LEU B 174 -14.42 10.76 -8.35
N SER B 175 -14.43 10.41 -7.07
CA SER B 175 -13.39 9.58 -6.48
C SER B 175 -13.58 8.12 -6.87
N LYS B 176 -12.48 7.36 -6.78
CA LYS B 176 -12.53 5.94 -7.10
C LYS B 176 -13.44 5.18 -6.15
N SER B 177 -13.36 5.48 -4.85
CA SER B 177 -14.20 4.80 -3.88
C SER B 177 -15.69 5.09 -4.12
N GLU B 178 -16.00 6.33 -4.48
CA GLU B 178 -17.40 6.70 -4.71
C GLU B 178 -18.00 5.92 -5.86
N ILE B 179 -17.27 5.79 -6.97
CA ILE B 179 -17.79 5.02 -8.10
C ILE B 179 -17.74 3.53 -7.79
N LEU B 180 -16.84 3.11 -6.92
CA LEU B 180 -16.79 1.70 -6.53
C LEU B 180 -18.04 1.31 -5.74
N ARG B 181 -18.43 2.14 -4.78
CA ARG B 181 -19.63 1.84 -4.00
C ARG B 181 -20.91 2.12 -4.76
N THR B 182 -20.91 3.11 -5.64
CA THR B 182 -22.07 3.39 -6.46
C THR B 182 -22.16 2.36 -7.59
N GLN B 183 -23.39 2.15 -8.07
CA GLN B 183 -23.64 1.18 -9.14
C GLN B 183 -24.12 1.80 -10.44
N MET B 184 -24.56 3.06 -10.44
CA MET B 184 -25.01 3.70 -11.66
C MET B 184 -24.72 5.19 -11.57
N LEU B 185 -24.62 5.84 -12.73
CA LEU B 185 -24.26 7.24 -12.80
C LEU B 185 -25.18 7.98 -13.75
N VAL B 186 -25.34 9.29 -13.50
CA VAL B 186 -26.09 10.18 -14.38
C VAL B 186 -25.22 11.41 -14.65
N THR B 187 -25.10 11.79 -15.91
CA THR B 187 -24.21 12.86 -16.31
C THR B 187 -24.80 13.55 -17.54
N THR B 188 -23.97 14.34 -18.22
CA THR B 188 -24.32 15.05 -19.44
C THR B 188 -23.33 14.69 -20.54
N PRO B 189 -23.72 14.80 -21.81
CA PRO B 189 -22.82 14.38 -22.89
C PRO B 189 -21.46 15.06 -22.85
N GLU B 190 -21.41 16.35 -22.51
CA GLU B 190 -20.13 17.03 -22.37
C GLU B 190 -19.36 16.49 -21.18
N LYS B 191 -20.02 16.38 -20.03
CA LYS B 191 -19.38 15.84 -18.84
C LYS B 191 -19.01 14.38 -19.04
N TRP B 192 -19.89 13.61 -19.68
CA TRP B 192 -19.56 12.21 -19.97
C TRP B 192 -18.35 12.11 -20.90
N ASP B 193 -18.29 12.98 -21.91
CA ASP B 193 -17.16 12.96 -22.84
C ASP B 193 -15.86 13.28 -22.11
N VAL B 194 -15.85 14.34 -21.30
CA VAL B 194 -14.61 14.72 -20.61
C VAL B 194 -14.23 13.67 -19.58
N VAL B 195 -15.20 13.06 -18.91
CA VAL B 195 -14.88 12.03 -17.92
C VAL B 195 -14.46 10.73 -18.59
N THR B 196 -14.86 10.48 -19.84
CA THR B 196 -14.39 9.29 -20.55
C THR B 196 -12.97 9.49 -21.07
N ARG B 197 -12.66 10.69 -21.56
CA ARG B 197 -11.28 10.93 -22.00
C ARG B 197 -10.35 11.01 -20.80
N LYS B 198 -10.86 11.44 -19.65
CA LYS B 198 -10.08 11.39 -18.41
C LYS B 198 -10.32 10.10 -17.61
N SER B 199 -11.10 9.16 -18.15
CA SER B 199 -11.36 7.90 -17.48
C SER B 199 -10.13 7.01 -17.39
N VAL B 200 -9.01 7.42 -17.98
CA VAL B 200 -7.79 6.64 -17.87
C VAL B 200 -7.39 6.52 -16.41
N GLY B 201 -7.28 5.29 -15.93
CA GLY B 201 -7.01 5.05 -14.52
C GLY B 201 -6.62 3.61 -14.28
N ASP B 202 -6.38 3.30 -13.01
CA ASP B 202 -6.14 1.91 -12.63
C ASP B 202 -7.33 1.03 -12.98
N VAL B 203 -8.54 1.54 -12.79
CA VAL B 203 -9.77 0.89 -13.24
C VAL B 203 -10.63 1.92 -13.95
N ALA B 204 -11.16 1.52 -15.11
CA ALA B 204 -12.00 2.38 -15.93
C ALA B 204 -13.43 1.89 -15.83
N LEU B 205 -14.35 2.64 -16.45
CA LEU B 205 -15.77 2.34 -16.38
C LEU B 205 -16.34 1.78 -17.68
N SER B 206 -15.76 2.14 -18.83
CA SER B 206 -16.33 1.75 -20.11
C SER B 206 -16.34 0.24 -20.34
N GLN B 207 -15.52 -0.51 -19.63
CA GLN B 207 -15.47 -1.97 -19.78
C GLN B 207 -16.45 -2.69 -18.87
N ILE B 208 -17.17 -1.97 -18.00
CA ILE B 208 -18.13 -2.58 -17.08
C ILE B 208 -19.45 -1.84 -17.17
N VAL B 209 -19.65 -1.08 -18.25
CA VAL B 209 -20.88 -0.30 -18.40
C VAL B 209 -22.08 -1.24 -18.53
N ARG B 210 -22.04 -2.13 -19.54
CA ARG B 210 -23.02 -3.18 -19.76
C ARG B 210 -24.40 -2.64 -20.17
N LEU B 211 -24.57 -1.33 -20.15
CA LEU B 211 -25.81 -0.69 -20.58
C LEU B 211 -25.61 0.81 -20.64
N LEU B 212 -25.95 1.41 -21.78
CA LEU B 212 -25.85 2.86 -21.92
C LEU B 212 -27.14 3.38 -22.53
N ILE B 213 -27.66 4.45 -21.92
CA ILE B 213 -28.95 5.05 -22.25
C ILE B 213 -28.67 6.39 -22.92
N LEU B 214 -29.28 6.62 -24.07
CA LEU B 214 -29.25 7.91 -24.74
C LEU B 214 -30.66 8.45 -24.82
N ASP B 215 -30.82 9.77 -24.71
CA ASP B 215 -32.12 10.39 -24.86
C ASP B 215 -32.03 11.61 -25.78
N GLU B 216 -32.99 11.74 -26.69
CA GLU B 216 -33.16 12.90 -27.56
C GLU B 216 -31.88 13.18 -28.35
N VAL B 217 -31.56 12.23 -29.23
CA VAL B 217 -30.39 12.34 -30.11
C VAL B 217 -30.64 13.40 -31.17
N HIS B 218 -31.84 13.99 -31.16
CA HIS B 218 -32.17 15.03 -32.14
C HIS B 218 -31.26 16.24 -32.03
N LEU B 219 -30.59 16.43 -30.89
CA LEU B 219 -29.61 17.50 -30.77
C LEU B 219 -28.52 17.39 -31.82
N LEU B 220 -28.27 16.18 -32.33
CA LEU B 220 -27.31 15.98 -33.42
C LEU B 220 -27.59 16.92 -34.58
N HIS B 221 -28.86 17.26 -34.79
CA HIS B 221 -29.19 18.15 -35.90
C HIS B 221 -28.70 19.57 -35.66
N GLU B 222 -28.85 20.07 -34.43
CA GLU B 222 -28.64 21.49 -34.20
C GLU B 222 -27.21 21.81 -33.74
N ASP B 223 -26.82 21.28 -32.58
CA ASP B 223 -25.53 21.55 -31.99
C ASP B 223 -25.31 20.57 -30.85
N ARG B 224 -24.05 20.48 -30.40
CA ARG B 224 -23.57 19.53 -29.40
C ARG B 224 -23.67 18.09 -29.88
N GLY B 225 -24.17 17.86 -31.11
CA GLY B 225 -24.19 16.56 -31.72
C GLY B 225 -22.83 15.92 -31.93
N PRO B 226 -21.80 16.69 -32.27
CA PRO B 226 -20.45 16.08 -32.32
C PRO B 226 -20.05 15.39 -31.03
N VAL B 227 -20.40 15.96 -29.87
CA VAL B 227 -20.06 15.32 -28.59
C VAL B 227 -20.79 14.00 -28.45
N LEU B 228 -22.08 13.97 -28.78
CA LEU B 228 -22.86 12.75 -28.65
C LEU B 228 -22.36 11.66 -29.61
N GLU B 229 -22.09 12.02 -30.86
CA GLU B 229 -21.59 11.01 -31.79
C GLU B 229 -20.18 10.56 -31.41
N SER B 230 -19.36 11.45 -30.85
CA SER B 230 -18.04 11.06 -30.39
C SER B 230 -18.13 10.05 -29.24
N ILE B 231 -19.01 10.32 -28.26
CA ILE B 231 -19.12 9.37 -27.16
C ILE B 231 -19.74 8.05 -27.62
N VAL B 232 -20.68 8.09 -28.57
CA VAL B 232 -21.25 6.87 -29.11
C VAL B 232 -20.18 6.04 -29.81
N ALA B 233 -19.36 6.70 -30.64
CA ALA B 233 -18.27 5.99 -31.30
C ALA B 233 -17.28 5.44 -30.29
N ARG B 234 -17.01 6.20 -29.22
CA ARG B 234 -16.08 5.72 -28.19
C ARG B 234 -16.61 4.46 -27.52
N THR B 235 -17.89 4.45 -27.12
CA THR B 235 -18.40 3.27 -26.44
C THR B 235 -18.53 2.08 -27.40
N LEU B 236 -18.88 2.33 -28.67
CA LEU B 236 -18.92 1.24 -29.63
C LEU B 236 -17.54 0.65 -29.87
N ARG B 237 -16.52 1.50 -29.98
CA ARG B 237 -15.16 1.02 -30.15
C ARG B 237 -14.70 0.24 -28.92
N GLN B 238 -15.06 0.71 -27.72
CA GLN B 238 -14.73 -0.03 -26.52
C GLN B 238 -15.44 -1.39 -26.51
N VAL B 239 -16.69 -1.44 -26.96
CA VAL B 239 -17.43 -2.69 -27.02
C VAL B 239 -16.74 -3.68 -27.95
N GLU B 240 -16.36 -3.21 -29.14
CA GLU B 240 -15.73 -4.08 -30.12
C GLU B 240 -14.27 -4.38 -29.79
N SER B 241 -13.66 -3.64 -28.87
CA SER B 241 -12.29 -3.92 -28.46
C SER B 241 -12.18 -4.77 -27.20
N THR B 242 -13.23 -4.81 -26.37
CA THR B 242 -13.23 -5.64 -25.18
C THR B 242 -13.95 -6.97 -25.39
N GLN B 243 -14.57 -7.17 -26.55
CA GLN B 243 -15.27 -8.42 -26.88
C GLN B 243 -16.34 -8.77 -25.85
N SER B 244 -16.99 -7.74 -25.30
CA SER B 244 -18.06 -7.95 -24.34
C SER B 244 -19.37 -7.41 -24.90
N MET B 245 -20.44 -7.56 -24.12
CA MET B 245 -21.78 -7.12 -24.51
C MET B 245 -22.18 -5.95 -23.64
N ILE B 246 -22.42 -4.80 -24.28
CA ILE B 246 -22.90 -3.60 -23.61
C ILE B 246 -24.09 -3.10 -24.43
N ARG B 247 -25.28 -3.18 -23.84
CA ARG B 247 -26.48 -2.77 -24.56
C ARG B 247 -26.48 -1.26 -24.78
N ILE B 248 -27.04 -0.85 -25.91
CA ILE B 248 -27.19 0.56 -26.26
C ILE B 248 -28.68 0.79 -26.50
N LEU B 249 -29.30 1.66 -25.71
CA LEU B 249 -30.70 1.99 -25.96
C LEU B 249 -30.78 3.49 -26.21
N GLY B 250 -31.10 3.85 -27.45
CA GLY B 250 -31.27 5.23 -27.82
C GLY B 250 -32.71 5.70 -27.66
N LEU B 251 -32.87 6.99 -27.46
CA LEU B 251 -34.18 7.59 -27.24
C LEU B 251 -34.22 8.96 -27.89
N SER B 252 -35.34 9.27 -28.53
CA SER B 252 -35.53 10.57 -29.15
C SER B 252 -37.02 10.89 -29.18
N ALA B 253 -37.39 11.91 -29.95
CA ALA B 253 -38.78 12.31 -30.13
C ALA B 253 -39.25 12.11 -31.55
N THR B 254 -38.55 12.70 -32.53
CA THR B 254 -38.91 12.55 -33.92
C THR B 254 -37.67 12.79 -34.78
N LEU B 255 -37.46 11.91 -35.76
CA LEU B 255 -36.34 12.05 -36.68
C LEU B 255 -36.89 12.04 -38.11
N PRO B 256 -36.60 13.07 -38.91
CA PRO B 256 -37.00 13.01 -40.33
C PRO B 256 -36.41 11.83 -41.06
N ASN B 257 -35.18 11.44 -40.73
CA ASN B 257 -34.56 10.23 -41.27
C ASN B 257 -34.13 9.37 -40.09
N TYR B 258 -34.63 8.13 -40.05
CA TYR B 258 -34.34 7.22 -38.94
C TYR B 258 -33.53 6.00 -39.32
N LEU B 259 -33.46 5.64 -40.61
CA LEU B 259 -32.64 4.50 -41.00
C LEU B 259 -31.16 4.81 -40.85
N ASP B 260 -30.76 6.04 -41.18
CA ASP B 260 -29.35 6.42 -41.08
C ASP B 260 -28.87 6.37 -39.63
N VAL B 261 -29.65 6.92 -38.71
CA VAL B 261 -29.26 6.89 -37.31
C VAL B 261 -29.36 5.46 -36.76
N ALA B 262 -30.30 4.66 -37.26
CA ALA B 262 -30.39 3.27 -36.85
C ALA B 262 -29.13 2.50 -37.23
N THR B 263 -28.65 2.70 -38.45
CA THR B 263 -27.39 2.09 -38.85
C THR B 263 -26.23 2.66 -38.04
N PHE B 264 -26.30 3.95 -37.70
CA PHE B 264 -25.31 4.57 -36.84
C PHE B 264 -25.37 4.01 -35.43
N LEU B 265 -26.57 3.65 -34.95
CA LEU B 265 -26.74 3.10 -33.62
C LEU B 265 -26.51 1.59 -33.57
N HIS B 266 -26.19 0.96 -34.71
CA HIS B 266 -25.88 -0.47 -34.76
C HIS B 266 -27.07 -1.32 -34.33
N VAL B 267 -28.23 -1.05 -34.93
CA VAL B 267 -29.44 -1.83 -34.70
C VAL B 267 -30.03 -2.23 -36.05
N ASN B 268 -30.41 -3.50 -36.18
CA ASN B 268 -30.90 -3.98 -37.46
C ASN B 268 -32.32 -3.46 -37.72
N PRO B 269 -32.62 -3.15 -38.98
CA PRO B 269 -33.92 -2.57 -39.33
C PRO B 269 -35.14 -3.24 -38.72
N TYR B 270 -35.08 -4.51 -38.36
CA TYR B 270 -36.32 -5.25 -38.13
C TYR B 270 -36.72 -5.31 -36.66
N ILE B 271 -35.76 -5.24 -35.74
CA ILE B 271 -36.07 -5.59 -34.35
C ILE B 271 -36.74 -4.43 -33.62
N GLY B 272 -36.14 -3.23 -33.66
CA GLY B 272 -36.57 -2.18 -32.76
C GLY B 272 -36.76 -0.80 -33.35
N LEU B 273 -37.06 -0.71 -34.65
CA LEU B 273 -37.39 0.56 -35.29
C LEU B 273 -38.87 0.86 -35.07
N PHE B 274 -39.15 1.47 -33.91
CA PHE B 274 -40.49 1.87 -33.53
C PHE B 274 -40.56 3.39 -33.60
N PHE B 275 -41.16 3.92 -34.67
CA PHE B 275 -41.25 5.35 -34.89
C PHE B 275 -42.65 5.81 -34.52
N PHE B 276 -42.72 6.79 -33.61
CA PHE B 276 -43.98 7.29 -33.07
C PHE B 276 -44.31 8.60 -33.76
N ASP B 277 -45.56 8.77 -34.17
CA ASP B 277 -45.98 9.97 -34.89
C ASP B 277 -47.08 10.69 -34.12
N GLY B 278 -47.55 11.81 -34.69
CA GLY B 278 -48.60 12.58 -34.05
C GLY B 278 -49.92 11.86 -33.98
N ARG B 279 -50.20 11.02 -34.99
CA ARG B 279 -51.38 10.16 -34.91
C ARG B 279 -51.34 9.29 -33.67
N PHE B 280 -50.18 8.72 -33.36
CA PHE B 280 -50.14 7.72 -32.30
C PHE B 280 -49.87 8.35 -30.95
N ARG B 281 -49.66 9.66 -30.93
CA ARG B 281 -49.56 10.43 -29.70
C ARG B 281 -50.91 10.48 -28.99
N PRO B 282 -50.93 10.48 -27.66
CA PRO B 282 -52.22 10.54 -26.95
C PRO B 282 -53.07 11.76 -27.27
N VAL B 283 -52.46 12.93 -27.49
CA VAL B 283 -53.24 14.16 -27.69
C VAL B 283 -52.88 14.77 -29.04
N PRO B 284 -53.83 15.44 -29.71
CA PRO B 284 -53.54 16.10 -31.00
C PRO B 284 -52.76 17.41 -30.83
N LEU B 285 -51.44 17.27 -30.75
CA LEU B 285 -50.58 18.42 -30.52
C LEU B 285 -50.44 19.28 -31.77
N GLY B 286 -51.50 20.00 -32.13
CA GLY B 286 -51.42 20.94 -33.22
C GLY B 286 -50.73 22.23 -32.81
N GLN B 287 -50.47 23.08 -33.81
CA GLN B 287 -49.80 24.33 -33.54
C GLN B 287 -50.09 25.31 -34.66
N THR B 288 -50.03 26.60 -34.34
CA THR B 288 -50.17 27.65 -35.34
C THR B 288 -48.82 27.95 -35.97
N PHE B 289 -48.83 28.71 -37.05
CA PHE B 289 -47.63 29.07 -37.79
C PHE B 289 -47.65 30.56 -38.13
N LEU B 290 -47.94 31.39 -37.12
CA LEU B 290 -48.05 32.82 -37.30
C LEU B 290 -46.72 33.43 -37.73
N GLY B 291 -46.81 34.60 -38.37
CA GLY B 291 -45.63 35.32 -38.80
C GLY B 291 -45.81 36.82 -38.73
N ILE B 292 -44.81 37.57 -39.20
CA ILE B 292 -44.87 39.03 -39.19
C ILE B 292 -44.36 39.55 -40.52
N LYS B 293 -44.78 40.77 -40.87
CA LYS B 293 -44.33 41.41 -42.11
C LYS B 293 -44.33 42.91 -41.90
N CYS B 294 -43.17 43.46 -41.53
CA CYS B 294 -42.98 44.90 -41.37
C CYS B 294 -41.58 45.28 -41.84
N ALA B 295 -41.48 46.46 -42.46
CA ALA B 295 -40.20 46.91 -42.99
C ALA B 295 -39.25 47.41 -41.92
N ASN B 296 -39.77 47.90 -40.80
CA ASN B 296 -38.97 48.51 -39.75
C ASN B 296 -39.17 47.75 -38.45
N LYS B 297 -38.16 47.84 -37.56
CA LYS B 297 -38.19 47.06 -36.34
C LYS B 297 -39.18 47.60 -35.32
N MET B 298 -39.39 48.92 -35.26
CA MET B 298 -40.41 49.45 -34.34
C MET B 298 -41.80 48.99 -34.75
N GLN B 299 -42.12 49.07 -36.04
CA GLN B 299 -43.42 48.57 -36.49
C GLN B 299 -43.50 47.06 -36.38
N GLN B 300 -42.38 46.35 -36.57
CA GLN B 300 -42.35 44.93 -36.28
C GLN B 300 -42.75 44.67 -34.82
N LEU B 301 -42.21 45.46 -33.90
CA LEU B 301 -42.48 45.25 -32.49
C LEU B 301 -43.95 45.52 -32.16
N ASN B 302 -44.48 46.65 -32.61
CA ASN B 302 -45.89 46.92 -32.30
C ASN B 302 -46.78 45.89 -32.95
N ASN B 303 -46.44 45.45 -34.17
CA ASN B 303 -47.26 44.46 -34.87
C ASN B 303 -47.27 43.13 -34.13
N MET B 304 -46.11 42.62 -33.72
CA MET B 304 -46.15 41.28 -33.14
C MET B 304 -46.62 41.31 -31.68
N ASP B 305 -46.47 42.44 -30.97
CA ASP B 305 -47.14 42.50 -29.67
C ASP B 305 -48.66 42.59 -29.84
N GLU B 306 -49.13 43.27 -30.89
CA GLU B 306 -50.56 43.27 -31.18
C GLU B 306 -51.05 41.87 -31.54
N VAL B 307 -50.26 41.12 -32.30
CA VAL B 307 -50.63 39.75 -32.64
C VAL B 307 -50.67 38.88 -31.39
N CYS B 308 -49.71 39.06 -30.48
CA CYS B 308 -49.73 38.33 -29.22
C CYS B 308 -50.97 38.67 -28.41
N TYR B 309 -51.32 39.96 -28.36
CA TYR B 309 -52.58 40.35 -27.74
C TYR B 309 -53.75 39.63 -28.39
N GLU B 310 -53.74 39.52 -29.72
CA GLU B 310 -54.86 38.92 -30.43
C GLU B 310 -55.04 37.45 -30.05
N ASN B 311 -53.96 36.67 -30.08
CA ASN B 311 -54.18 35.25 -29.80
C ASN B 311 -54.38 34.99 -28.31
N VAL B 312 -53.80 35.81 -27.42
CA VAL B 312 -54.15 35.61 -26.02
C VAL B 312 -55.59 36.03 -25.75
N LEU B 313 -56.12 37.00 -26.51
CA LEU B 313 -57.54 37.30 -26.41
C LEU B 313 -58.38 36.14 -26.90
N LYS B 314 -57.95 35.49 -27.98
CA LYS B 314 -58.62 34.27 -28.42
C LYS B 314 -58.58 33.20 -27.34
N GLN B 315 -57.46 33.11 -26.61
CA GLN B 315 -57.35 32.11 -25.56
C GLN B 315 -58.27 32.41 -24.38
N VAL B 316 -58.34 33.68 -23.97
CA VAL B 316 -59.26 34.03 -22.88
C VAL B 316 -60.71 33.84 -23.34
N LYS B 317 -60.97 33.99 -24.63
CA LYS B 317 -62.28 33.60 -25.15
C LYS B 317 -62.49 32.09 -24.99
N ALA B 318 -61.46 31.30 -25.29
CA ALA B 318 -61.52 29.86 -25.01
C ALA B 318 -61.54 29.60 -23.52
N GLY B 319 -60.74 30.35 -22.74
CA GLY B 319 -60.76 30.26 -21.30
C GLY B 319 -59.66 29.43 -20.67
N HIS B 320 -58.78 28.83 -21.46
CA HIS B 320 -57.72 28.01 -20.88
C HIS B 320 -56.52 28.87 -20.48
N GLN B 321 -55.61 28.26 -19.72
CA GLN B 321 -54.49 28.95 -19.09
C GLN B 321 -53.21 28.66 -19.87
N VAL B 322 -52.45 29.71 -20.18
CA VAL B 322 -51.41 29.65 -21.20
C VAL B 322 -50.12 30.30 -20.72
N MET B 323 -49.06 30.09 -21.51
CA MET B 323 -47.76 30.58 -21.07
C MET B 323 -46.90 30.94 -22.27
N VAL B 324 -46.19 32.05 -22.15
CA VAL B 324 -45.50 32.74 -23.23
C VAL B 324 -44.01 32.78 -22.91
N PHE B 325 -43.17 32.66 -23.94
CA PHE B 325 -41.72 32.72 -23.82
C PHE B 325 -41.13 34.06 -24.19
N VAL B 326 -40.03 34.39 -23.54
CA VAL B 326 -39.13 35.48 -23.91
C VAL B 326 -37.74 34.88 -24.03
N HIS B 327 -36.78 35.72 -24.43
CA HIS B 327 -35.41 35.26 -24.60
C HIS B 327 -34.53 35.57 -23.39
N ALA B 328 -34.79 36.67 -22.68
CA ALA B 328 -33.92 37.12 -21.61
C ALA B 328 -34.73 37.43 -20.35
N ARG B 329 -34.06 37.29 -19.20
CA ARG B 329 -34.71 37.60 -17.93
C ARG B 329 -35.03 39.09 -17.84
N ASN B 330 -34.14 39.95 -18.32
CA ASN B 330 -34.41 41.39 -18.28
C ASN B 330 -35.57 41.76 -19.22
N ALA B 331 -35.62 41.14 -20.39
CA ALA B 331 -36.67 41.46 -21.37
C ALA B 331 -38.03 40.93 -20.97
N THR B 332 -38.09 39.89 -20.13
CA THR B 332 -39.39 39.39 -19.70
C THR B 332 -40.17 40.44 -18.93
N VAL B 333 -39.47 41.34 -18.23
CA VAL B 333 -40.15 42.38 -17.47
C VAL B 333 -40.81 43.38 -18.41
N ARG B 334 -40.07 43.85 -19.42
CA ARG B 334 -40.65 44.82 -20.34
C ARG B 334 -41.78 44.20 -21.14
N THR B 335 -41.63 42.92 -21.53
CA THR B 335 -42.78 42.23 -22.12
C THR B 335 -43.94 42.14 -21.14
N ALA B 336 -43.65 42.02 -19.84
CA ALA B 336 -44.71 41.91 -18.85
C ALA B 336 -45.55 43.18 -18.79
N MET B 337 -44.91 44.33 -18.61
CA MET B 337 -45.75 45.54 -18.61
C MET B 337 -46.28 45.89 -20.00
N SER B 338 -45.62 45.47 -21.08
CA SER B 338 -46.23 45.67 -22.39
C SER B 338 -47.55 44.91 -22.50
N LEU B 339 -47.57 43.66 -22.04
CA LEU B 339 -48.80 42.88 -22.06
C LEU B 339 -49.82 43.45 -21.08
N ILE B 340 -49.36 43.97 -19.94
CA ILE B 340 -50.29 44.56 -18.97
C ILE B 340 -50.99 45.77 -19.57
N GLU B 341 -50.22 46.68 -20.18
CA GLU B 341 -50.82 47.86 -20.77
C GLU B 341 -51.69 47.51 -21.97
N ARG B 342 -51.31 46.49 -22.74
CA ARG B 342 -52.17 46.05 -23.83
C ARG B 342 -53.50 45.52 -23.29
N ALA B 343 -53.46 44.70 -22.24
CA ALA B 343 -54.69 44.18 -21.67
C ALA B 343 -55.56 45.29 -21.10
N LYS B 344 -54.94 46.29 -20.46
CA LYS B 344 -55.71 47.42 -19.96
C LYS B 344 -56.30 48.25 -21.09
N ASN B 345 -55.60 48.33 -22.23
CA ASN B 345 -56.10 49.08 -23.37
C ASN B 345 -57.24 48.34 -24.05
N CYS B 346 -57.96 49.07 -24.90
CA CYS B 346 -59.07 48.59 -25.72
C CYS B 346 -60.23 48.03 -24.90
N GLY B 347 -60.17 48.15 -23.57
CA GLY B 347 -61.24 47.71 -22.71
C GLY B 347 -61.56 46.23 -22.80
N HIS B 348 -60.53 45.39 -22.84
CA HIS B 348 -60.73 43.94 -22.81
C HIS B 348 -60.48 43.35 -21.43
N ILE B 349 -60.29 44.18 -20.41
CA ILE B 349 -60.34 43.69 -19.04
C ILE B 349 -61.63 42.97 -18.73
N PRO B 350 -62.82 43.44 -19.16
CA PRO B 350 -64.05 42.70 -18.84
C PRO B 350 -64.04 41.24 -19.26
N PHE B 351 -63.14 40.84 -20.16
CA PHE B 351 -63.00 39.44 -20.52
C PHE B 351 -61.76 38.80 -19.91
N PHE B 352 -61.18 39.39 -18.88
CA PHE B 352 -59.84 38.97 -18.43
C PHE B 352 -59.68 38.70 -16.95
N PHE B 353 -60.50 39.29 -16.06
CA PHE B 353 -60.20 39.17 -14.64
C PHE B 353 -60.36 37.71 -14.19
N PRO B 354 -59.46 37.21 -13.34
CA PRO B 354 -59.63 35.86 -12.80
C PRO B 354 -60.81 35.79 -11.85
N THR B 355 -61.36 34.58 -11.73
CA THR B 355 -62.47 34.36 -10.81
C THR B 355 -61.99 34.47 -9.37
N GLN B 356 -62.92 34.79 -8.47
CA GLN B 356 -62.63 35.01 -7.06
C GLN B 356 -63.27 33.90 -6.23
N GLY B 357 -62.48 33.32 -5.32
CA GLY B 357 -62.94 32.29 -4.43
C GLY B 357 -62.11 32.28 -3.17
N HIS B 358 -62.43 31.35 -2.27
CA HIS B 358 -61.66 31.21 -1.03
C HIS B 358 -60.21 30.84 -1.31
N ASP B 359 -59.99 29.94 -2.27
CA ASP B 359 -58.63 29.62 -2.68
C ASP B 359 -57.92 30.84 -3.25
N TYR B 360 -58.67 31.74 -3.88
CA TYR B 360 -58.06 32.98 -4.36
C TYR B 360 -57.57 33.84 -3.21
N VAL B 361 -58.34 33.92 -2.12
CA VAL B 361 -57.88 34.66 -0.94
C VAL B 361 -56.68 33.97 -0.30
N LEU B 362 -56.67 32.64 -0.29
CA LEU B 362 -55.51 31.92 0.22
C LEU B 362 -54.26 32.23 -0.60
N ALA B 363 -54.39 32.23 -1.93
CA ALA B 363 -53.26 32.58 -2.78
C ALA B 363 -52.86 34.03 -2.58
N GLU B 364 -53.83 34.91 -2.34
CA GLU B 364 -53.52 36.32 -2.11
C GLU B 364 -52.69 36.50 -0.84
N LYS B 365 -53.09 35.86 0.26
CA LYS B 365 -52.29 35.97 1.47
C LYS B 365 -50.94 35.29 1.31
N GLN B 366 -50.89 34.18 0.56
CA GLN B 366 -49.62 33.50 0.34
C GLN B 366 -48.64 34.38 -0.42
N VAL B 367 -49.11 35.06 -1.48
CA VAL B 367 -48.22 35.96 -2.20
C VAL B 367 -47.90 37.19 -1.37
N GLN B 368 -48.83 37.62 -0.51
CA GLN B 368 -48.54 38.71 0.41
C GLN B 368 -47.42 38.35 1.37
N ARG B 369 -47.26 37.05 1.68
CA ARG B 369 -46.10 36.65 2.48
C ARG B 369 -44.80 36.93 1.75
N SER B 370 -44.78 36.73 0.43
CA SER B 370 -43.54 36.81 -0.33
C SER B 370 -43.02 38.24 -0.39
N ARG B 371 -41.71 38.35 -0.65
CA ARG B 371 -41.07 39.65 -0.79
C ARG B 371 -41.35 40.30 -2.13
N ASN B 372 -41.45 39.49 -3.19
CA ASN B 372 -41.55 40.00 -4.55
C ASN B 372 -42.80 40.87 -4.71
N LYS B 373 -42.62 42.03 -5.34
CA LYS B 373 -43.70 42.98 -5.55
C LYS B 373 -44.33 42.87 -6.94
N GLN B 374 -43.60 42.36 -7.93
CA GLN B 374 -44.16 42.21 -9.26
C GLN B 374 -45.31 41.23 -9.26
N VAL B 375 -45.15 40.09 -8.58
CA VAL B 375 -46.23 39.10 -8.51
C VAL B 375 -47.40 39.67 -7.73
N ARG B 376 -47.15 40.58 -6.79
CA ARG B 376 -48.23 41.21 -6.03
C ARG B 376 -49.19 41.94 -6.95
N GLU B 377 -48.66 42.76 -7.86
CA GLU B 377 -49.51 43.47 -8.81
C GLU B 377 -49.97 42.58 -9.95
N LEU B 378 -49.26 41.48 -10.24
CA LEU B 378 -49.69 40.58 -11.29
C LEU B 378 -50.84 39.67 -10.86
N PHE B 379 -50.99 39.45 -9.56
CA PHE B 379 -52.06 38.57 -9.08
C PHE B 379 -53.47 39.07 -9.38
N PRO B 380 -53.83 40.34 -9.14
CA PRO B 380 -55.22 40.74 -9.39
C PRO B 380 -55.68 40.53 -10.82
N ASP B 381 -54.80 40.72 -11.79
CA ASP B 381 -55.11 40.43 -13.18
C ASP B 381 -54.54 39.06 -13.55
N GLY B 382 -54.65 38.68 -14.82
CA GLY B 382 -54.17 37.40 -15.26
C GLY B 382 -52.76 37.42 -15.82
N PHE B 383 -51.79 37.79 -14.99
CA PHE B 383 -50.38 37.81 -15.37
C PHE B 383 -49.56 37.13 -14.30
N SER B 384 -48.55 36.36 -14.71
CA SER B 384 -47.61 35.80 -13.74
C SER B 384 -46.20 35.80 -14.31
N ILE B 385 -45.24 35.99 -13.41
CA ILE B 385 -43.83 36.15 -13.75
C ILE B 385 -43.05 34.98 -13.17
N HIS B 386 -42.24 34.34 -14.01
CA HIS B 386 -41.37 33.23 -13.60
C HIS B 386 -39.99 33.47 -14.17
N HIS B 387 -38.98 33.40 -13.30
CA HIS B 387 -37.60 33.62 -13.73
C HIS B 387 -36.67 32.95 -12.72
N ALA B 388 -35.43 32.73 -13.16
CA ALA B 388 -34.42 32.12 -12.31
C ALA B 388 -33.71 33.13 -11.42
N GLY B 389 -33.98 34.43 -11.59
CA GLY B 389 -33.29 35.43 -10.79
C GLY B 389 -33.65 35.38 -9.32
N MET B 390 -34.92 35.09 -9.02
CA MET B 390 -35.39 35.12 -7.64
C MET B 390 -35.35 33.71 -7.08
N LEU B 391 -35.18 33.61 -5.76
CA LEU B 391 -34.92 32.32 -5.11
C LEU B 391 -36.08 31.34 -5.36
N ARG B 392 -35.83 30.08 -5.00
CA ARG B 392 -36.72 28.97 -5.35
C ARG B 392 -38.08 29.08 -4.65
N GLN B 393 -38.14 29.80 -3.52
CA GLN B 393 -39.38 29.85 -2.74
C GLN B 393 -40.53 30.46 -3.53
N ASP B 394 -40.31 31.65 -4.11
CA ASP B 394 -41.33 32.25 -4.96
C ASP B 394 -41.60 31.37 -6.17
N ARG B 395 -40.63 30.57 -6.59
CA ARG B 395 -40.87 29.62 -7.67
C ARG B 395 -41.86 28.55 -7.25
N ASN B 396 -41.77 28.08 -5.99
CA ASN B 396 -42.80 27.17 -5.48
C ASN B 396 -44.16 27.85 -5.47
N LEU B 397 -44.21 29.11 -5.02
CA LEU B 397 -45.50 29.80 -4.97
C LEU B 397 -46.12 29.93 -6.36
N VAL B 398 -45.32 30.36 -7.35
CA VAL B 398 -45.85 30.55 -8.69
C VAL B 398 -46.21 29.21 -9.33
N GLU B 399 -45.40 28.16 -9.10
CA GLU B 399 -45.71 26.88 -9.70
C GLU B 399 -46.98 26.28 -9.09
N ASN B 400 -47.21 26.48 -7.80
CA ASN B 400 -48.43 25.92 -7.22
C ASN B 400 -49.67 26.73 -7.58
N LEU B 401 -49.54 28.06 -7.75
CA LEU B 401 -50.72 28.81 -8.18
C LEU B 401 -51.01 28.54 -9.65
N PHE B 402 -49.98 28.21 -10.44
CA PHE B 402 -50.22 27.68 -11.78
C PHE B 402 -50.90 26.32 -11.72
N SER B 403 -50.47 25.44 -10.80
CA SER B 403 -51.06 24.12 -10.72
C SER B 403 -52.53 24.19 -10.35
N ASN B 404 -52.89 25.04 -9.38
CA ASN B 404 -54.30 25.17 -9.01
C ASN B 404 -55.09 25.85 -10.11
N GLY B 405 -54.60 26.98 -10.61
CA GLY B 405 -55.23 27.66 -11.72
C GLY B 405 -55.82 29.02 -11.43
N HIS B 406 -55.29 29.78 -10.48
CA HIS B 406 -55.75 31.14 -10.28
C HIS B 406 -55.29 32.07 -11.40
N ILE B 407 -54.36 31.62 -12.23
CA ILE B 407 -53.65 32.50 -13.15
C ILE B 407 -53.96 32.08 -14.59
N LYS B 408 -53.93 33.06 -15.49
CA LYS B 408 -54.22 32.84 -16.90
C LYS B 408 -52.96 32.69 -17.76
N VAL B 409 -52.06 33.67 -17.74
CA VAL B 409 -50.87 33.64 -18.58
C VAL B 409 -49.63 33.76 -17.69
N LEU B 410 -48.59 33.00 -18.06
CA LEU B 410 -47.34 32.99 -17.33
C LEU B 410 -46.17 33.21 -18.28
N VAL B 411 -45.19 34.01 -17.84
CA VAL B 411 -43.93 34.16 -18.56
C VAL B 411 -42.85 33.48 -17.74
N CYS B 412 -41.95 32.74 -18.43
CA CYS B 412 -41.06 31.83 -17.72
C CYS B 412 -39.60 31.86 -18.16
N THR B 413 -39.26 32.59 -19.22
CA THR B 413 -37.89 32.73 -19.74
C THR B 413 -37.09 31.42 -19.74
N ALA B 414 -37.76 30.31 -20.06
CA ALA B 414 -37.14 29.05 -20.45
C ALA B 414 -36.30 28.38 -19.38
N THR B 415 -36.67 28.49 -18.10
CA THR B 415 -35.96 27.71 -17.09
C THR B 415 -36.80 26.55 -16.56
N LEU B 416 -38.13 26.72 -16.49
CA LEU B 416 -38.96 25.65 -15.95
C LEU B 416 -39.14 24.51 -16.95
N ALA B 417 -39.10 24.81 -18.25
CA ALA B 417 -39.25 23.76 -19.25
C ALA B 417 -38.17 22.71 -19.09
N TRP B 418 -36.92 23.14 -18.90
CA TRP B 418 -35.85 22.22 -18.56
C TRP B 418 -36.02 21.70 -17.13
N GLY B 419 -36.41 22.57 -16.20
CA GLY B 419 -36.44 22.20 -14.80
C GLY B 419 -37.63 21.41 -14.29
N VAL B 420 -38.83 22.01 -14.33
CA VAL B 420 -39.98 21.49 -13.61
C VAL B 420 -41.11 21.22 -14.60
N ASN B 421 -41.81 20.10 -14.40
CA ASN B 421 -42.89 19.69 -15.30
C ASN B 421 -44.16 20.39 -14.83
N LEU B 422 -44.55 21.45 -15.55
CA LEU B 422 -45.83 22.11 -15.33
C LEU B 422 -46.48 22.36 -16.69
N PRO B 423 -47.34 21.47 -17.16
CA PRO B 423 -47.93 21.63 -18.49
C PRO B 423 -48.93 22.78 -18.52
N ALA B 424 -49.12 23.32 -19.74
CA ALA B 424 -50.08 24.38 -19.98
C ALA B 424 -50.81 24.10 -21.28
N HIS B 425 -51.99 24.70 -21.43
CA HIS B 425 -52.82 24.42 -22.59
C HIS B 425 -52.20 24.96 -23.88
N ALA B 426 -51.78 26.22 -23.88
CA ALA B 426 -51.18 26.81 -25.06
C ALA B 426 -49.84 27.44 -24.71
N VAL B 427 -48.88 27.22 -25.59
CA VAL B 427 -47.47 27.57 -25.39
C VAL B 427 -47.07 28.52 -26.51
N ILE B 428 -46.49 29.67 -26.16
CA ILE B 428 -46.09 30.68 -27.13
C ILE B 428 -44.58 30.80 -27.12
N ILE B 429 -43.94 30.43 -28.24
CA ILE B 429 -42.49 30.51 -28.35
C ILE B 429 -42.02 31.93 -28.68
N LYS B 430 -42.88 32.73 -29.33
CA LYS B 430 -42.58 34.12 -29.67
C LYS B 430 -41.41 34.24 -30.64
N GLY B 431 -40.84 33.11 -31.05
CA GLY B 431 -39.70 33.13 -31.96
C GLY B 431 -38.51 33.89 -31.42
N THR B 432 -38.21 33.73 -30.14
CA THR B 432 -37.14 34.49 -29.51
C THR B 432 -35.79 34.08 -30.07
N GLN B 433 -34.91 35.06 -30.25
CA GLN B 433 -33.56 34.83 -30.75
C GLN B 433 -32.61 34.81 -29.56
N ILE B 434 -32.19 33.61 -29.16
CA ILE B 434 -31.31 33.46 -28.01
C ILE B 434 -29.93 34.00 -28.35
N TYR B 435 -29.41 34.87 -27.49
CA TYR B 435 -28.05 35.38 -27.65
C TYR B 435 -27.07 34.39 -27.03
N ALA B 436 -26.97 33.24 -27.69
CA ALA B 436 -26.04 32.20 -27.25
C ALA B 436 -24.61 32.65 -27.53
N ALA B 437 -23.80 32.77 -26.47
CA ALA B 437 -22.44 33.24 -26.62
C ALA B 437 -21.58 32.28 -27.45
N LYS B 438 -21.97 31.00 -27.53
CA LYS B 438 -21.27 30.08 -28.42
C LYS B 438 -21.47 30.42 -29.88
N ARG B 439 -22.52 31.18 -30.22
CA ARG B 439 -22.76 31.65 -31.57
C ARG B 439 -22.78 33.17 -31.66
N GLY B 440 -23.51 33.84 -30.77
CA GLY B 440 -23.56 35.28 -30.77
C GLY B 440 -24.51 35.84 -31.82
N SER B 441 -24.65 37.16 -31.80
CA SER B 441 -25.47 37.90 -32.76
C SER B 441 -26.92 37.44 -32.75
N PHE B 442 -27.41 37.03 -31.57
CA PHE B 442 -28.80 36.61 -31.38
C PHE B 442 -29.19 35.49 -32.36
N VAL B 443 -28.50 34.35 -32.19
CA VAL B 443 -28.76 33.20 -33.05
C VAL B 443 -30.16 32.64 -32.77
N ASP B 444 -30.79 32.12 -33.82
CA ASP B 444 -32.13 31.55 -33.68
C ASP B 444 -32.08 30.30 -32.80
N LEU B 445 -33.19 30.02 -32.15
CA LEU B 445 -33.26 28.87 -31.24
C LEU B 445 -33.23 27.56 -32.02
N GLY B 446 -32.74 26.52 -31.34
CA GLY B 446 -32.62 25.22 -31.96
C GLY B 446 -33.92 24.44 -31.97
N ILE B 447 -33.90 23.33 -32.72
CA ILE B 447 -35.10 22.51 -32.84
C ILE B 447 -35.37 21.74 -31.55
N LEU B 448 -34.33 21.34 -30.82
CA LEU B 448 -34.53 20.60 -29.58
C LEU B 448 -35.29 21.45 -28.56
N ASP B 449 -34.91 22.71 -28.41
CA ASP B 449 -35.56 23.58 -27.44
C ASP B 449 -37.05 23.73 -27.75
N VAL B 450 -37.37 24.06 -29.02
CA VAL B 450 -38.76 24.30 -29.38
C VAL B 450 -39.56 23.00 -29.33
N MET B 451 -38.93 21.86 -29.65
CA MET B 451 -39.63 20.59 -29.56
C MET B 451 -39.97 20.25 -28.11
N GLN B 452 -39.03 20.48 -27.19
CA GLN B 452 -39.33 20.31 -25.78
C GLN B 452 -40.40 21.30 -25.32
N ILE B 453 -40.41 22.49 -25.92
CA ILE B 453 -41.49 23.44 -25.66
C ILE B 453 -42.84 22.84 -26.02
N PHE B 454 -42.96 22.29 -27.22
CA PHE B 454 -44.21 21.67 -27.65
C PHE B 454 -44.51 20.41 -26.84
N GLY B 455 -43.50 19.84 -26.19
CA GLY B 455 -43.73 18.68 -25.33
C GLY B 455 -44.68 18.96 -24.18
N ARG B 456 -44.65 20.17 -23.64
CA ARG B 456 -45.55 20.54 -22.56
C ARG B 456 -46.88 21.11 -23.05
N ALA B 457 -47.09 21.18 -24.36
CA ALA B 457 -48.37 21.65 -24.89
C ALA B 457 -49.51 20.69 -24.56
N GLY B 458 -49.22 19.40 -24.45
CA GLY B 458 -50.24 18.43 -24.10
C GLY B 458 -50.29 18.16 -22.62
N ARG B 459 -51.24 18.79 -21.93
CA ARG B 459 -51.39 18.61 -20.49
C ARG B 459 -52.13 17.30 -20.23
N PRO B 460 -51.60 16.40 -19.40
CA PRO B 460 -52.16 15.04 -19.30
C PRO B 460 -53.63 14.98 -18.90
N GLN B 461 -54.46 14.49 -19.83
CA GLN B 461 -55.86 14.12 -19.61
C GLN B 461 -56.66 15.12 -18.77
N PHE B 462 -56.51 16.41 -19.04
CA PHE B 462 -57.55 17.38 -18.73
C PHE B 462 -57.93 18.27 -19.90
N ASP B 463 -57.09 18.39 -20.92
CA ASP B 463 -57.43 19.12 -22.13
C ASP B 463 -57.31 18.20 -23.34
N LYS B 464 -58.26 18.31 -24.27
CA LYS B 464 -58.34 17.43 -25.43
C LYS B 464 -57.66 18.01 -26.66
N PHE B 465 -57.16 19.25 -26.59
CA PHE B 465 -56.54 19.90 -27.73
C PHE B 465 -55.22 20.53 -27.30
N GLY B 466 -54.18 20.32 -28.10
CA GLY B 466 -52.87 20.91 -27.87
C GLY B 466 -52.58 21.97 -28.92
N GLU B 467 -52.15 23.14 -28.45
CA GLU B 467 -51.90 24.29 -29.31
C GLU B 467 -50.51 24.85 -29.04
N GLY B 468 -49.91 25.40 -30.09
CA GLY B 468 -48.62 26.05 -29.99
C GLY B 468 -48.46 27.18 -30.98
N ILE B 469 -47.96 28.33 -30.52
CA ILE B 469 -47.87 29.53 -31.33
C ILE B 469 -46.41 29.89 -31.57
N ILE B 470 -46.10 30.23 -32.82
CA ILE B 470 -44.76 30.68 -33.22
C ILE B 470 -44.91 32.02 -33.91
N ILE B 471 -44.11 33.01 -33.49
CA ILE B 471 -44.13 34.35 -34.06
C ILE B 471 -42.73 34.71 -34.50
N THR B 472 -42.57 35.03 -35.78
CA THR B 472 -41.28 35.45 -36.33
C THR B 472 -41.52 36.01 -37.73
N THR B 473 -40.42 36.38 -38.40
CA THR B 473 -40.47 37.04 -39.70
C THR B 473 -40.38 36.03 -40.84
N HIS B 474 -40.39 36.54 -42.08
CA HIS B 474 -40.62 35.69 -43.25
C HIS B 474 -39.55 34.63 -43.43
N ASP B 475 -38.28 35.03 -43.57
CA ASP B 475 -37.24 34.04 -43.78
C ASP B 475 -37.10 33.12 -42.58
N LYS B 476 -37.23 33.67 -41.38
CA LYS B 476 -37.18 32.84 -40.18
C LYS B 476 -38.35 31.86 -40.12
N LEU B 477 -39.56 32.30 -40.49
CA LEU B 477 -40.70 31.39 -40.45
C LEU B 477 -40.57 30.30 -41.50
N SER B 478 -40.07 30.64 -42.69
CA SER B 478 -39.82 29.62 -43.71
C SER B 478 -38.78 28.61 -43.24
N HIS B 479 -37.68 29.11 -42.66
CA HIS B 479 -36.65 28.22 -42.14
C HIS B 479 -37.20 27.29 -41.07
N TYR B 480 -38.00 27.85 -40.15
CA TYR B 480 -38.59 27.04 -39.09
C TYR B 480 -39.55 26.00 -39.65
N LEU B 481 -40.36 26.39 -40.64
CA LEU B 481 -41.29 25.44 -41.25
C LEU B 481 -40.56 24.34 -41.99
N THR B 482 -39.33 24.62 -42.45
CA THR B 482 -38.62 23.61 -43.25
C THR B 482 -38.03 22.48 -42.41
N LEU B 483 -37.99 22.60 -41.08
CA LEU B 483 -37.37 21.57 -40.26
C LEU B 483 -38.25 21.11 -39.11
N LEU B 484 -39.54 21.44 -39.13
CA LEU B 484 -40.43 21.01 -38.06
C LEU B 484 -41.30 19.82 -38.46
N THR B 485 -41.88 19.83 -39.66
CA THR B 485 -42.68 18.71 -40.15
C THR B 485 -42.31 18.38 -41.59
N GLN B 486 -41.04 18.50 -41.94
CA GLN B 486 -40.56 18.15 -43.26
C GLN B 486 -39.62 16.95 -43.18
N ARG B 487 -39.34 16.37 -44.34
CA ARG B 487 -38.46 15.22 -44.45
C ARG B 487 -37.01 15.60 -44.68
N ASN B 488 -36.60 16.78 -44.25
CA ASN B 488 -35.23 17.24 -44.44
C ASN B 488 -34.33 16.38 -43.56
N PRO B 489 -33.38 15.64 -44.12
CA PRO B 489 -32.58 14.72 -43.31
C PRO B 489 -31.70 15.45 -42.29
N ILE B 490 -31.55 14.82 -41.14
CA ILE B 490 -30.71 15.39 -40.08
C ILE B 490 -29.25 15.34 -40.52
N GLU B 491 -28.60 16.51 -40.53
CA GLU B 491 -27.23 16.65 -40.98
C GLU B 491 -26.32 16.96 -39.79
N SER B 492 -25.21 16.25 -39.71
CA SER B 492 -24.23 16.45 -38.64
C SER B 492 -23.04 17.25 -39.14
N GLN B 493 -22.43 17.99 -38.22
CA GLN B 493 -21.25 18.81 -38.51
C GLN B 493 -20.11 18.28 -37.65
N PHE B 494 -19.41 17.27 -38.15
CA PHE B 494 -18.31 16.65 -37.43
C PHE B 494 -16.93 17.08 -37.92
N LEU B 495 -16.84 17.56 -39.17
CA LEU B 495 -15.53 17.97 -39.69
C LEU B 495 -14.98 19.18 -38.97
N GLU B 496 -15.86 20.08 -38.51
CA GLU B 496 -15.39 21.27 -37.79
C GLU B 496 -14.71 20.88 -36.48
N SER B 497 -15.26 19.90 -35.77
CA SER B 497 -14.70 19.42 -34.51
C SER B 497 -13.92 18.12 -34.70
N LEU B 498 -13.59 17.76 -35.93
CA LEU B 498 -12.89 16.50 -36.19
C LEU B 498 -11.53 16.47 -35.51
N ALA B 499 -10.80 17.60 -35.54
CA ALA B 499 -9.47 17.62 -34.96
C ALA B 499 -9.51 17.37 -33.46
N ASP B 500 -10.46 17.99 -32.75
CA ASP B 500 -10.55 17.78 -31.31
C ASP B 500 -10.89 16.34 -30.97
N ASN B 501 -11.82 15.73 -31.72
CA ASN B 501 -12.21 14.35 -31.43
C ASN B 501 -11.07 13.39 -31.74
N LEU B 502 -10.33 13.60 -32.84
CA LEU B 502 -9.15 12.78 -33.10
C LEU B 502 -8.10 12.95 -32.01
N ASN B 503 -7.89 14.18 -31.54
CA ASN B 503 -6.92 14.39 -30.46
C ASN B 503 -7.36 13.65 -29.19
N ALA B 504 -8.65 13.70 -28.88
CA ALA B 504 -9.15 13.00 -27.70
C ALA B 504 -8.97 11.48 -27.84
N GLU B 505 -9.29 10.94 -29.02
CA GLU B 505 -9.14 9.50 -29.22
C GLU B 505 -7.67 9.08 -29.14
N ILE B 506 -6.77 9.87 -29.72
CA ILE B 506 -5.34 9.55 -29.65
C ILE B 506 -4.85 9.63 -28.22
N ALA B 507 -5.30 10.64 -27.47
CA ALA B 507 -4.91 10.75 -26.07
C ALA B 507 -5.40 9.55 -25.26
N LEU B 508 -6.64 9.11 -25.51
CA LEU B 508 -7.15 7.92 -24.84
C LEU B 508 -6.38 6.67 -25.22
N GLY B 509 -5.68 6.68 -26.35
CA GLY B 509 -4.94 5.52 -26.82
C GLY B 509 -5.76 4.53 -27.62
N THR B 510 -7.07 4.76 -27.78
CA THR B 510 -7.90 3.84 -28.54
C THR B 510 -7.57 3.88 -30.03
N VAL B 511 -7.21 5.06 -30.54
CA VAL B 511 -6.86 5.24 -31.94
C VAL B 511 -5.37 5.53 -32.03
N THR B 512 -4.66 4.73 -32.83
CA THR B 512 -3.21 4.86 -32.91
C THR B 512 -2.72 5.03 -34.35
N ASN B 513 -3.35 4.36 -35.30
CA ASN B 513 -2.91 4.36 -36.68
C ASN B 513 -4.02 4.84 -37.61
N VAL B 514 -3.67 4.93 -38.90
CA VAL B 514 -4.57 5.53 -39.89
C VAL B 514 -5.77 4.62 -40.14
N GLU B 515 -5.56 3.31 -40.21
CA GLU B 515 -6.66 2.42 -40.56
C GLU B 515 -7.72 2.36 -39.46
N GLU B 516 -7.29 2.26 -38.19
CA GLU B 516 -8.28 2.26 -37.12
C GLU B 516 -8.91 3.64 -36.95
N ALA B 517 -8.18 4.70 -37.30
CA ALA B 517 -8.79 6.03 -37.33
C ALA B 517 -9.90 6.10 -38.37
N VAL B 518 -9.65 5.54 -39.56
CA VAL B 518 -10.67 5.50 -40.60
C VAL B 518 -11.87 4.67 -40.14
N LYS B 519 -11.59 3.56 -39.46
CA LYS B 519 -12.68 2.76 -38.90
C LYS B 519 -13.49 3.55 -37.89
N TRP B 520 -12.82 4.36 -37.05
CA TRP B 520 -13.53 5.16 -36.07
C TRP B 520 -14.39 6.22 -36.76
N ILE B 521 -13.87 6.83 -37.82
CA ILE B 521 -14.69 7.72 -38.64
C ILE B 521 -15.91 6.97 -39.17
N SER B 522 -15.71 5.74 -39.62
CA SER B 522 -16.84 4.94 -40.11
C SER B 522 -17.86 4.70 -39.01
N TYR B 523 -17.41 4.58 -37.76
CA TYR B 523 -18.33 4.35 -36.66
C TYR B 523 -19.24 5.54 -36.41
N THR B 524 -18.78 6.76 -36.66
CA THR B 524 -19.55 7.95 -36.36
C THR B 524 -20.71 8.11 -37.36
N TYR B 525 -21.67 8.95 -36.97
CA TYR B 525 -22.81 9.24 -37.83
C TYR B 525 -22.41 10.03 -39.07
N LEU B 526 -21.26 10.71 -39.04
CA LEU B 526 -20.82 11.47 -40.20
C LEU B 526 -20.62 10.56 -41.41
N TYR B 527 -20.02 9.39 -41.20
CA TYR B 527 -19.83 8.44 -42.29
C TYR B 527 -21.17 8.01 -42.88
N VAL B 528 -22.14 7.71 -42.03
CA VAL B 528 -23.46 7.27 -42.49
C VAL B 528 -24.12 8.37 -43.31
N ARG B 529 -24.02 9.62 -42.83
CA ARG B 529 -24.57 10.73 -43.60
C ARG B 529 -23.84 10.90 -44.92
N MET B 530 -22.54 10.62 -44.96
CA MET B 530 -21.79 10.73 -46.20
C MET B 530 -22.22 9.68 -47.22
N ARG B 531 -22.58 8.48 -46.75
CA ARG B 531 -22.98 7.43 -47.69
C ARG B 531 -24.18 7.86 -48.53
N ALA B 532 -25.21 8.41 -47.89
CA ALA B 532 -26.42 8.77 -48.61
C ALA B 532 -26.19 9.98 -49.52
N ASN B 533 -25.58 11.04 -48.99
CA ASN B 533 -25.37 12.28 -49.73
C ASN B 533 -23.89 12.65 -49.67
N PRO B 534 -23.11 12.27 -50.68
CA PRO B 534 -21.70 12.65 -50.70
C PRO B 534 -21.46 14.06 -51.21
N LEU B 535 -22.38 14.55 -52.06
CA LEU B 535 -22.22 15.88 -52.63
C LEU B 535 -22.28 16.96 -51.55
N ALA B 536 -23.17 16.79 -50.57
CA ALA B 536 -23.31 17.81 -49.52
C ALA B 536 -22.04 17.90 -48.66
N TYR B 537 -21.21 16.87 -48.67
CA TYR B 537 -19.98 16.84 -47.88
C TYR B 537 -18.74 16.94 -48.75
N GLY B 538 -18.87 17.45 -49.96
CA GLY B 538 -17.72 17.70 -50.82
C GLY B 538 -17.19 16.51 -51.58
N ILE B 539 -17.97 15.45 -51.75
CA ILE B 539 -17.55 14.26 -52.47
C ILE B 539 -18.41 14.11 -53.71
N SER B 540 -17.78 14.07 -54.87
CA SER B 540 -18.51 13.89 -56.12
C SER B 540 -19.09 12.48 -56.20
N HIS B 541 -20.18 12.36 -56.96
CA HIS B 541 -20.79 11.04 -57.16
C HIS B 541 -19.85 10.10 -57.90
N LYS B 542 -19.02 10.63 -58.80
CA LYS B 542 -18.01 9.81 -59.45
C LYS B 542 -16.99 9.30 -58.44
N ALA B 543 -16.60 10.13 -57.48
CA ALA B 543 -15.72 9.70 -56.41
C ALA B 543 -16.39 8.62 -55.57
N TYR B 544 -17.71 8.69 -55.41
CA TYR B 544 -18.44 7.60 -54.76
C TYR B 544 -18.37 6.33 -55.60
N GLN B 545 -18.47 6.47 -56.92
CA GLN B 545 -18.42 5.31 -57.80
C GLN B 545 -17.07 4.61 -57.74
N ILE B 546 -15.97 5.39 -57.72
CA ILE B 546 -14.65 4.78 -57.72
C ILE B 546 -14.37 4.07 -56.40
N ASP B 547 -14.96 4.53 -55.29
CA ASP B 547 -14.76 3.91 -53.99
C ASP B 547 -16.08 3.90 -53.24
N PRO B 548 -16.87 2.84 -53.39
CA PRO B 548 -18.09 2.71 -52.59
C PRO B 548 -17.89 2.98 -51.10
N THR B 549 -16.80 2.48 -50.51
CA THR B 549 -16.60 2.58 -49.07
C THR B 549 -16.12 3.96 -48.64
N LEU B 550 -15.71 4.81 -49.60
CA LEU B 550 -15.18 6.14 -49.31
C LEU B 550 -13.97 6.07 -48.38
N ARG B 551 -13.19 4.99 -48.49
CA ARG B 551 -12.01 4.85 -47.64
C ARG B 551 -10.94 5.87 -47.99
N LYS B 552 -10.81 6.22 -49.27
CA LYS B 552 -9.79 7.20 -49.67
C LYS B 552 -10.08 8.57 -49.07
N HIS B 553 -11.35 8.99 -49.04
CA HIS B 553 -11.69 10.28 -48.45
C HIS B 553 -11.49 10.26 -46.93
N ARG B 554 -11.82 9.14 -46.29
CA ARG B 554 -11.58 9.02 -44.86
C ARG B 554 -10.09 9.12 -44.55
N GLU B 555 -9.25 8.45 -45.34
CA GLU B 555 -7.81 8.55 -45.16
C GLU B 555 -7.32 9.97 -45.40
N GLN B 556 -7.85 10.65 -46.42
CA GLN B 556 -7.45 12.02 -46.69
C GLN B 556 -7.79 12.94 -45.52
N LEU B 557 -9.00 12.81 -44.99
CA LEU B 557 -9.39 13.63 -43.84
C LEU B 557 -8.51 13.33 -42.64
N VAL B 558 -8.24 12.04 -42.39
CA VAL B 558 -7.43 11.65 -41.24
C VAL B 558 -6.03 12.23 -41.34
N ILE B 559 -5.40 12.10 -42.52
CA ILE B 559 -4.04 12.58 -42.68
C ILE B 559 -3.99 14.11 -42.62
N GLU B 560 -4.99 14.78 -43.17
CA GLU B 560 -5.02 16.24 -43.09
C GLU B 560 -5.15 16.73 -41.66
N VAL B 561 -6.08 16.15 -40.90
CA VAL B 561 -6.26 16.57 -39.52
C VAL B 561 -5.04 16.20 -38.68
N GLY B 562 -4.41 15.05 -38.98
CA GLY B 562 -3.18 14.69 -38.30
C GLY B 562 -2.06 15.66 -38.60
N ARG B 563 -1.98 16.14 -39.83
CA ARG B 563 -0.99 17.17 -40.17
C ARG B 563 -1.25 18.44 -39.37
N LYS B 564 -2.51 18.86 -39.29
CA LYS B 564 -2.85 20.07 -38.54
C LYS B 564 -2.50 19.92 -37.06
N LEU B 565 -2.76 18.73 -36.49
CA LEU B 565 -2.46 18.51 -35.08
C LEU B 565 -0.96 18.41 -34.84
N ASP B 566 -0.23 17.77 -35.76
CA ASP B 566 1.21 17.63 -35.59
C ASP B 566 1.95 18.94 -35.75
N LYS B 567 1.44 19.84 -36.60
CA LYS B 567 2.05 21.15 -36.72
C LYS B 567 1.93 21.97 -35.45
N ALA B 568 1.02 21.58 -34.54
CA ALA B 568 0.88 22.22 -33.24
C ALA B 568 1.51 21.43 -32.11
N GLN B 569 2.27 20.38 -32.44
CA GLN B 569 3.00 19.57 -31.47
C GLN B 569 2.08 18.84 -30.50
N MET B 570 0.80 18.70 -30.85
CA MET B 570 -0.13 18.00 -29.96
C MET B 570 0.09 16.48 -30.01
N ILE B 571 0.29 15.94 -31.21
CA ILE B 571 0.52 14.51 -31.40
C ILE B 571 1.70 14.34 -32.35
N ARG B 572 2.39 13.21 -32.21
CA ARG B 572 3.53 12.87 -33.04
C ARG B 572 3.07 11.86 -34.10
N PHE B 573 2.96 12.32 -35.34
CA PHE B 573 2.38 11.53 -36.42
C PHE B 573 3.45 11.19 -37.44
N GLU B 574 3.60 9.91 -37.74
CA GLU B 574 4.53 9.41 -38.75
C GLU B 574 3.73 8.89 -39.93
N GLU B 575 3.99 9.49 -41.10
CA GLU B 575 3.23 9.17 -42.31
C GLU B 575 3.84 8.02 -43.09
N ARG B 576 5.18 7.97 -43.17
CA ARG B 576 5.84 6.96 -43.98
C ARG B 576 5.63 5.55 -43.44
N THR B 577 5.13 5.42 -42.21
CA THR B 577 4.63 4.15 -41.72
C THR B 577 3.19 4.22 -41.21
N GLY B 578 2.72 5.41 -40.83
CA GLY B 578 1.31 5.63 -40.62
C GLY B 578 0.77 5.40 -39.22
N TYR B 579 1.40 5.96 -38.19
CA TYR B 579 0.83 5.95 -36.84
C TYR B 579 1.06 7.29 -36.15
N PHE B 580 0.08 7.69 -35.34
CA PHE B 580 0.17 8.91 -34.54
C PHE B 580 0.05 8.56 -33.06
N SER B 581 0.97 9.07 -32.27
CA SER B 581 1.01 8.85 -30.83
C SER B 581 0.70 10.14 -30.09
N SER B 582 0.06 10.00 -28.94
CA SER B 582 -0.32 11.15 -28.13
C SER B 582 0.87 11.68 -27.35
N THR B 583 0.90 12.99 -27.16
CA THR B 583 1.92 13.66 -26.36
C THR B 583 1.27 14.24 -25.11
N ASP B 584 2.13 14.73 -24.21
CA ASP B 584 1.63 15.34 -22.98
C ASP B 584 0.80 16.59 -23.28
N LEU B 585 1.27 17.41 -24.24
CA LEU B 585 0.55 18.62 -24.60
C LEU B 585 -0.81 18.30 -25.22
N GLY B 586 -0.85 17.32 -26.13
CA GLY B 586 -2.12 16.92 -26.71
C GLY B 586 -3.06 16.31 -25.69
N ARG B 587 -2.53 15.50 -24.77
CA ARG B 587 -3.36 14.93 -23.71
C ARG B 587 -3.95 16.03 -22.82
N THR B 588 -3.13 17.02 -22.46
CA THR B 588 -3.63 18.12 -21.64
C THR B 588 -4.70 18.92 -22.38
N ALA B 589 -4.47 19.18 -23.67
CA ALA B 589 -5.47 19.92 -24.45
C ALA B 589 -6.78 19.14 -24.56
N SER B 590 -6.69 17.82 -24.77
CA SER B 590 -7.90 17.01 -24.88
C SER B 590 -8.63 16.92 -23.54
N HIS B 591 -7.89 16.83 -22.44
CA HIS B 591 -8.52 16.61 -21.13
C HIS B 591 -9.48 17.73 -20.77
N TYR B 592 -9.10 18.97 -21.06
CA TYR B 592 -9.91 20.13 -20.70
C TYR B 592 -10.79 20.62 -21.84
N TYR B 593 -10.89 19.86 -22.93
CA TYR B 593 -11.74 20.20 -24.07
C TYR B 593 -11.36 21.57 -24.63
N ILE B 594 -10.13 21.65 -25.14
CA ILE B 594 -9.56 22.88 -25.67
C ILE B 594 -9.41 22.75 -27.18
N LYS B 595 -9.88 23.75 -27.90
CA LYS B 595 -9.75 23.77 -29.36
C LYS B 595 -8.29 23.84 -29.76
N TYR B 596 -7.97 23.22 -30.91
CA TYR B 596 -6.59 23.14 -31.35
C TYR B 596 -5.99 24.50 -31.66
N ASN B 597 -6.80 25.43 -32.17
CA ASN B 597 -6.30 26.77 -32.42
C ASN B 597 -5.93 27.49 -31.12
N THR B 598 -6.60 27.15 -30.02
CA THR B 598 -6.26 27.76 -28.73
C THR B 598 -4.85 27.35 -28.29
N ILE B 599 -4.53 26.07 -28.37
CA ILE B 599 -3.19 25.63 -27.98
C ILE B 599 -2.16 26.10 -29.00
N GLU B 600 -2.55 26.24 -30.27
CA GLU B 600 -1.64 26.86 -31.24
C GLU B 600 -1.31 28.30 -30.85
N THR B 601 -2.33 29.05 -30.43
CA THR B 601 -2.12 30.41 -29.96
C THR B 601 -1.24 30.42 -28.71
N PHE B 602 -1.44 29.45 -27.83
CA PHE B 602 -0.55 29.31 -26.67
C PHE B 602 0.89 29.13 -27.11
N ASN B 603 1.14 28.19 -28.03
CA ASN B 603 2.50 27.91 -28.46
C ASN B 603 3.13 29.11 -29.16
N GLU B 604 2.32 29.91 -29.86
CA GLU B 604 2.86 31.09 -30.53
C GLU B 604 2.87 32.34 -29.65
N LEU B 605 2.32 32.27 -28.44
CA LEU B 605 2.29 33.45 -27.58
C LEU B 605 2.86 33.22 -26.18
N PHE B 606 2.65 32.05 -25.59
CA PHE B 606 3.05 31.82 -24.22
C PHE B 606 4.57 31.70 -24.09
N ASP B 607 5.07 32.13 -22.95
CA ASP B 607 6.50 32.00 -22.63
C ASP B 607 6.64 31.85 -21.12
N ALA B 608 7.86 32.00 -20.62
CA ALA B 608 8.16 31.82 -19.21
C ALA B 608 8.36 33.13 -18.46
N HIS B 609 8.12 34.27 -19.12
CA HIS B 609 8.34 35.56 -18.49
C HIS B 609 7.12 36.48 -18.60
N LYS B 610 5.95 35.91 -18.83
CA LYS B 610 4.73 36.71 -18.88
C LYS B 610 4.39 37.27 -17.50
N THR B 611 3.81 38.46 -17.50
CA THR B 611 3.41 39.11 -16.26
C THR B 611 2.06 38.55 -15.81
N GLU B 612 1.43 39.22 -14.84
CA GLU B 612 0.10 38.83 -14.37
C GLU B 612 -1.02 39.42 -15.22
N GLY B 613 -0.71 40.34 -16.12
CA GLY B 613 -1.74 40.99 -16.91
C GLY B 613 -1.87 40.44 -18.31
N ASP B 614 -0.74 40.11 -18.95
CA ASP B 614 -0.77 39.56 -20.30
C ASP B 614 -1.41 38.17 -20.35
N ILE B 615 -1.53 37.48 -19.21
CA ILE B 615 -2.25 36.22 -19.17
C ILE B 615 -3.72 36.45 -19.52
N PHE B 616 -4.29 37.55 -19.03
CA PHE B 616 -5.65 37.91 -19.40
C PHE B 616 -5.77 38.14 -20.90
N ALA B 617 -4.81 38.82 -21.50
CA ALA B 617 -4.84 39.04 -22.94
C ALA B 617 -4.73 37.72 -23.69
N ILE B 618 -3.88 36.81 -23.23
CA ILE B 618 -3.72 35.52 -23.89
C ILE B 618 -5.01 34.73 -23.83
N VAL B 619 -5.64 34.69 -22.65
CA VAL B 619 -6.87 33.91 -22.50
C VAL B 619 -8.02 34.57 -23.26
N SER B 620 -8.00 35.90 -23.41
CA SER B 620 -9.07 36.57 -24.13
C SER B 620 -8.92 36.43 -25.65
N LYS B 621 -7.69 36.38 -26.16
CA LYS B 621 -7.46 36.29 -27.59
C LYS B 621 -7.76 34.91 -28.16
N ALA B 622 -8.04 33.93 -27.31
CA ALA B 622 -8.35 32.59 -27.79
C ALA B 622 -9.66 32.58 -28.58
N GLU B 623 -9.80 31.59 -29.45
CA GLU B 623 -10.82 31.63 -30.50
C GLU B 623 -12.18 31.07 -30.10
N GLU B 624 -12.30 30.44 -28.92
CA GLU B 624 -13.65 30.08 -28.48
C GLU B 624 -14.44 31.31 -28.06
N PHE B 625 -13.80 32.47 -27.94
CA PHE B 625 -14.46 33.74 -27.71
C PHE B 625 -14.56 34.58 -28.97
N ASP B 626 -14.14 34.05 -30.12
CA ASP B 626 -14.11 34.84 -31.34
C ASP B 626 -15.50 35.16 -31.86
N GLN B 627 -16.52 34.38 -31.49
CA GLN B 627 -17.89 34.67 -31.92
C GLN B 627 -18.56 35.68 -30.98
N ILE B 628 -17.86 36.77 -30.74
CA ILE B 628 -18.34 37.85 -29.87
C ILE B 628 -17.89 39.17 -30.48
N LYS B 629 -18.83 40.01 -30.88
CA LYS B 629 -18.55 41.29 -31.50
C LYS B 629 -18.95 42.42 -30.56
N VAL B 630 -18.14 43.48 -30.56
CA VAL B 630 -18.47 44.68 -29.79
C VAL B 630 -19.56 45.45 -30.52
N ARG B 631 -20.66 45.71 -29.83
CA ARG B 631 -21.82 46.37 -30.42
C ARG B 631 -21.92 47.81 -29.94
N GLU B 632 -22.73 48.59 -30.66
CA GLU B 632 -22.93 49.99 -30.28
C GLU B 632 -23.66 50.12 -28.95
N GLU B 633 -24.49 49.13 -28.60
CA GLU B 633 -25.14 49.14 -27.30
C GLU B 633 -24.17 48.72 -26.19
N GLU B 634 -23.28 47.76 -26.49
CA GLU B 634 -22.38 47.25 -25.48
C GLU B 634 -21.23 48.21 -25.16
N ILE B 635 -20.93 49.16 -26.06
CA ILE B 635 -19.74 49.97 -25.88
C ILE B 635 -19.88 50.90 -24.68
N GLU B 636 -21.08 51.42 -24.44
CA GLU B 636 -21.29 52.31 -23.30
C GLU B 636 -21.10 51.57 -21.98
N GLU B 637 -21.74 50.41 -21.85
CA GLU B 637 -21.57 49.61 -20.65
C GLU B 637 -20.12 49.17 -20.49
N LEU B 638 -19.45 48.83 -21.59
CA LEU B 638 -18.06 48.40 -21.53
C LEU B 638 -17.15 49.51 -21.04
N ASP B 639 -17.34 50.74 -21.53
CA ASP B 639 -16.48 51.83 -21.10
C ASP B 639 -16.77 52.22 -19.65
N THR B 640 -18.05 52.18 -19.24
CA THR B 640 -18.37 52.44 -17.85
C THR B 640 -17.75 51.39 -16.93
N LEU B 641 -17.81 50.12 -17.32
CA LEU B 641 -17.22 49.06 -16.53
C LEU B 641 -15.70 49.20 -16.45
N LEU B 642 -15.07 49.59 -17.57
CA LEU B 642 -13.63 49.86 -17.54
C LEU B 642 -13.32 51.03 -16.61
N SER B 643 -14.19 52.04 -16.58
CA SER B 643 -13.96 53.17 -15.70
C SER B 643 -14.06 52.78 -14.23
N ASN B 644 -15.05 51.97 -13.87
CA ASN B 644 -15.33 51.71 -12.46
C ASN B 644 -14.67 50.44 -11.92
N PHE B 645 -14.93 49.30 -12.55
CA PHE B 645 -14.57 48.00 -11.97
C PHE B 645 -13.21 47.48 -12.43
N CYS B 646 -12.44 48.28 -13.19
CA CYS B 646 -11.14 47.82 -13.65
C CYS B 646 -10.19 47.65 -12.47
N GLU B 647 -9.30 46.66 -12.59
CA GLU B 647 -8.31 46.38 -11.55
C GLU B 647 -6.89 46.20 -12.07
N LEU B 648 -6.71 45.86 -13.35
CA LEU B 648 -5.38 45.65 -13.91
C LEU B 648 -5.34 46.21 -15.33
N SER B 649 -4.13 46.27 -15.88
CA SER B 649 -3.97 46.77 -17.24
C SER B 649 -4.61 45.83 -18.25
N THR B 650 -5.32 46.41 -19.21
CA THR B 650 -6.04 45.66 -20.25
C THR B 650 -5.56 46.12 -21.62
N PRO B 651 -4.53 45.49 -22.17
CA PRO B 651 -4.09 45.84 -23.52
C PRO B 651 -5.22 45.66 -24.54
N GLY B 652 -5.25 46.57 -25.52
CA GLY B 652 -6.25 46.55 -26.56
C GLY B 652 -7.40 47.52 -26.36
N GLY B 653 -7.55 48.06 -25.15
CA GLY B 653 -8.61 49.02 -24.90
C GLY B 653 -9.99 48.41 -25.07
N VAL B 654 -10.87 49.15 -25.73
CA VAL B 654 -12.26 48.77 -25.92
C VAL B 654 -12.62 48.67 -27.40
N GLU B 655 -11.64 48.68 -28.29
CA GLU B 655 -11.88 48.66 -29.73
C GLU B 655 -11.64 47.29 -30.35
N ASN B 656 -11.73 46.23 -29.57
CA ASN B 656 -11.49 44.89 -30.08
C ASN B 656 -12.25 43.88 -29.22
N SER B 657 -12.47 42.70 -29.79
CA SER B 657 -13.26 41.67 -29.12
C SER B 657 -12.53 41.15 -27.88
N TYR B 658 -11.23 40.85 -28.01
CA TYR B 658 -10.50 40.31 -26.87
C TYR B 658 -10.35 41.35 -25.76
N GLY B 659 -10.34 42.64 -26.10
CA GLY B 659 -10.35 43.65 -25.07
C GLY B 659 -11.63 43.62 -24.24
N LYS B 660 -12.78 43.48 -24.92
CA LYS B 660 -14.04 43.38 -24.19
C LYS B 660 -14.12 42.09 -23.40
N ILE B 661 -13.52 41.00 -23.92
CA ILE B 661 -13.47 39.76 -23.15
C ILE B 661 -12.65 39.94 -21.89
N ASN B 662 -11.51 40.63 -21.99
CA ASN B 662 -10.68 40.91 -20.83
C ASN B 662 -11.43 41.75 -19.81
N ILE B 663 -12.14 42.79 -20.27
CA ILE B 663 -12.90 43.64 -19.37
C ILE B 663 -14.01 42.84 -18.67
N LEU B 664 -14.70 41.98 -19.43
CA LEU B 664 -15.76 41.16 -18.86
C LEU B 664 -15.20 40.21 -17.80
N LEU B 665 -14.04 39.60 -18.09
CA LEU B 665 -13.41 38.74 -17.10
C LEU B 665 -13.05 39.52 -15.84
N GLN B 666 -12.46 40.71 -16.01
CA GLN B 666 -12.05 41.50 -14.87
C GLN B 666 -13.23 41.92 -14.00
N THR B 667 -14.34 42.31 -14.63
CA THR B 667 -15.51 42.70 -13.86
C THR B 667 -16.24 41.49 -13.28
N TYR B 668 -16.09 40.31 -13.87
CA TYR B 668 -16.65 39.12 -13.25
C TYR B 668 -15.84 38.65 -12.06
N ILE B 669 -14.53 38.94 -12.05
CA ILE B 669 -13.69 38.54 -10.92
C ILE B 669 -14.17 39.22 -9.64
N SER B 670 -14.45 40.52 -9.70
CA SER B 670 -14.79 41.31 -8.53
C SER B 670 -16.29 41.34 -8.23
N ARG B 671 -17.04 40.34 -8.69
CA ARG B 671 -18.47 40.24 -8.42
C ARG B 671 -19.21 41.48 -8.88
N GLY B 672 -18.84 42.01 -10.05
CA GLY B 672 -19.45 43.23 -10.53
C GLY B 672 -20.89 43.03 -10.96
N GLU B 673 -21.60 44.15 -11.06
CA GLU B 673 -22.99 44.18 -11.47
C GLU B 673 -23.09 44.86 -12.82
N MET B 674 -23.80 44.24 -13.77
CA MET B 674 -23.93 44.74 -15.12
C MET B 674 -25.39 44.69 -15.55
N ASP B 675 -25.70 45.49 -16.58
CA ASP B 675 -27.08 45.70 -17.02
C ASP B 675 -27.48 44.81 -18.19
N SER B 676 -26.64 44.72 -19.23
CA SER B 676 -27.02 44.04 -20.46
C SER B 676 -27.15 42.54 -20.21
N PHE B 677 -28.34 41.99 -20.49
CA PHE B 677 -28.58 40.56 -20.31
C PHE B 677 -27.70 39.73 -21.22
N SER B 678 -27.56 40.14 -22.48
CA SER B 678 -26.69 39.44 -23.40
C SER B 678 -25.25 39.46 -22.91
N LEU B 679 -24.82 40.61 -22.39
CA LEU B 679 -23.47 40.69 -21.83
C LEU B 679 -23.34 39.85 -20.57
N ILE B 680 -24.42 39.69 -19.80
CA ILE B 680 -24.38 38.81 -18.63
C ILE B 680 -24.16 37.36 -19.06
N SER B 681 -24.91 36.91 -20.07
CA SER B 681 -24.72 35.55 -20.57
C SER B 681 -23.31 35.37 -21.14
N ASP B 682 -22.82 36.38 -21.86
CA ASP B 682 -21.45 36.33 -22.37
C ASP B 682 -20.45 36.26 -21.23
N SER B 683 -20.70 37.01 -20.15
CA SER B 683 -19.81 37.00 -19.00
C SER B 683 -19.74 35.63 -18.37
N ALA B 684 -20.89 34.97 -18.21
CA ALA B 684 -20.89 33.61 -17.68
C ALA B 684 -20.15 32.65 -18.61
N TYR B 685 -20.38 32.77 -19.91
CA TYR B 685 -19.72 31.89 -20.88
C TYR B 685 -18.21 32.02 -20.80
N VAL B 686 -17.72 33.27 -20.88
CA VAL B 686 -16.28 33.48 -20.81
C VAL B 686 -15.73 33.15 -19.43
N ALA B 687 -16.55 33.27 -18.37
CA ALA B 687 -16.07 32.86 -17.05
C ALA B 687 -15.77 31.38 -17.02
N GLN B 688 -16.72 30.54 -17.44
CA GLN B 688 -16.51 29.10 -17.44
C GLN B 688 -15.36 28.73 -18.38
N ASN B 689 -15.36 29.31 -19.58
CA ASN B 689 -14.27 29.03 -20.53
C ASN B 689 -12.94 29.39 -19.92
N ALA B 690 -12.72 30.67 -19.62
CA ALA B 690 -11.44 31.11 -19.09
C ALA B 690 -11.02 30.34 -17.85
N ALA B 691 -11.98 29.85 -17.05
CA ALA B 691 -11.61 28.96 -15.95
C ALA B 691 -10.94 27.70 -16.48
N ARG B 692 -11.58 27.03 -17.45
CA ARG B 692 -10.98 25.80 -17.98
C ARG B 692 -9.67 26.10 -18.72
N ILE B 693 -9.60 27.22 -19.42
CA ILE B 693 -8.39 27.62 -20.13
C ILE B 693 -7.24 27.87 -19.16
N VAL B 694 -7.52 28.57 -18.05
CA VAL B 694 -6.45 28.86 -17.11
C VAL B 694 -6.01 27.60 -16.39
N ARG B 695 -6.94 26.67 -16.13
CA ARG B 695 -6.52 25.38 -15.58
C ARG B 695 -5.59 24.63 -16.54
N ALA B 696 -5.96 24.62 -17.83
CA ALA B 696 -5.12 23.94 -18.82
C ALA B 696 -3.75 24.61 -18.93
N LEU B 697 -3.72 25.95 -18.91
CA LEU B 697 -2.46 26.66 -19.00
C LEU B 697 -1.59 26.42 -17.77
N PHE B 698 -2.22 26.34 -16.59
CA PHE B 698 -1.47 26.01 -15.39
C PHE B 698 -0.86 24.62 -15.50
N GLU B 699 -1.62 23.65 -16.01
CA GLU B 699 -1.08 22.32 -16.21
C GLU B 699 0.09 22.34 -17.19
N ILE B 700 -0.05 23.09 -18.28
CA ILE B 700 1.00 23.15 -19.30
C ILE B 700 2.28 23.75 -18.72
N ALA B 701 2.14 24.84 -17.96
CA ALA B 701 3.31 25.48 -17.36
C ALA B 701 3.94 24.60 -16.29
N LEU B 702 3.11 23.87 -15.53
CA LEU B 702 3.64 22.94 -14.54
C LEU B 702 4.46 21.85 -15.20
N ARG B 703 3.95 21.30 -16.31
CA ARG B 703 4.71 20.27 -17.02
C ARG B 703 5.98 20.84 -17.63
N LYS B 704 5.94 22.10 -18.07
CA LYS B 704 7.13 22.75 -18.60
C LYS B 704 8.08 23.22 -17.51
N ARG B 705 7.68 23.10 -16.24
CA ARG B 705 8.52 23.47 -15.10
C ARG B 705 8.89 24.96 -15.14
N TRP B 706 7.86 25.81 -15.03
CA TRP B 706 8.01 27.25 -14.94
C TRP B 706 7.45 27.69 -13.60
N PRO B 707 8.30 27.82 -12.57
CA PRO B 707 7.79 28.10 -11.22
C PRO B 707 7.12 29.46 -11.08
N THR B 708 7.81 30.52 -11.49
CA THR B 708 7.27 31.87 -11.37
C THR B 708 6.04 32.07 -12.25
N MET B 709 5.83 31.20 -13.23
CA MET B 709 4.64 31.26 -14.06
C MET B 709 3.52 30.37 -13.54
N THR B 710 3.86 29.15 -13.08
CA THR B 710 2.84 28.26 -12.57
C THR B 710 2.25 28.78 -11.26
N TYR B 711 3.05 29.48 -10.45
CA TYR B 711 2.50 30.10 -9.25
C TYR B 711 1.45 31.14 -9.60
N ARG B 712 1.75 31.99 -10.58
CA ARG B 712 0.79 33.00 -11.01
C ARG B 712 -0.46 32.36 -11.59
N LEU B 713 -0.30 31.31 -12.41
CA LEU B 713 -1.47 30.67 -12.99
C LEU B 713 -2.33 29.97 -11.94
N LEU B 714 -1.69 29.35 -10.94
CA LEU B 714 -2.46 28.72 -9.87
C LEU B 714 -3.22 29.77 -9.08
N ASN B 715 -2.58 30.90 -8.77
CA ASN B 715 -3.26 31.97 -8.06
C ASN B 715 -4.42 32.52 -8.89
N LEU B 716 -4.22 32.65 -10.20
CA LEU B 716 -5.29 33.14 -11.08
C LEU B 716 -6.45 32.15 -11.14
N SER B 717 -6.16 30.87 -11.20
CA SER B 717 -7.23 29.86 -11.20
C SER B 717 -8.01 29.89 -9.89
N LYS B 718 -7.30 30.02 -8.77
CA LYS B 718 -7.98 30.13 -7.48
C LYS B 718 -8.84 31.38 -7.44
N VAL B 719 -8.34 32.48 -8.00
CA VAL B 719 -9.10 33.73 -8.04
C VAL B 719 -10.38 33.54 -8.86
N ILE B 720 -10.27 32.91 -10.02
CA ILE B 720 -11.43 32.82 -10.92
C ILE B 720 -12.48 31.88 -10.34
N ASP B 721 -12.09 30.77 -9.72
CA ASP B 721 -13.15 29.90 -9.21
C ASP B 721 -13.58 30.29 -7.80
N LYS B 722 -12.88 31.23 -7.15
CA LYS B 722 -13.25 31.69 -5.83
C LYS B 722 -13.94 33.05 -5.84
N ARG B 723 -13.96 33.74 -6.97
CA ARG B 723 -14.61 35.04 -7.11
C ARG B 723 -14.04 36.09 -6.15
N LEU B 724 -12.77 35.96 -5.80
CA LEU B 724 -12.10 36.89 -4.92
C LEU B 724 -10.76 37.28 -5.51
N TRP B 725 -10.37 38.54 -5.32
CA TRP B 725 -9.12 39.02 -5.88
C TRP B 725 -7.93 38.48 -5.07
N GLY B 726 -6.74 38.62 -5.65
CA GLY B 726 -5.54 38.11 -5.01
C GLY B 726 -5.22 38.82 -3.71
N TRP B 727 -5.36 40.16 -3.69
CA TRP B 727 -5.05 40.93 -2.50
C TRP B 727 -6.21 41.00 -1.51
N ALA B 728 -7.35 40.41 -1.84
CA ALA B 728 -8.47 40.39 -0.92
C ALA B 728 -8.17 39.52 0.30
N SER B 729 -8.83 39.83 1.40
CA SER B 729 -8.61 39.08 2.62
C SER B 729 -9.04 37.63 2.44
N PRO B 730 -8.28 36.67 2.98
CA PRO B 730 -8.67 35.26 2.84
C PRO B 730 -9.99 34.93 3.51
N LEU B 731 -10.43 35.74 4.47
CA LEU B 731 -11.70 35.50 5.16
C LEU B 731 -12.91 35.76 4.26
N ARG B 732 -12.71 36.36 3.09
CA ARG B 732 -13.83 36.73 2.22
C ARG B 732 -14.54 35.51 1.64
N GLN B 733 -13.94 34.34 1.69
CA GLN B 733 -14.53 33.14 1.09
C GLN B 733 -15.52 32.45 2.01
N PHE B 734 -15.75 32.96 3.22
CA PHE B 734 -16.69 32.37 4.16
C PHE B 734 -18.00 33.17 4.11
N SER B 735 -19.10 32.48 3.82
CA SER B 735 -20.40 33.14 3.73
C SER B 735 -20.97 33.50 5.09
N ILE B 736 -20.55 32.80 6.15
CA ILE B 736 -21.08 33.07 7.48
C ILE B 736 -20.66 34.45 7.96
N LEU B 737 -19.46 34.88 7.61
CA LEU B 737 -18.98 36.19 8.02
C LEU B 737 -19.75 37.29 7.29
N PRO B 738 -20.39 38.22 7.99
CA PRO B 738 -21.12 39.28 7.30
C PRO B 738 -20.17 40.15 6.51
N PRO B 739 -20.63 40.69 5.38
CA PRO B 739 -19.74 41.56 4.58
C PRO B 739 -19.26 42.79 5.32
N HIS B 740 -20.12 43.39 6.15
CA HIS B 740 -19.69 44.56 6.92
C HIS B 740 -18.63 44.18 7.95
N ILE B 741 -18.71 42.98 8.50
CA ILE B 741 -17.64 42.50 9.38
C ILE B 741 -16.32 42.42 8.62
N LEU B 742 -16.36 41.89 7.39
CA LEU B 742 -15.15 41.80 6.59
C LEU B 742 -14.60 43.18 6.26
N THR B 743 -15.48 44.14 5.97
CA THR B 743 -15.02 45.51 5.75
C THR B 743 -14.35 46.06 7.00
N ARG B 744 -14.91 45.77 8.17
CA ARG B 744 -14.28 46.22 9.41
C ARG B 744 -12.92 45.57 9.61
N LEU B 745 -12.77 44.29 9.25
CA LEU B 745 -11.46 43.65 9.36
C LEU B 745 -10.45 44.30 8.41
N GLU B 746 -10.83 44.51 7.15
CA GLU B 746 -9.87 45.07 6.20
C GLU B 746 -9.57 46.53 6.48
N GLU B 747 -10.47 47.25 7.15
CA GLU B 747 -10.20 48.63 7.52
C GLU B 747 -9.16 48.72 8.63
N LYS B 748 -8.95 47.63 9.38
CA LYS B 748 -7.91 47.57 10.40
C LYS B 748 -6.59 47.04 9.87
N LYS B 749 -6.52 46.70 8.58
CA LYS B 749 -5.31 46.21 7.92
C LYS B 749 -4.77 44.93 8.56
N LEU B 750 -5.62 44.18 9.24
CA LEU B 750 -5.19 42.93 9.84
C LEU B 750 -5.09 41.83 8.78
N THR B 751 -4.14 40.93 8.98
CA THR B 751 -3.94 39.79 8.09
C THR B 751 -4.32 38.49 8.80
N VAL B 752 -4.25 37.40 8.04
CA VAL B 752 -4.65 36.10 8.58
C VAL B 752 -3.71 35.68 9.71
N ASP B 753 -2.40 35.83 9.52
CA ASP B 753 -1.44 35.38 10.53
C ASP B 753 -1.52 36.23 11.78
N LYS B 754 -1.62 37.56 11.61
CA LYS B 754 -1.66 38.44 12.77
C LYS B 754 -2.87 38.16 13.64
N LEU B 755 -4.04 38.00 13.03
CA LEU B 755 -5.25 37.72 13.78
C LEU B 755 -5.28 36.29 14.32
N LYS B 756 -4.63 35.34 13.64
CA LYS B 756 -4.49 34.00 14.17
C LYS B 756 -3.67 34.01 15.46
N ASP B 757 -2.58 34.77 15.46
CA ASP B 757 -1.76 34.89 16.67
C ASP B 757 -2.44 35.76 17.72
N MET B 758 -3.22 36.75 17.28
CA MET B 758 -3.82 37.72 18.21
C MET B 758 -5.01 37.09 18.92
N ARG B 759 -5.04 37.22 20.24
CA ARG B 759 -5.98 36.49 21.07
C ARG B 759 -7.42 36.98 20.85
N LYS B 760 -8.37 36.06 21.02
CA LYS B 760 -9.75 36.29 20.59
C LYS B 760 -10.40 37.46 21.32
N ASP B 761 -10.16 37.59 22.63
CA ASP B 761 -10.84 38.63 23.38
C ASP B 761 -10.50 40.02 22.88
N GLU B 762 -9.22 40.25 22.51
CA GLU B 762 -8.82 41.54 21.99
C GLU B 762 -9.47 41.83 20.64
N ILE B 763 -9.58 40.82 19.77
CA ILE B 763 -10.22 41.04 18.48
C ILE B 763 -11.71 41.29 18.67
N GLY B 764 -12.33 40.67 19.67
CA GLY B 764 -13.72 40.95 19.96
C GLY B 764 -13.92 42.37 20.48
N HIS B 765 -13.02 42.82 21.36
CA HIS B 765 -13.10 44.19 21.87
C HIS B 765 -12.88 45.22 20.77
N ILE B 766 -11.89 44.98 19.90
CA ILE B 766 -11.59 45.93 18.84
C ILE B 766 -12.77 46.03 17.87
N LEU B 767 -13.34 44.89 17.49
CA LEU B 767 -14.50 44.87 16.61
C LEU B 767 -15.79 45.16 17.37
N HIS B 768 -15.73 45.23 18.71
CA HIS B 768 -16.86 45.54 19.58
C HIS B 768 -17.91 44.44 19.59
N HIS B 769 -17.54 43.22 19.21
CA HIS B 769 -18.44 42.07 19.29
C HIS B 769 -17.62 40.85 19.62
N VAL B 770 -17.77 40.34 20.85
CA VAL B 770 -16.99 39.18 21.28
C VAL B 770 -17.43 37.92 20.52
N ASN B 771 -18.73 37.79 20.26
CA ASN B 771 -19.22 36.63 19.52
C ASN B 771 -18.66 36.60 18.11
N ILE B 772 -18.63 37.76 17.44
CA ILE B 772 -18.06 37.82 16.10
C ILE B 772 -16.57 37.48 16.15
N GLY B 773 -15.88 37.95 17.19
CA GLY B 773 -14.47 37.63 17.33
C GLY B 773 -14.23 36.13 17.50
N LEU B 774 -15.02 35.49 18.35
CA LEU B 774 -14.86 34.04 18.54
C LEU B 774 -15.20 33.28 17.26
N LYS B 775 -16.23 33.71 16.55
CA LYS B 775 -16.59 33.04 15.30
C LYS B 775 -15.49 33.20 14.25
N VAL B 776 -14.92 34.41 14.12
CA VAL B 776 -13.86 34.60 13.14
C VAL B 776 -12.59 33.86 13.56
N LYS B 777 -12.37 33.70 14.87
CA LYS B 777 -11.22 32.92 15.32
C LYS B 777 -11.38 31.45 14.97
N GLN B 778 -12.54 30.87 15.28
CA GLN B 778 -12.77 29.47 14.95
C GLN B 778 -12.89 29.26 13.45
N CYS B 779 -13.13 30.33 12.68
CA CYS B 779 -13.15 30.21 11.22
C CYS B 779 -11.75 30.28 10.64
N VAL B 780 -10.91 31.19 11.13
CA VAL B 780 -9.53 31.28 10.64
C VAL B 780 -8.74 30.05 11.06
N HIS B 781 -9.09 29.44 12.20
CA HIS B 781 -8.46 28.19 12.57
C HIS B 781 -8.80 27.06 11.61
N GLN B 782 -9.85 27.24 10.80
CA GLN B 782 -10.21 26.27 9.77
C GLN B 782 -9.52 26.53 8.44
N ILE B 783 -8.77 27.63 8.32
CA ILE B 783 -8.05 27.90 7.06
C ILE B 783 -6.94 26.86 6.89
N PRO B 784 -6.87 26.19 5.74
CA PRO B 784 -5.87 25.15 5.57
C PRO B 784 -4.45 25.69 5.68
N SER B 785 -3.58 24.91 6.33
CA SER B 785 -2.18 25.26 6.48
C SER B 785 -1.42 23.99 6.84
N VAL B 786 -0.11 24.04 6.68
CA VAL B 786 0.73 22.87 6.96
C VAL B 786 2.12 23.37 7.38
N MET B 787 2.60 22.83 8.50
CA MET B 787 3.98 23.07 8.94
C MET B 787 4.85 21.92 8.44
N MET B 788 5.96 22.27 7.81
CA MET B 788 6.78 21.26 7.13
C MET B 788 8.25 21.63 7.25
N GLU B 789 9.10 20.61 7.20
CA GLU B 789 10.54 20.80 7.28
C GLU B 789 11.24 19.75 6.44
N ALA B 790 12.38 20.12 5.85
CA ALA B 790 13.11 19.25 4.94
C ALA B 790 14.48 18.92 5.52
N SER B 791 14.91 17.68 5.29
CA SER B 791 16.26 17.23 5.61
C SER B 791 16.95 16.79 4.34
N ILE B 792 18.20 17.22 4.17
CA ILE B 792 18.97 16.96 2.97
C ILE B 792 19.83 15.72 3.17
N GLN B 793 19.76 14.80 2.21
CA GLN B 793 20.55 13.56 2.25
C GLN B 793 21.29 13.43 0.92
N PRO B 794 22.55 13.89 0.87
CA PRO B 794 23.31 13.82 -0.39
C PRO B 794 23.78 12.42 -0.72
N ILE B 795 22.93 11.63 -1.38
CA ILE B 795 23.28 10.26 -1.73
C ILE B 795 24.53 10.23 -2.60
N THR B 796 24.58 11.07 -3.62
CA THR B 796 25.66 11.09 -4.58
C THR B 796 26.17 12.51 -4.74
N ARG B 797 27.27 12.66 -5.48
CA ARG B 797 27.85 13.98 -5.71
C ARG B 797 26.88 14.92 -6.41
N THR B 798 26.00 14.38 -7.25
CA THR B 798 25.02 15.17 -7.98
C THR B 798 23.59 14.90 -7.54
N VAL B 799 23.18 13.64 -7.51
CA VAL B 799 21.81 13.28 -7.15
C VAL B 799 21.66 13.35 -5.64
N LEU B 800 20.66 14.09 -5.18
CA LEU B 800 20.33 14.20 -3.76
C LEU B 800 19.03 13.46 -3.48
N ARG B 801 18.70 13.37 -2.19
CA ARG B 801 17.44 12.74 -1.78
C ARG B 801 16.96 13.47 -0.53
N VAL B 802 16.08 14.44 -0.72
CA VAL B 802 15.55 15.24 0.38
C VAL B 802 14.29 14.57 0.93
N THR B 803 14.11 14.66 2.24
CA THR B 803 12.94 14.13 2.91
C THR B 803 12.14 15.28 3.52
N LEU B 804 10.85 15.30 3.26
CA LEU B 804 9.93 16.33 3.73
C LEU B 804 9.01 15.73 4.79
N SER B 805 9.04 16.30 5.99
CA SER B 805 8.08 15.93 7.03
C SER B 805 7.09 17.07 7.16
N ILE B 806 5.82 16.79 6.85
CA ILE B 806 4.77 17.80 6.83
C ILE B 806 3.67 17.36 7.79
N TYR B 807 2.93 18.33 8.30
CA TYR B 807 1.82 18.03 9.19
C TYR B 807 0.85 19.21 9.21
N ALA B 808 -0.44 18.91 9.14
CA ALA B 808 -1.45 19.95 9.17
C ALA B 808 -1.55 20.56 10.56
N ASP B 809 -1.77 21.86 10.61
CA ASP B 809 -1.85 22.60 11.87
C ASP B 809 -3.12 23.45 11.90
N PHE B 810 -4.21 22.93 11.36
CA PHE B 810 -5.49 23.62 11.37
C PHE B 810 -6.57 22.68 11.91
N THR B 811 -7.54 23.25 12.63
CA THR B 811 -8.67 22.47 13.10
C THR B 811 -9.52 22.03 11.91
N TRP B 812 -9.99 20.78 11.96
CA TRP B 812 -10.71 20.19 10.86
C TRP B 812 -12.20 20.47 10.96
N ASN B 813 -12.80 20.83 9.83
CA ASN B 813 -14.24 20.95 9.69
C ASN B 813 -14.69 20.09 8.52
N ASP B 814 -15.70 19.25 8.76
CA ASP B 814 -16.15 18.32 7.72
C ASP B 814 -16.71 19.06 6.51
N GLN B 815 -17.54 20.08 6.75
CA GLN B 815 -18.14 20.81 5.65
C GLN B 815 -17.14 21.73 4.96
N VAL B 816 -16.30 22.42 5.74
CA VAL B 816 -15.40 23.41 5.18
C VAL B 816 -14.32 22.74 4.32
N HIS B 817 -13.70 21.67 4.85
CA HIS B 817 -12.58 21.05 4.18
C HIS B 817 -13.00 19.90 3.26
N GLY B 818 -14.18 19.35 3.45
CA GLY B 818 -14.60 18.23 2.62
C GLY B 818 -14.23 16.89 3.23
N THR B 819 -15.09 15.90 3.01
CA THR B 819 -14.88 14.59 3.61
C THR B 819 -13.64 13.91 3.06
N VAL B 820 -13.38 14.05 1.76
CA VAL B 820 -12.28 13.31 1.14
C VAL B 820 -10.93 13.76 1.70
N GLY B 821 -10.74 15.06 1.85
CA GLY B 821 -9.49 15.58 2.37
C GLY B 821 -9.15 16.92 1.72
N GLU B 822 -7.87 17.26 1.83
CA GLU B 822 -7.36 18.55 1.34
C GLU B 822 -6.26 18.33 0.31
N PRO B 823 -6.38 18.89 -0.89
CA PRO B 823 -5.31 18.74 -1.89
C PRO B 823 -4.22 19.78 -1.70
N TRP B 824 -3.01 19.42 -2.15
CA TRP B 824 -1.86 20.30 -2.07
C TRP B 824 -0.91 20.00 -3.22
N TRP B 825 -0.26 21.04 -3.72
CA TRP B 825 0.80 20.92 -4.72
C TRP B 825 2.11 21.35 -4.09
N ILE B 826 3.12 20.48 -4.15
CA ILE B 826 4.41 20.74 -3.52
C ILE B 826 5.47 20.70 -4.61
N TRP B 827 6.18 21.82 -4.77
CA TRP B 827 7.23 21.88 -5.79
C TRP B 827 8.48 22.55 -5.21
N VAL B 828 9.64 22.10 -5.68
CA VAL B 828 10.93 22.64 -5.24
C VAL B 828 11.27 23.77 -6.21
N GLU B 829 10.86 24.99 -5.85
CA GLU B 829 11.08 26.15 -6.70
C GLU B 829 12.45 26.74 -6.44
N ASP B 830 13.12 27.13 -7.53
CA ASP B 830 14.41 27.82 -7.46
C ASP B 830 14.24 29.20 -8.10
N PRO B 831 14.52 30.28 -7.38
CA PRO B 831 14.28 31.62 -7.93
C PRO B 831 15.23 31.98 -9.07
N THR B 832 16.52 31.66 -8.91
CA THR B 832 17.51 32.06 -9.90
C THR B 832 17.42 31.21 -11.15
N ASN B 833 17.57 29.89 -11.00
CA ASN B 833 17.54 29.01 -12.17
C ASN B 833 16.16 28.98 -12.81
N ASP B 834 15.10 29.02 -12.00
CA ASP B 834 13.73 29.20 -12.48
C ASP B 834 13.26 28.01 -13.32
N HIS B 835 13.40 26.81 -12.78
CA HIS B 835 12.74 25.64 -13.34
C HIS B 835 12.51 24.61 -12.24
N ILE B 836 11.28 24.10 -12.16
CA ILE B 836 10.86 23.27 -11.04
C ILE B 836 11.57 21.93 -11.06
N TYR B 837 11.92 21.42 -9.88
CA TYR B 837 12.46 20.08 -9.72
C TYR B 837 11.43 19.23 -8.96
N HIS B 838 10.82 18.28 -9.67
CA HIS B 838 9.98 17.23 -9.07
C HIS B 838 8.81 17.83 -8.29
N SER B 839 7.89 18.43 -9.02
CA SER B 839 6.60 18.80 -8.43
C SER B 839 5.79 17.53 -8.14
N GLU B 840 4.91 17.64 -7.15
CA GLU B 840 4.20 16.46 -6.65
C GLU B 840 2.84 16.89 -6.10
N TYR B 841 1.91 15.95 -6.11
CA TYR B 841 0.57 16.10 -5.56
C TYR B 841 0.49 15.40 -4.21
N PHE B 842 -0.20 16.03 -3.26
CA PHE B 842 -0.37 15.46 -1.94
C PHE B 842 -1.81 15.61 -1.50
N LEU B 843 -2.28 14.65 -0.72
CA LEU B 843 -3.63 14.65 -0.16
C LEU B 843 -3.54 14.49 1.35
N ALA B 844 -4.07 15.46 2.08
CA ALA B 844 -4.17 15.37 3.53
C ALA B 844 -5.52 14.75 3.88
N LEU B 845 -5.49 13.59 4.53
CA LEU B 845 -6.68 12.81 4.80
C LEU B 845 -7.34 13.27 6.10
N LYS B 846 -8.47 12.62 6.44
CA LYS B 846 -9.17 12.94 7.67
C LYS B 846 -8.32 12.62 8.89
N LYS B 847 -7.87 11.37 9.00
CA LYS B 847 -7.04 10.98 10.15
C LYS B 847 -5.67 11.63 10.10
N GLN B 848 -5.21 12.03 8.91
CA GLN B 848 -3.93 12.73 8.80
C GLN B 848 -4.00 14.07 9.52
N VAL B 849 -5.09 14.82 9.34
CA VAL B 849 -5.26 16.09 10.03
C VAL B 849 -5.62 15.87 11.49
N ILE B 850 -6.51 14.90 11.77
CA ILE B 850 -6.99 14.70 13.13
C ILE B 850 -5.86 14.27 14.05
N SER B 851 -5.10 13.25 13.64
CA SER B 851 -4.00 12.77 14.49
C SER B 851 -2.80 13.70 14.45
N LYS B 852 -2.70 14.56 13.44
CA LYS B 852 -1.59 15.50 13.29
C LYS B 852 -0.24 14.79 13.26
N GLU B 853 -0.21 13.57 12.74
CA GLU B 853 1.05 12.84 12.63
C GLU B 853 1.91 13.43 11.52
N ALA B 854 3.22 13.27 11.67
CA ALA B 854 4.18 13.84 10.73
C ALA B 854 4.24 12.95 9.50
N GLN B 855 3.49 13.31 8.46
CA GLN B 855 3.54 12.58 7.20
C GLN B 855 4.90 12.81 6.53
N LEU B 856 5.55 11.73 6.13
CA LEU B 856 6.90 11.77 5.59
C LEU B 856 6.88 11.45 4.11
N LEU B 857 7.56 12.26 3.32
CA LEU B 857 7.75 12.03 1.89
C LEU B 857 9.24 12.05 1.59
N VAL B 858 9.67 11.26 0.62
CA VAL B 858 11.08 11.19 0.23
C VAL B 858 11.16 11.34 -1.28
N PHE B 859 12.00 12.25 -1.75
CA PHE B 859 12.12 12.42 -3.20
C PHE B 859 13.49 12.95 -3.53
N THR B 860 13.89 12.75 -4.79
CA THR B 860 15.23 13.04 -5.26
C THR B 860 15.22 14.21 -6.23
N ILE B 861 16.12 15.17 -6.02
CA ILE B 861 16.28 16.29 -6.92
C ILE B 861 17.75 16.38 -7.34
N PRO B 862 18.06 16.87 -8.53
CA PRO B 862 19.45 17.00 -8.94
C PRO B 862 20.04 18.34 -8.55
N ILE B 863 21.35 18.35 -8.32
CA ILE B 863 22.10 19.57 -8.01
C ILE B 863 23.31 19.64 -8.92
N PHE B 864 23.88 20.84 -9.02
CA PHE B 864 25.03 21.10 -9.85
C PHE B 864 26.26 21.33 -8.98
N GLU B 865 27.42 21.34 -9.63
CA GLU B 865 28.68 21.58 -8.91
C GLU B 865 28.69 22.93 -8.20
N PRO B 866 28.30 24.06 -8.84
CA PRO B 866 28.12 25.28 -8.06
C PRO B 866 26.87 25.17 -7.19
N LEU B 867 27.07 25.06 -5.88
CA LEU B 867 25.95 24.80 -4.99
C LEU B 867 25.00 25.99 -4.96
N PRO B 868 23.72 25.80 -5.25
CA PRO B 868 22.76 26.90 -5.17
C PRO B 868 22.61 27.37 -3.73
N SER B 869 22.29 28.66 -3.58
CA SER B 869 22.13 29.23 -2.24
C SER B 869 21.02 28.53 -1.47
N GLN B 870 19.88 28.31 -2.10
CA GLN B 870 18.73 27.71 -1.45
C GLN B 870 17.72 27.28 -2.51
N TYR B 871 16.79 26.43 -2.10
CA TYR B 871 15.69 25.97 -2.96
C TYR B 871 14.38 26.21 -2.21
N TYR B 872 13.51 27.05 -2.78
CA TYR B 872 12.23 27.36 -2.17
C TYR B 872 11.24 26.23 -2.36
N ILE B 873 11.14 25.32 -1.39
CA ILE B 873 10.12 24.29 -1.44
C ILE B 873 8.79 24.90 -1.02
N ARG B 874 7.81 24.87 -1.92
CA ARG B 874 6.54 25.55 -1.74
C ARG B 874 5.38 24.56 -1.82
N ALA B 875 4.45 24.70 -0.90
CA ALA B 875 3.23 23.89 -0.87
C ALA B 875 2.03 24.85 -0.95
N VAL B 876 1.21 24.68 -1.98
CA VAL B 876 0.07 25.55 -2.22
C VAL B 876 -1.19 24.70 -2.28
N SER B 877 -2.23 25.14 -1.57
CA SER B 877 -3.51 24.46 -1.63
C SER B 877 -4.13 24.64 -3.01
N ASP B 878 -4.74 23.55 -3.51
CA ASP B 878 -5.34 23.58 -4.84
C ASP B 878 -6.76 24.13 -4.85
N ARG B 879 -7.34 24.42 -3.69
CA ARG B 879 -8.72 24.88 -3.62
C ARG B 879 -8.93 26.11 -2.73
N TRP B 880 -8.04 26.40 -1.80
CA TRP B 880 -8.23 27.48 -0.82
C TRP B 880 -7.26 28.60 -1.11
N LEU B 881 -7.78 29.81 -1.28
CA LEU B 881 -6.95 30.96 -1.61
C LEU B 881 -6.15 31.40 -0.40
N GLY B 882 -4.92 31.85 -0.66
CA GLY B 882 -4.06 32.37 0.41
C GLY B 882 -3.66 31.33 1.44
N ALA B 883 -3.34 30.11 1.00
CA ALA B 883 -2.91 29.03 1.87
C ALA B 883 -1.63 28.44 1.27
N GLU B 884 -0.49 29.01 1.62
CA GLU B 884 0.80 28.57 1.10
C GLU B 884 1.80 28.43 2.23
N ALA B 885 2.70 27.46 2.08
CA ALA B 885 3.75 27.21 3.05
C ALA B 885 5.08 27.11 2.32
N VAL B 886 6.06 27.89 2.74
CA VAL B 886 7.38 27.93 2.11
C VAL B 886 8.40 27.48 3.14
N CYS B 887 9.22 26.50 2.77
CA CYS B 887 10.29 26.00 3.65
C CYS B 887 11.61 26.18 2.90
N ILE B 888 12.25 27.32 3.12
CA ILE B 888 13.55 27.59 2.52
C ILE B 888 14.57 26.63 3.10
N ILE B 889 15.27 25.91 2.25
CA ILE B 889 16.31 24.99 2.67
C ILE B 889 17.64 25.57 2.21
N ASN B 890 18.45 26.00 3.19
CA ASN B 890 19.78 26.51 2.88
C ASN B 890 20.73 25.35 2.61
N PHE B 891 21.77 25.64 1.84
CA PHE B 891 22.79 24.67 1.46
C PHE B 891 24.13 25.01 2.08
N GLN B 892 24.12 25.41 3.35
CA GLN B 892 25.34 25.89 4.00
C GLN B 892 26.26 24.72 4.35
N HIS B 893 27.49 24.79 3.84
CA HIS B 893 28.60 23.89 4.16
C HIS B 893 28.18 22.43 4.30
N LEU B 894 27.33 21.93 3.42
CA LEU B 894 26.97 20.52 3.44
C LEU B 894 28.02 19.73 2.67
N ILE B 895 28.53 18.67 3.30
CA ILE B 895 29.62 17.90 2.73
C ILE B 895 29.05 16.88 1.76
N LEU B 896 29.47 16.95 0.50
CA LEU B 896 29.07 15.97 -0.50
C LEU B 896 30.00 14.77 -0.47
N PRO B 897 29.49 13.58 -0.81
CA PRO B 897 30.34 12.39 -0.80
C PRO B 897 31.49 12.52 -1.79
N GLU B 898 32.64 12.01 -1.40
CA GLU B 898 33.82 12.04 -2.26
C GLU B 898 33.63 11.08 -3.45
N ARG B 899 34.28 11.42 -4.55
CA ARG B 899 34.22 10.57 -5.74
C ARG B 899 34.92 9.24 -5.46
N HIS B 900 34.17 8.15 -5.61
CA HIS B 900 34.70 6.83 -5.29
C HIS B 900 35.79 6.44 -6.28
N PRO B 901 36.80 5.71 -5.82
CA PRO B 901 37.87 5.26 -6.72
C PRO B 901 37.34 4.24 -7.72
N PRO B 902 37.99 4.10 -8.88
CA PRO B 902 37.50 3.18 -9.89
C PRO B 902 37.62 1.73 -9.44
N HIS B 903 37.05 0.84 -10.25
CA HIS B 903 37.01 -0.58 -9.94
C HIS B 903 38.37 -1.21 -10.24
N THR B 904 38.44 -2.54 -10.15
CA THR B 904 39.66 -3.28 -10.41
C THR B 904 39.56 -3.98 -11.75
N GLU B 905 40.62 -3.89 -12.55
CA GLU B 905 40.62 -4.49 -13.87
C GLU B 905 40.58 -6.01 -13.78
N LEU B 906 39.84 -6.62 -14.71
CA LEU B 906 39.70 -8.08 -14.78
C LEU B 906 40.74 -8.63 -15.73
N LEU B 907 41.71 -9.37 -15.18
CA LEU B 907 42.78 -9.95 -15.98
C LEU B 907 42.51 -11.44 -16.18
N ASP B 908 42.48 -11.87 -17.45
CA ASP B 908 42.29 -13.26 -17.80
C ASP B 908 43.18 -13.62 -18.98
N LEU B 909 44.00 -14.66 -18.81
CA LEU B 909 44.86 -15.17 -19.86
C LEU B 909 44.67 -16.66 -20.10
N GLN B 910 44.27 -17.41 -19.07
CA GLN B 910 44.07 -18.84 -19.19
C GLN B 910 43.06 -19.30 -18.15
N PRO B 911 41.99 -19.97 -18.56
CA PRO B 911 41.03 -20.50 -17.57
C PRO B 911 41.66 -21.59 -16.72
N LEU B 912 41.16 -21.70 -15.49
CA LEU B 912 41.70 -22.65 -14.52
C LEU B 912 40.91 -23.93 -14.54
N PRO B 913 41.51 -25.06 -14.89
CA PRO B 913 40.78 -26.33 -14.82
C PRO B 913 40.49 -26.73 -13.38
N ILE B 914 39.41 -27.50 -13.20
CA ILE B 914 39.03 -27.96 -11.87
C ILE B 914 40.08 -28.89 -11.27
N THR B 915 40.89 -29.55 -12.10
CA THR B 915 41.92 -30.45 -11.60
C THR B 915 42.95 -29.73 -10.74
N ALA B 916 43.05 -28.40 -10.86
CA ALA B 916 43.93 -27.63 -10.01
C ALA B 916 43.48 -27.60 -8.56
N LEU B 917 42.26 -28.05 -8.27
CA LEU B 917 41.77 -28.03 -6.89
C LEU B 917 42.61 -28.93 -6.00
N GLY B 918 42.99 -30.11 -6.50
CA GLY B 918 43.84 -31.02 -5.78
C GLY B 918 43.12 -32.21 -5.15
N CYS B 919 41.80 -32.14 -5.04
CA CYS B 919 41.01 -33.23 -4.48
C CYS B 919 39.93 -33.63 -5.48
N LYS B 920 39.93 -34.91 -5.86
CA LYS B 920 38.96 -35.38 -6.85
C LYS B 920 37.53 -35.27 -6.32
N ALA B 921 37.32 -35.61 -5.05
CA ALA B 921 35.99 -35.51 -4.47
C ALA B 921 35.53 -34.06 -4.42
N TYR B 922 36.44 -33.13 -4.14
CA TYR B 922 36.08 -31.72 -4.09
C TYR B 922 35.60 -31.22 -5.45
N GLU B 923 36.30 -31.60 -6.52
CA GLU B 923 35.98 -31.14 -7.86
C GLU B 923 34.89 -31.96 -8.54
N ALA B 924 34.51 -33.10 -7.97
CA ALA B 924 33.44 -33.91 -8.55
C ALA B 924 32.09 -33.22 -8.48
N LEU B 925 31.95 -32.17 -7.70
CA LEU B 925 30.70 -31.43 -7.60
C LEU B 925 30.45 -30.51 -8.78
N TYR B 926 31.45 -30.26 -9.62
CA TYR B 926 31.35 -29.35 -10.74
C TYR B 926 31.07 -30.10 -12.04
N ASN B 927 30.76 -29.33 -13.08
CA ASN B 927 30.55 -29.87 -14.42
C ASN B 927 31.47 -29.27 -15.46
N PHE B 928 31.74 -27.97 -15.38
CA PHE B 928 32.64 -27.33 -16.33
C PHE B 928 34.09 -27.80 -16.10
N SER B 929 34.86 -27.81 -17.18
CA SER B 929 36.26 -28.22 -17.14
C SER B 929 37.22 -27.05 -16.96
N HIS B 930 36.71 -25.83 -16.81
CA HIS B 930 37.56 -24.67 -16.68
C HIS B 930 36.82 -23.59 -15.89
N PHE B 931 37.58 -22.61 -15.40
CA PHE B 931 37.05 -21.54 -14.58
C PHE B 931 36.93 -20.27 -15.40
N ASN B 932 35.81 -19.57 -15.23
CA ASN B 932 35.60 -18.29 -15.88
C ASN B 932 36.51 -17.25 -15.22
N PRO B 933 36.74 -16.10 -15.88
CA PRO B 933 37.77 -15.16 -15.39
C PRO B 933 37.64 -14.75 -13.93
N VAL B 934 36.43 -14.58 -13.42
CA VAL B 934 36.26 -14.19 -12.02
C VAL B 934 36.79 -15.28 -11.10
N GLN B 935 36.38 -16.53 -11.33
CA GLN B 935 36.89 -17.62 -10.52
C GLN B 935 38.37 -17.85 -10.79
N THR B 936 38.81 -17.66 -12.04
CA THR B 936 40.23 -17.77 -12.35
C THR B 936 41.05 -16.80 -11.50
N GLN B 937 40.52 -15.59 -11.29
CA GLN B 937 41.23 -14.60 -10.48
C GLN B 937 41.15 -14.93 -8.99
N ILE B 938 40.00 -15.38 -8.51
CA ILE B 938 39.78 -15.52 -7.07
C ILE B 938 40.08 -16.93 -6.59
N PHE B 939 40.63 -17.77 -7.46
CA PHE B 939 40.91 -19.16 -7.07
C PHE B 939 41.98 -19.27 -6.00
N HIS B 940 43.00 -18.42 -6.02
CA HIS B 940 44.09 -18.52 -5.08
C HIS B 940 44.01 -17.49 -3.95
N THR B 941 43.56 -16.27 -4.23
CA THR B 941 43.35 -15.29 -3.17
C THR B 941 42.36 -15.82 -2.14
N LEU B 942 41.47 -16.70 -2.56
CA LEU B 942 40.55 -17.42 -1.68
C LEU B 942 40.95 -18.89 -1.63
N TYR B 943 40.69 -19.52 -0.48
CA TYR B 943 40.86 -20.96 -0.30
C TYR B 943 42.33 -21.37 -0.23
N HIS B 944 43.24 -20.44 -0.46
CA HIS B 944 44.67 -20.76 -0.42
C HIS B 944 45.49 -19.89 0.52
N THR B 945 45.05 -18.68 0.86
CA THR B 945 45.83 -17.79 1.71
C THR B 945 45.20 -17.52 3.07
N ASP B 946 43.92 -17.85 3.26
CA ASP B 946 43.22 -17.70 4.54
C ASP B 946 43.26 -16.26 5.03
N CYS B 947 42.63 -15.38 4.25
CA CYS B 947 42.41 -14.00 4.67
C CYS B 947 41.04 -13.53 4.20
N ASN B 948 40.45 -12.62 4.97
CA ASN B 948 39.12 -12.11 4.64
C ASN B 948 39.14 -11.36 3.31
N VAL B 949 38.11 -11.59 2.49
CA VAL B 949 38.05 -11.08 1.13
C VAL B 949 36.65 -10.54 0.86
N LEU B 950 36.59 -9.44 0.11
CA LEU B 950 35.32 -8.86 -0.35
C LEU B 950 35.31 -8.87 -1.87
N LEU B 951 34.31 -9.53 -2.45
CA LEU B 951 34.18 -9.66 -3.90
C LEU B 951 32.89 -8.98 -4.34
N GLY B 952 33.00 -8.14 -5.37
CA GLY B 952 31.86 -7.40 -5.87
C GLY B 952 31.54 -7.69 -7.32
N ALA B 953 31.66 -8.95 -7.71
CA ALA B 953 31.37 -9.33 -9.09
C ALA B 953 29.89 -9.16 -9.40
N PRO B 954 29.54 -8.87 -10.65
CA PRO B 954 28.13 -8.71 -11.00
C PRO B 954 27.36 -10.02 -10.87
N THR B 955 26.04 -9.90 -10.87
CA THR B 955 25.18 -11.05 -10.73
C THR B 955 25.37 -12.02 -11.89
N GLY B 956 25.29 -13.31 -11.58
CA GLY B 956 25.54 -14.35 -12.56
C GLY B 956 26.99 -14.68 -12.79
N SER B 957 27.91 -14.01 -12.10
CA SER B 957 29.33 -14.30 -12.28
C SER B 957 29.73 -15.62 -11.65
N GLY B 958 29.01 -16.04 -10.61
CA GLY B 958 29.32 -17.30 -9.95
C GLY B 958 30.04 -17.15 -8.63
N LYS B 959 29.59 -16.21 -7.78
CA LYS B 959 30.14 -16.10 -6.44
C LYS B 959 29.83 -17.33 -5.59
N THR B 960 28.84 -18.12 -6.00
CA THR B 960 28.59 -19.40 -5.34
C THR B 960 29.83 -20.28 -5.39
N VAL B 961 30.58 -20.21 -6.48
CA VAL B 961 31.82 -20.97 -6.58
C VAL B 961 32.83 -20.48 -5.56
N ALA B 962 32.87 -19.16 -5.31
CA ALA B 962 33.74 -18.63 -4.27
C ALA B 962 33.32 -19.13 -2.90
N ALA B 963 32.01 -19.17 -2.63
CA ALA B 963 31.54 -19.73 -1.37
C ALA B 963 31.93 -21.20 -1.24
N GLU B 964 31.81 -21.95 -2.34
CA GLU B 964 32.23 -23.34 -2.32
C GLU B 964 33.72 -23.47 -2.03
N LEU B 965 34.55 -22.61 -2.61
CA LEU B 965 35.98 -22.65 -2.36
C LEU B 965 36.30 -22.35 -0.89
N ALA B 966 35.63 -21.36 -0.32
CA ALA B 966 35.84 -21.05 1.09
C ALA B 966 35.42 -22.21 1.99
N ILE B 967 34.27 -22.83 1.69
CA ILE B 967 33.81 -23.95 2.48
C ILE B 967 34.77 -25.14 2.33
N PHE B 968 35.31 -25.34 1.13
CA PHE B 968 36.30 -26.40 0.94
C PHE B 968 37.56 -26.14 1.74
N ARG B 969 38.00 -24.88 1.79
CA ARG B 969 39.16 -24.54 2.60
C ARG B 969 38.90 -24.84 4.07
N VAL B 970 37.71 -24.47 4.56
CA VAL B 970 37.37 -24.74 5.95
C VAL B 970 37.35 -26.24 6.22
N PHE B 971 36.74 -27.02 5.32
CA PHE B 971 36.66 -28.46 5.49
C PHE B 971 38.03 -29.11 5.44
N ASN B 972 38.94 -28.57 4.63
CA ASN B 972 40.25 -29.19 4.44
C ASN B 972 41.19 -28.86 5.59
N LYS B 973 41.48 -27.57 5.80
CA LYS B 973 42.53 -27.22 6.75
C LYS B 973 42.09 -27.40 8.20
N TYR B 974 40.82 -27.11 8.51
CA TYR B 974 40.32 -27.17 9.88
C TYR B 974 39.07 -28.04 9.92
N PRO B 975 39.23 -29.37 9.83
CA PRO B 975 38.06 -30.25 9.93
C PRO B 975 37.35 -30.17 11.27
N THR B 976 38.10 -29.93 12.36
CA THR B 976 37.48 -29.85 13.68
C THR B 976 36.67 -28.57 13.87
N SER B 977 36.89 -27.55 13.05
CA SER B 977 36.15 -26.31 13.15
C SER B 977 34.81 -26.45 12.45
N LYS B 978 34.10 -25.34 12.28
CA LYS B 978 32.80 -25.33 11.63
C LYS B 978 32.70 -24.12 10.71
N ALA B 979 31.79 -24.22 9.75
CA ALA B 979 31.56 -23.16 8.77
C ALA B 979 30.11 -22.72 8.82
N VAL B 980 29.88 -21.42 8.68
CA VAL B 980 28.54 -20.84 8.71
C VAL B 980 28.41 -19.84 7.57
N TYR B 981 27.30 -19.94 6.84
CA TYR B 981 27.02 -19.07 5.71
C TYR B 981 25.75 -18.28 6.00
N ILE B 982 25.76 -16.99 5.71
CA ILE B 982 24.68 -16.08 6.05
C ILE B 982 24.11 -15.48 4.77
N ALA B 983 22.79 -15.60 4.60
CA ALA B 983 22.09 -15.02 3.46
C ALA B 983 20.90 -14.21 3.96
N PRO B 984 20.66 -13.03 3.38
CA PRO B 984 19.66 -12.11 3.96
C PRO B 984 18.22 -12.42 3.58
N LEU B 985 17.98 -13.29 2.59
CA LEU B 985 16.63 -13.57 2.14
C LEU B 985 16.25 -15.00 2.51
N LYS B 986 15.00 -15.16 2.98
CA LYS B 986 14.52 -16.50 3.34
C LYS B 986 14.46 -17.41 2.13
N ALA B 987 13.97 -16.89 0.99
CA ALA B 987 13.96 -17.70 -0.22
C ALA B 987 15.38 -18.01 -0.69
N LEU B 988 16.29 -17.03 -0.61
CA LEU B 988 17.67 -17.28 -0.93
C LEU B 988 18.28 -18.31 0.00
N VAL B 989 17.95 -18.22 1.30
CA VAL B 989 18.43 -19.21 2.26
C VAL B 989 17.93 -20.60 1.88
N ARG B 990 16.65 -20.71 1.53
CA ARG B 990 16.08 -22.01 1.18
C ARG B 990 16.74 -22.60 -0.05
N GLU B 991 16.90 -21.80 -1.10
CA GLU B 991 17.50 -22.32 -2.33
C GLU B 991 18.97 -22.67 -2.13
N ARG B 992 19.70 -21.85 -1.37
CA ARG B 992 21.11 -22.15 -1.10
C ARG B 992 21.24 -23.42 -0.26
N MET B 993 20.36 -23.59 0.73
CA MET B 993 20.37 -24.81 1.52
C MET B 993 20.07 -26.04 0.67
N ASP B 994 19.08 -25.93 -0.23
CA ASP B 994 18.76 -27.06 -1.11
C ASP B 994 19.97 -27.42 -1.97
N ASP B 995 20.60 -26.41 -2.58
CA ASP B 995 21.77 -26.67 -3.43
C ASP B 995 22.90 -27.29 -2.62
N TRP B 996 23.17 -26.75 -1.43
CA TRP B 996 24.26 -27.26 -0.60
C TRP B 996 24.00 -28.72 -0.23
N LYS B 997 22.76 -29.04 0.14
CA LYS B 997 22.47 -30.40 0.60
C LYS B 997 22.47 -31.40 -0.55
N VAL B 998 22.04 -31.01 -1.76
CA VAL B 998 22.10 -31.96 -2.87
C VAL B 998 23.54 -32.15 -3.32
N ARG B 999 24.36 -31.08 -3.30
CA ARG B 999 25.66 -31.20 -3.92
C ARG B 999 26.75 -31.69 -2.96
N ILE B 1000 26.80 -31.17 -1.73
CA ILE B 1000 27.93 -31.42 -0.84
C ILE B 1000 27.61 -32.43 0.26
N GLU B 1001 26.34 -32.53 0.69
CA GLU B 1001 26.03 -33.40 1.83
C GLU B 1001 26.13 -34.87 1.45
N GLU B 1002 25.51 -35.26 0.34
CA GLU B 1002 25.54 -36.66 -0.07
C GLU B 1002 26.86 -37.05 -0.71
N LYS B 1003 27.52 -36.11 -1.41
CA LYS B 1003 28.75 -36.43 -2.10
C LYS B 1003 29.95 -36.36 -1.16
N LEU B 1004 30.16 -35.21 -0.54
CA LEU B 1004 31.30 -35.00 0.34
C LEU B 1004 30.94 -35.41 1.76
N GLY B 1005 31.89 -36.05 2.44
CA GLY B 1005 31.64 -36.58 3.77
C GLY B 1005 31.69 -35.56 4.89
N LYS B 1006 30.78 -34.58 4.84
CA LYS B 1006 30.64 -33.59 5.91
C LYS B 1006 29.16 -33.46 6.24
N LYS B 1007 28.86 -32.62 7.24
CA LYS B 1007 27.51 -32.48 7.77
C LYS B 1007 26.95 -31.10 7.45
N VAL B 1008 25.71 -31.07 6.98
CA VAL B 1008 25.00 -29.84 6.66
C VAL B 1008 23.67 -29.84 7.39
N ILE B 1009 23.36 -28.76 8.08
CA ILE B 1009 22.16 -28.69 8.91
C ILE B 1009 21.72 -27.23 9.02
N GLU B 1010 20.42 -26.99 8.86
CA GLU B 1010 19.86 -25.66 9.01
C GLU B 1010 19.60 -25.35 10.48
N LEU B 1011 19.53 -24.06 10.78
CA LEU B 1011 19.37 -23.57 12.15
C LEU B 1011 18.05 -22.82 12.29
N THR B 1012 17.28 -23.17 13.31
CA THR B 1012 16.00 -22.51 13.59
C THR B 1012 16.16 -21.51 14.73
N GLY B 1013 15.08 -20.78 14.99
CA GLY B 1013 15.14 -19.71 15.98
C GLY B 1013 14.77 -20.10 17.39
N ASP B 1014 15.58 -20.95 18.02
CA ASP B 1014 15.37 -21.35 19.41
C ASP B 1014 16.71 -21.75 19.99
N VAL B 1015 17.17 -21.03 21.03
CA VAL B 1015 18.57 -21.12 21.45
C VAL B 1015 18.92 -22.53 21.90
N THR B 1016 18.06 -23.16 22.69
CA THR B 1016 18.45 -24.46 23.26
C THR B 1016 18.40 -25.58 22.22
N PRO B 1017 17.44 -25.60 21.28
CA PRO B 1017 17.60 -26.52 20.14
C PRO B 1017 18.84 -26.24 19.31
N ASP B 1018 19.18 -24.96 19.11
CA ASP B 1018 20.42 -24.63 18.42
C ASP B 1018 21.66 -25.08 19.19
N MET B 1019 21.56 -25.30 20.50
CA MET B 1019 22.68 -25.90 21.22
C MET B 1019 23.04 -27.26 20.62
N LYS B 1020 22.06 -28.15 20.51
CA LYS B 1020 22.31 -29.45 19.90
C LYS B 1020 22.56 -29.34 18.41
N SER B 1021 21.95 -28.36 17.74
CA SER B 1021 22.19 -28.17 16.31
C SER B 1021 23.65 -27.80 16.04
N ILE B 1022 24.21 -26.93 16.89
CA ILE B 1022 25.58 -26.45 16.72
C ILE B 1022 26.61 -27.37 17.36
N ALA B 1023 26.17 -28.33 18.18
CA ALA B 1023 27.12 -29.27 18.75
C ALA B 1023 27.85 -30.05 17.66
N LYS B 1024 27.13 -30.50 16.64
CA LYS B 1024 27.72 -31.29 15.56
C LYS B 1024 27.23 -30.78 14.20
N ALA B 1025 27.30 -29.46 14.00
CA ALA B 1025 26.77 -28.87 12.77
C ALA B 1025 27.70 -29.07 11.59
N ASP B 1026 28.91 -28.50 11.67
CA ASP B 1026 29.96 -28.58 10.66
C ASP B 1026 29.62 -27.77 9.41
N LEU B 1027 28.39 -27.26 9.34
CA LEU B 1027 27.99 -26.30 8.31
C LEU B 1027 26.64 -25.71 8.68
N ILE B 1028 26.52 -24.38 8.67
CA ILE B 1028 25.30 -23.69 9.09
C ILE B 1028 24.91 -22.69 8.02
N VAL B 1029 23.62 -22.68 7.66
CA VAL B 1029 23.05 -21.68 6.78
C VAL B 1029 21.97 -20.95 7.57
N THR B 1030 22.08 -19.62 7.64
CA THR B 1030 21.20 -18.85 8.52
C THR B 1030 20.86 -17.51 7.89
N THR B 1031 19.61 -17.12 8.02
CA THR B 1031 19.25 -15.72 7.86
C THR B 1031 19.83 -14.92 9.03
N PRO B 1032 20.23 -13.66 8.80
CA PRO B 1032 21.03 -12.95 9.81
C PRO B 1032 20.38 -12.86 11.19
N GLU B 1033 19.06 -12.73 11.27
CA GLU B 1033 18.42 -12.55 12.57
C GLU B 1033 18.64 -13.78 13.47
N LYS B 1034 18.52 -14.97 12.92
CA LYS B 1034 18.72 -16.17 13.72
C LYS B 1034 20.16 -16.28 14.22
N TRP B 1035 21.14 -15.98 13.36
CA TRP B 1035 22.52 -16.05 13.79
C TRP B 1035 22.83 -14.99 14.84
N ASP B 1036 22.25 -13.80 14.70
CA ASP B 1036 22.43 -12.77 15.71
C ASP B 1036 21.83 -13.20 17.04
N GLY B 1037 20.66 -13.83 17.01
CA GLY B 1037 20.09 -14.35 18.23
C GLY B 1037 20.95 -15.43 18.86
N VAL B 1038 21.55 -16.29 18.03
CA VAL B 1038 22.42 -17.34 18.55
C VAL B 1038 23.66 -16.74 19.21
N SER B 1039 24.28 -15.77 18.54
CA SER B 1039 25.51 -15.16 19.01
C SER B 1039 25.29 -13.95 19.90
N ARG B 1040 24.05 -13.74 20.36
CA ARG B 1040 23.76 -12.60 21.23
C ARG B 1040 24.58 -12.66 22.50
N SER B 1041 24.68 -13.84 23.12
CA SER B 1041 25.52 -14.04 24.28
C SER B 1041 26.71 -14.90 23.88
N TRP B 1042 27.92 -14.37 24.08
CA TRP B 1042 29.14 -15.05 23.70
C TRP B 1042 30.13 -15.03 24.87
N GLN B 1043 29.95 -14.06 25.76
CA GLN B 1043 30.89 -13.87 26.86
C GLN B 1043 30.86 -15.02 27.85
N ASN B 1044 29.67 -15.44 28.27
CA ASN B 1044 29.52 -16.40 29.35
C ASN B 1044 29.30 -17.82 28.85
N ARG B 1045 29.50 -18.05 27.55
CA ARG B 1045 29.33 -19.37 26.96
C ARG B 1045 30.43 -19.58 25.92
N ASN B 1046 30.75 -20.85 25.67
CA ASN B 1046 31.95 -21.19 24.91
C ASN B 1046 31.66 -22.23 23.84
N TYR B 1047 30.62 -22.02 23.03
CA TYR B 1047 30.33 -22.94 21.93
C TYR B 1047 30.67 -22.37 20.56
N VAL B 1048 30.67 -21.04 20.42
CA VAL B 1048 30.85 -20.42 19.11
C VAL B 1048 32.30 -20.09 18.80
N GLN B 1049 33.22 -20.29 19.75
CA GLN B 1049 34.61 -19.95 19.52
C GLN B 1049 35.29 -20.86 18.51
N GLN B 1050 34.65 -21.96 18.11
CA GLN B 1050 35.26 -22.93 17.21
C GLN B 1050 34.87 -22.73 15.75
N VAL B 1051 34.12 -21.68 15.44
CA VAL B 1051 33.78 -21.34 14.06
C VAL B 1051 34.79 -20.32 13.55
N THR B 1052 35.20 -20.46 12.30
CA THR B 1052 36.28 -19.63 11.75
C THR B 1052 35.97 -19.22 10.32
N ILE B 1053 34.70 -18.89 10.03
CA ILE B 1053 34.33 -18.41 8.71
C ILE B 1053 33.02 -17.65 8.82
N LEU B 1054 32.84 -16.68 7.91
CA LEU B 1054 31.57 -15.96 7.77
C LEU B 1054 31.41 -15.60 6.30
N ILE B 1055 30.67 -16.42 5.56
CA ILE B 1055 30.37 -16.14 4.16
C ILE B 1055 29.05 -15.38 4.13
N ILE B 1056 29.10 -14.13 3.72
CA ILE B 1056 27.93 -13.25 3.70
C ILE B 1056 27.63 -12.89 2.26
N ASP B 1057 26.47 -13.32 1.77
CA ASP B 1057 26.06 -13.03 0.41
C ASP B 1057 25.16 -11.79 0.40
N GLU B 1058 25.23 -11.04 -0.70
CA GLU B 1058 24.44 -9.82 -0.89
C GLU B 1058 24.68 -8.84 0.25
N ILE B 1059 25.96 -8.52 0.49
CA ILE B 1059 26.32 -7.62 1.56
C ILE B 1059 25.81 -6.20 1.28
N HIS B 1060 25.61 -5.85 0.00
CA HIS B 1060 25.10 -4.52 -0.33
C HIS B 1060 23.71 -4.32 0.22
N LEU B 1061 22.94 -5.40 0.41
CA LEU B 1061 21.63 -5.30 1.02
C LEU B 1061 21.70 -4.80 2.46
N LEU B 1062 22.90 -4.65 3.02
CA LEU B 1062 23.07 -3.97 4.30
C LEU B 1062 22.59 -2.53 4.24
N GLY B 1063 22.60 -1.92 3.05
CA GLY B 1063 22.26 -0.51 2.96
C GLY B 1063 20.80 -0.21 3.27
N GLU B 1064 19.89 -1.10 2.88
CA GLU B 1064 18.46 -0.81 2.95
C GLU B 1064 17.97 -0.98 4.39
N GLU B 1065 16.64 -0.98 4.57
CA GLU B 1065 16.07 -0.87 5.90
C GLU B 1065 15.99 -2.21 6.63
N ARG B 1066 15.59 -3.28 5.94
CA ARG B 1066 15.41 -4.57 6.60
C ARG B 1066 16.68 -5.41 6.61
N GLY B 1067 17.83 -4.80 6.36
CA GLY B 1067 19.10 -5.49 6.48
C GLY B 1067 20.13 -4.82 7.37
N PRO B 1068 19.74 -4.28 8.54
CA PRO B 1068 20.74 -3.63 9.40
C PRO B 1068 21.44 -4.62 10.33
N VAL B 1069 20.86 -5.81 10.48
CA VAL B 1069 21.42 -6.80 11.39
C VAL B 1069 22.76 -7.29 10.88
N LEU B 1070 23.01 -7.21 9.57
CA LEU B 1070 24.31 -7.60 9.04
C LEU B 1070 25.43 -6.78 9.65
N GLU B 1071 25.20 -5.48 9.82
CA GLU B 1071 26.23 -4.60 10.35
C GLU B 1071 26.59 -4.99 11.78
N VAL B 1072 25.59 -5.18 12.64
CA VAL B 1072 25.87 -5.54 14.02
C VAL B 1072 26.48 -6.94 14.11
N ILE B 1073 26.05 -7.86 13.24
CA ILE B 1073 26.62 -9.21 13.26
C ILE B 1073 28.10 -9.16 12.92
N VAL B 1074 28.45 -8.43 11.86
CA VAL B 1074 29.85 -8.35 11.46
C VAL B 1074 30.67 -7.60 12.52
N SER B 1075 30.09 -6.56 13.12
CA SER B 1075 30.80 -5.83 14.15
C SER B 1075 31.10 -6.71 15.35
N ARG B 1076 30.10 -7.48 15.81
CA ARG B 1076 30.33 -8.36 16.95
C ARG B 1076 31.27 -9.50 16.59
N THR B 1077 31.23 -9.98 15.35
CA THR B 1077 32.16 -11.01 14.94
C THR B 1077 33.60 -10.50 14.95
N ASN B 1078 33.81 -9.28 14.43
CA ASN B 1078 35.14 -8.68 14.47
C ASN B 1078 35.59 -8.44 15.91
N PHE B 1079 34.67 -8.01 16.77
CA PHE B 1079 34.99 -7.79 18.18
C PHE B 1079 35.42 -9.10 18.83
N ILE B 1080 34.69 -10.18 18.57
CA ILE B 1080 35.02 -11.49 19.15
C ILE B 1080 36.37 -11.97 18.61
N SER B 1081 36.60 -11.80 17.31
CA SER B 1081 37.86 -12.23 16.71
C SER B 1081 39.04 -11.47 17.31
N SER B 1082 38.88 -10.17 17.56
CA SER B 1082 39.97 -9.39 18.11
C SER B 1082 40.18 -9.69 19.58
N HIS B 1083 39.11 -10.00 20.31
CA HIS B 1083 39.20 -10.22 21.75
C HIS B 1083 39.31 -11.69 22.12
N THR B 1084 39.47 -12.58 21.13
CA THR B 1084 39.76 -13.98 21.38
C THR B 1084 41.08 -14.44 20.78
N GLU B 1085 41.70 -13.63 19.91
CA GLU B 1085 42.97 -13.93 19.27
C GLU B 1085 42.90 -15.19 18.40
N LYS B 1086 41.69 -15.63 18.05
CA LYS B 1086 41.47 -16.66 17.04
C LYS B 1086 40.71 -15.99 15.91
N PRO B 1087 41.41 -15.52 14.87
CA PRO B 1087 40.76 -14.75 13.82
C PRO B 1087 39.68 -15.56 13.10
N VAL B 1088 38.60 -14.88 12.74
CA VAL B 1088 37.51 -15.47 11.98
C VAL B 1088 37.46 -14.78 10.63
N ARG B 1089 37.60 -15.56 9.56
CA ARG B 1089 37.63 -15.01 8.21
C ARG B 1089 36.25 -14.53 7.79
N ILE B 1090 36.23 -13.46 7.00
CA ILE B 1090 34.99 -12.90 6.46
C ILE B 1090 35.09 -12.88 4.95
N VAL B 1091 34.10 -13.46 4.28
CA VAL B 1091 34.04 -13.50 2.82
C VAL B 1091 32.73 -12.82 2.42
N GLY B 1092 32.83 -11.58 1.94
CA GLY B 1092 31.66 -10.82 1.57
C GLY B 1092 31.43 -10.77 0.08
N LEU B 1093 30.42 -11.50 -0.40
CA LEU B 1093 30.12 -11.58 -1.82
C LEU B 1093 28.83 -10.83 -2.10
N SER B 1094 28.85 -9.96 -3.11
CA SER B 1094 27.67 -9.19 -3.51
C SER B 1094 27.92 -8.62 -4.90
N THR B 1095 26.98 -7.80 -5.36
CA THR B 1095 27.13 -7.14 -6.66
C THR B 1095 28.14 -6.01 -6.55
N ALA B 1096 28.29 -5.26 -7.65
CA ALA B 1096 29.24 -4.17 -7.67
C ALA B 1096 28.82 -3.06 -6.71
N LEU B 1097 29.79 -2.56 -5.95
CA LEU B 1097 29.58 -1.45 -5.02
C LEU B 1097 30.50 -0.31 -5.39
N ALA B 1098 29.92 0.89 -5.53
CA ALA B 1098 30.73 2.07 -5.82
C ALA B 1098 31.65 2.41 -4.65
N ASN B 1099 31.14 2.32 -3.43
CA ASN B 1099 31.88 2.68 -2.22
C ASN B 1099 32.45 1.46 -1.52
N ALA B 1100 32.92 0.47 -2.29
CA ALA B 1100 33.45 -0.75 -1.70
C ALA B 1100 34.69 -0.52 -0.85
N ARG B 1101 35.33 0.64 -0.99
CA ARG B 1101 36.49 0.95 -0.16
C ARG B 1101 36.11 1.03 1.32
N ASP B 1102 34.97 1.64 1.62
CA ASP B 1102 34.53 1.74 3.01
C ASP B 1102 34.22 0.37 3.60
N LEU B 1103 33.56 -0.50 2.83
CA LEU B 1103 33.29 -1.85 3.30
C LEU B 1103 34.58 -2.63 3.48
N ALA B 1104 35.56 -2.43 2.59
CA ALA B 1104 36.85 -3.09 2.72
C ALA B 1104 37.55 -2.65 4.00
N ASP B 1105 37.53 -1.35 4.28
CA ASP B 1105 38.12 -0.86 5.53
C ASP B 1105 37.35 -1.37 6.74
N TRP B 1106 36.04 -1.61 6.58
CA TRP B 1106 35.23 -2.14 7.67
C TRP B 1106 35.67 -3.55 8.06
N LEU B 1107 36.00 -4.38 7.07
CA LEU B 1107 36.42 -5.76 7.31
C LEU B 1107 37.91 -5.87 7.59
N ASN B 1108 38.63 -4.75 7.67
CA ASN B 1108 40.04 -4.71 8.02
C ASN B 1108 40.90 -5.45 6.99
N ILE B 1109 40.78 -4.99 5.74
CA ILE B 1109 41.64 -5.46 4.65
C ILE B 1109 42.30 -4.24 4.03
N LYS B 1110 43.60 -4.35 3.77
CA LYS B 1110 44.34 -3.24 3.17
C LYS B 1110 44.43 -3.38 1.65
N GLN B 1111 45.04 -4.46 1.17
CA GLN B 1111 45.14 -4.73 -0.26
C GLN B 1111 44.95 -6.20 -0.59
N MET B 1112 44.58 -7.02 0.40
CA MET B 1112 44.57 -8.47 0.22
C MET B 1112 43.36 -8.93 -0.58
N GLY B 1113 42.16 -8.66 -0.08
CA GLY B 1113 40.96 -9.20 -0.70
C GLY B 1113 39.98 -8.18 -1.22
N LEU B 1114 40.48 -7.10 -1.82
CA LEU B 1114 39.62 -6.07 -2.41
C LEU B 1114 39.38 -6.45 -3.87
N PHE B 1115 38.18 -6.97 -4.16
CA PHE B 1115 37.83 -7.46 -5.49
C PHE B 1115 36.53 -6.77 -5.94
N ASN B 1116 36.67 -5.61 -6.59
CA ASN B 1116 35.54 -4.90 -7.16
C ASN B 1116 35.66 -4.92 -8.68
N PHE B 1117 34.61 -5.39 -9.34
CA PHE B 1117 34.61 -5.55 -10.79
C PHE B 1117 33.50 -4.70 -11.41
N ARG B 1118 33.81 -4.12 -12.57
CA ARG B 1118 32.84 -3.34 -13.29
C ARG B 1118 31.74 -4.23 -13.84
N PRO B 1119 30.55 -3.67 -14.12
CA PRO B 1119 29.46 -4.49 -14.65
C PRO B 1119 29.77 -5.16 -15.97
N SER B 1120 30.73 -4.65 -16.74
CA SER B 1120 31.11 -5.28 -17.99
C SER B 1120 32.09 -6.43 -17.75
N VAL B 1121 31.71 -7.35 -16.87
CA VAL B 1121 32.56 -8.50 -16.54
C VAL B 1121 31.83 -9.82 -16.67
N ARG B 1122 30.50 -9.86 -16.56
CA ARG B 1122 29.77 -11.11 -16.60
C ARG B 1122 29.94 -11.80 -17.96
N PRO B 1123 29.94 -13.14 -17.99
CA PRO B 1123 30.15 -13.84 -19.26
C PRO B 1123 29.12 -13.50 -20.32
N VAL B 1124 27.88 -13.21 -19.92
CA VAL B 1124 26.82 -12.82 -20.85
C VAL B 1124 26.74 -11.30 -20.87
N PRO B 1125 27.11 -10.63 -21.97
CA PRO B 1125 27.00 -9.17 -22.00
C PRO B 1125 25.57 -8.70 -21.84
N LEU B 1126 25.41 -7.55 -21.21
CA LEU B 1126 24.10 -6.97 -20.94
C LEU B 1126 23.97 -5.66 -21.69
N GLU B 1127 22.90 -5.53 -22.48
CA GLU B 1127 22.60 -4.31 -23.22
C GLU B 1127 21.30 -3.72 -22.71
N VAL B 1128 21.33 -2.44 -22.36
CA VAL B 1128 20.17 -1.75 -21.80
C VAL B 1128 19.82 -0.57 -22.69
N HIS B 1129 18.53 -0.36 -22.91
CA HIS B 1129 18.01 0.73 -23.73
C HIS B 1129 17.19 1.68 -22.86
N ILE B 1130 17.21 2.96 -23.22
CA ILE B 1130 16.58 4.01 -22.43
C ILE B 1130 15.28 4.42 -23.11
N GLN B 1131 14.21 4.52 -22.33
CA GLN B 1131 12.91 4.91 -22.84
C GLN B 1131 12.12 5.58 -21.73
N GLY B 1132 11.28 6.55 -22.09
CA GLY B 1132 10.49 7.31 -21.13
C GLY B 1132 9.02 7.32 -21.51
N PHE B 1133 8.16 7.24 -20.50
CA PHE B 1133 6.71 7.17 -20.67
C PHE B 1133 6.05 8.20 -19.77
N PRO B 1134 5.99 9.46 -20.20
CA PRO B 1134 5.42 10.51 -19.34
C PRO B 1134 3.96 10.25 -19.01
N GLY B 1135 3.58 10.64 -17.80
CA GLY B 1135 2.21 10.45 -17.35
C GLY B 1135 2.02 10.99 -15.95
N GLN B 1136 0.81 10.81 -15.43
CA GLN B 1136 0.46 11.28 -14.10
C GLN B 1136 -0.50 10.30 -13.46
N HIS B 1137 -0.44 10.20 -12.14
CA HIS B 1137 -1.31 9.32 -11.36
C HIS B 1137 -1.18 7.86 -11.77
N TYR B 1138 -0.08 7.53 -12.47
CA TYR B 1138 0.23 6.20 -12.98
C TYR B 1138 -0.90 5.65 -13.86
N CYS B 1139 -1.88 6.49 -14.20
CA CYS B 1139 -3.06 6.05 -14.94
C CYS B 1139 -2.76 5.81 -16.42
N PRO B 1140 -2.18 6.74 -17.16
CA PRO B 1140 -1.77 6.42 -18.53
C PRO B 1140 -0.55 5.53 -18.59
N ARG B 1141 0.09 5.25 -17.44
CA ARG B 1141 1.37 4.58 -17.45
C ARG B 1141 1.26 3.13 -17.92
N MET B 1142 0.34 2.35 -17.33
CA MET B 1142 0.30 0.93 -17.69
C MET B 1142 -0.02 0.74 -19.16
N ALA B 1143 -0.90 1.58 -19.71
CA ALA B 1143 -1.12 1.57 -21.15
C ALA B 1143 0.12 2.05 -21.90
N SER B 1144 0.89 2.96 -21.29
CA SER B 1144 2.04 3.53 -21.98
C SER B 1144 3.15 2.51 -22.17
N MET B 1145 3.51 1.76 -21.11
CA MET B 1145 4.61 0.82 -21.27
C MET B 1145 4.17 -0.52 -21.82
N ASN B 1146 2.86 -0.78 -21.88
CA ASN B 1146 2.39 -2.05 -22.43
C ASN B 1146 2.51 -2.09 -23.94
N LYS B 1147 2.29 -0.96 -24.60
CA LYS B 1147 2.27 -0.94 -26.06
C LYS B 1147 3.60 -1.35 -26.68
N PRO B 1148 4.76 -0.79 -26.29
CA PRO B 1148 6.01 -1.18 -26.94
C PRO B 1148 6.69 -2.40 -26.35
N ALA B 1149 6.14 -3.01 -25.30
CA ALA B 1149 6.75 -4.20 -24.73
C ALA B 1149 6.79 -5.34 -25.73
N PHE B 1150 5.69 -5.57 -26.44
CA PHE B 1150 5.66 -6.59 -27.48
C PHE B 1150 6.58 -6.21 -28.64
N GLN B 1151 6.61 -4.92 -29.00
CA GLN B 1151 7.50 -4.49 -30.06
C GLN B 1151 8.96 -4.75 -29.70
N ALA B 1152 9.31 -4.55 -28.43
CA ALA B 1152 10.65 -4.91 -27.97
C ALA B 1152 10.89 -6.41 -28.08
N ILE B 1153 9.86 -7.21 -27.78
CA ILE B 1153 10.01 -8.66 -27.83
C ILE B 1153 10.32 -9.13 -29.25
N ARG B 1154 9.56 -8.61 -30.23
CA ARG B 1154 9.78 -9.03 -31.61
C ARG B 1154 11.11 -8.50 -32.14
N SER B 1155 11.45 -7.25 -31.82
CA SER B 1155 12.69 -6.66 -32.32
C SER B 1155 13.92 -7.36 -31.73
N HIS B 1156 13.88 -7.67 -30.43
CA HIS B 1156 15.04 -8.25 -29.78
C HIS B 1156 15.15 -9.75 -30.03
N SER B 1157 14.16 -10.52 -29.59
CA SER B 1157 14.19 -11.97 -29.75
C SER B 1157 12.79 -12.55 -29.69
N PRO B 1158 12.12 -12.73 -30.82
CA PRO B 1158 10.79 -13.35 -30.80
C PRO B 1158 10.85 -14.81 -30.38
N ALA B 1159 9.81 -15.24 -29.67
CA ALA B 1159 9.67 -16.63 -29.22
C ALA B 1159 10.89 -17.09 -28.42
N LYS B 1160 11.29 -16.26 -27.46
CA LYS B 1160 12.43 -16.56 -26.60
C LYS B 1160 12.02 -16.39 -25.14
N PRO B 1161 12.45 -17.29 -24.26
CA PRO B 1161 12.04 -17.20 -22.85
C PRO B 1161 12.43 -15.87 -22.22
N VAL B 1162 11.43 -15.14 -21.75
CA VAL B 1162 11.62 -13.82 -21.17
C VAL B 1162 10.78 -13.70 -19.90
N LEU B 1163 11.36 -13.16 -18.84
CA LEU B 1163 10.66 -12.91 -17.59
C LEU B 1163 10.45 -11.42 -17.40
N ILE B 1164 9.24 -11.05 -16.99
CA ILE B 1164 8.80 -9.67 -16.88
C ILE B 1164 8.27 -9.47 -15.46
N PHE B 1165 8.29 -8.23 -14.98
CA PHE B 1165 7.72 -7.94 -13.66
C PHE B 1165 7.09 -6.56 -13.69
N VAL B 1166 5.75 -6.53 -13.65
CA VAL B 1166 5.00 -5.30 -13.45
C VAL B 1166 3.94 -5.43 -12.37
N SER B 1167 3.61 -6.63 -11.92
CA SER B 1167 2.46 -6.86 -11.06
C SER B 1167 2.82 -6.55 -9.61
N SER B 1168 2.17 -5.55 -9.04
CA SER B 1168 2.24 -5.30 -7.60
C SER B 1168 1.11 -6.02 -6.87
N ARG B 1169 1.01 -7.33 -7.11
CA ARG B 1169 0.00 -8.21 -6.53
C ARG B 1169 -1.37 -7.95 -7.15
N ARG B 1170 -1.48 -6.94 -8.00
CA ARG B 1170 -2.72 -6.59 -8.65
C ARG B 1170 -2.63 -6.56 -10.17
N GLN B 1171 -1.51 -6.06 -10.71
CA GLN B 1171 -1.38 -5.88 -12.15
C GLN B 1171 -1.24 -7.18 -12.92
N THR B 1172 -1.17 -8.33 -12.23
CA THR B 1172 -1.07 -9.61 -12.93
C THR B 1172 -2.22 -9.79 -13.91
N ARG B 1173 -3.45 -9.63 -13.42
CA ARG B 1173 -4.63 -9.87 -14.26
C ARG B 1173 -4.71 -8.85 -15.40
N LEU B 1174 -4.58 -7.57 -15.07
CA LEU B 1174 -4.70 -6.53 -16.09
C LEU B 1174 -3.66 -6.76 -17.19
N THR B 1175 -2.41 -7.00 -16.79
CA THR B 1175 -1.36 -7.24 -17.77
C THR B 1175 -1.62 -8.49 -18.59
N ALA B 1176 -2.06 -9.57 -17.94
CA ALA B 1176 -2.27 -10.83 -18.64
C ALA B 1176 -3.35 -10.69 -19.71
N LEU B 1177 -4.52 -10.19 -19.34
CA LEU B 1177 -5.58 -10.05 -20.33
C LEU B 1177 -5.25 -8.99 -21.39
N GLU B 1178 -4.60 -7.89 -21.02
CA GLU B 1178 -4.28 -6.90 -22.05
C GLU B 1178 -3.26 -7.47 -23.05
N LEU B 1179 -2.28 -8.22 -22.57
CA LEU B 1179 -1.32 -8.85 -23.47
C LEU B 1179 -2.00 -9.87 -24.37
N ILE B 1180 -2.83 -10.74 -23.78
CA ILE B 1180 -3.47 -11.78 -24.58
C ILE B 1180 -4.45 -11.19 -25.58
N ALA B 1181 -5.05 -10.04 -25.27
CA ALA B 1181 -5.96 -9.39 -26.20
C ALA B 1181 -5.21 -8.67 -27.32
N PHE B 1182 -4.03 -8.12 -27.02
CA PHE B 1182 -3.33 -7.33 -28.03
C PHE B 1182 -2.68 -8.23 -29.08
N LEU B 1183 -2.16 -9.39 -28.67
CA LEU B 1183 -1.35 -10.21 -29.57
C LEU B 1183 -2.17 -10.91 -30.65
N ALA B 1184 -3.50 -10.84 -30.60
CA ALA B 1184 -4.32 -11.57 -31.56
C ALA B 1184 -4.07 -11.10 -32.99
N THR B 1185 -3.93 -9.78 -33.19
CA THR B 1185 -3.77 -9.22 -34.52
C THR B 1185 -2.29 -9.24 -34.94
N GLU B 1186 -1.80 -10.46 -35.17
CA GLU B 1186 -0.42 -10.66 -35.59
C GLU B 1186 -0.36 -11.85 -36.55
N GLU B 1187 0.78 -11.98 -37.23
CA GLU B 1187 0.94 -13.01 -38.24
C GLU B 1187 0.97 -14.40 -37.62
N ASP B 1188 1.53 -14.54 -36.41
CA ASP B 1188 1.64 -15.83 -35.73
C ASP B 1188 0.90 -15.76 -34.41
N PRO B 1189 -0.38 -16.17 -34.39
CA PRO B 1189 -1.12 -16.21 -33.11
C PRO B 1189 -0.44 -17.07 -32.06
N LYS B 1190 0.18 -18.16 -32.46
CA LYS B 1190 0.83 -19.11 -31.55
C LYS B 1190 2.35 -18.98 -31.58
N GLN B 1191 2.86 -17.75 -31.69
CA GLN B 1191 4.30 -17.55 -31.76
C GLN B 1191 5.00 -18.05 -30.49
N TRP B 1192 4.40 -17.79 -29.33
CA TRP B 1192 4.93 -18.26 -28.06
C TRP B 1192 4.43 -19.66 -27.71
N LEU B 1193 4.00 -20.42 -28.70
CA LEU B 1193 3.47 -21.77 -28.53
C LEU B 1193 4.19 -22.75 -29.45
N ASN B 1194 5.53 -22.71 -29.41
CA ASN B 1194 6.34 -23.56 -30.29
C ASN B 1194 6.10 -25.04 -30.06
N MET B 1195 5.56 -25.42 -28.90
CA MET B 1195 5.24 -26.80 -28.60
C MET B 1195 3.78 -27.10 -28.95
N ASP B 1196 3.38 -28.35 -28.78
CA ASP B 1196 2.00 -28.73 -29.03
C ASP B 1196 1.07 -28.18 -27.95
N GLU B 1197 -0.22 -28.06 -28.31
CA GLU B 1197 -1.20 -27.56 -27.36
C GLU B 1197 -1.68 -28.61 -26.37
N ARG B 1198 -1.36 -29.89 -26.58
CA ARG B 1198 -1.96 -30.93 -25.75
C ARG B 1198 -1.34 -30.95 -24.36
N GLU B 1199 -0.02 -30.73 -24.25
CA GLU B 1199 0.57 -30.61 -22.93
C GLU B 1199 0.06 -29.39 -22.18
N MET B 1200 -0.13 -28.27 -22.87
CA MET B 1200 -0.72 -27.11 -22.20
C MET B 1200 -2.15 -27.37 -21.75
N GLU B 1201 -2.95 -28.06 -22.56
CA GLU B 1201 -4.33 -28.31 -22.13
C GLU B 1201 -4.36 -29.27 -20.94
N ASN B 1202 -3.47 -30.26 -20.92
CA ASN B 1202 -3.38 -31.13 -19.75
C ASN B 1202 -2.94 -30.34 -18.51
N ILE B 1203 -1.96 -29.45 -18.67
CA ILE B 1203 -1.48 -28.67 -17.53
C ILE B 1203 -2.58 -27.76 -16.99
N ILE B 1204 -3.30 -27.09 -17.88
CA ILE B 1204 -4.37 -26.20 -17.44
C ILE B 1204 -5.52 -27.00 -16.82
N ALA B 1205 -5.72 -28.25 -17.26
CA ALA B 1205 -6.67 -29.12 -16.58
C ALA B 1205 -6.20 -29.46 -15.18
N THR B 1206 -4.90 -29.72 -15.01
CA THR B 1206 -4.37 -30.03 -13.69
C THR B 1206 -4.40 -28.81 -12.77
N VAL B 1207 -4.17 -27.62 -13.34
CA VAL B 1207 -4.15 -26.40 -12.55
C VAL B 1207 -5.57 -26.08 -12.08
N ARG B 1208 -5.73 -25.87 -10.77
CA ARG B 1208 -7.03 -25.61 -10.18
C ARG B 1208 -7.40 -24.13 -10.10
N ASP B 1209 -6.47 -23.23 -10.45
CA ASP B 1209 -6.76 -21.81 -10.38
C ASP B 1209 -7.74 -21.41 -11.49
N SER B 1210 -8.70 -20.56 -11.15
CA SER B 1210 -9.74 -20.14 -12.07
C SER B 1210 -9.31 -19.02 -13.01
N ASN B 1211 -8.25 -18.29 -12.68
CA ASN B 1211 -7.78 -17.20 -13.53
C ASN B 1211 -6.70 -17.63 -14.51
N LEU B 1212 -5.99 -18.71 -14.20
CA LEU B 1212 -4.86 -19.14 -15.02
C LEU B 1212 -5.27 -19.65 -16.40
N LYS B 1213 -6.56 -19.86 -16.63
CA LYS B 1213 -7.01 -20.25 -17.96
C LYS B 1213 -6.74 -19.14 -18.96
N LEU B 1214 -6.46 -19.54 -20.21
CA LEU B 1214 -6.14 -18.69 -21.33
C LEU B 1214 -4.78 -18.01 -21.19
N THR B 1215 -4.03 -18.28 -20.13
CA THR B 1215 -2.69 -17.73 -19.96
C THR B 1215 -1.62 -18.80 -20.06
N LEU B 1216 -1.67 -19.84 -19.21
CA LEU B 1216 -0.80 -20.99 -19.40
C LEU B 1216 -1.25 -21.88 -20.55
N ALA B 1217 -2.51 -21.77 -20.96
CA ALA B 1217 -2.90 -22.35 -22.25
C ALA B 1217 -2.13 -21.67 -23.38
N PHE B 1218 -1.96 -20.36 -23.28
CA PHE B 1218 -1.06 -19.61 -24.14
C PHE B 1218 0.36 -19.72 -23.54
N GLY B 1219 1.28 -18.90 -24.04
CA GLY B 1219 2.62 -18.84 -23.50
C GLY B 1219 2.79 -17.97 -22.29
N ILE B 1220 1.75 -17.25 -21.86
CA ILE B 1220 1.87 -16.34 -20.73
C ILE B 1220 2.03 -17.14 -19.44
N GLY B 1221 3.02 -16.78 -18.63
CA GLY B 1221 3.27 -17.46 -17.38
C GLY B 1221 3.41 -16.47 -16.24
N MET B 1222 3.44 -17.03 -15.03
CA MET B 1222 3.61 -16.22 -13.83
C MET B 1222 3.99 -17.12 -12.66
N HIS B 1223 4.55 -16.50 -11.62
CA HIS B 1223 4.84 -17.18 -10.35
C HIS B 1223 4.51 -16.17 -9.24
N HIS B 1224 3.29 -16.27 -8.72
CA HIS B 1224 2.78 -15.33 -7.73
C HIS B 1224 2.49 -16.06 -6.43
N ALA B 1225 1.96 -15.31 -5.46
CA ALA B 1225 1.56 -15.87 -4.16
C ALA B 1225 0.24 -16.61 -4.34
N GLY B 1226 0.34 -17.81 -4.90
CA GLY B 1226 -0.83 -18.62 -5.17
C GLY B 1226 -0.42 -19.93 -5.78
N LEU B 1227 -1.43 -20.69 -6.21
CA LEU B 1227 -1.22 -22.01 -6.82
C LEU B 1227 -0.47 -22.96 -5.89
N HIS B 1228 -0.65 -22.75 -4.58
CA HIS B 1228 0.04 -23.45 -3.50
C HIS B 1228 1.53 -23.60 -3.76
N GLU B 1229 2.11 -22.69 -4.54
CA GLU B 1229 3.55 -22.55 -4.73
C GLU B 1229 4.24 -23.78 -5.34
N ARG B 1230 3.47 -24.80 -5.73
CA ARG B 1230 4.04 -26.00 -6.35
C ARG B 1230 3.75 -26.10 -7.83
N ASP B 1231 2.49 -25.91 -8.26
CA ASP B 1231 2.21 -25.96 -9.69
C ASP B 1231 2.85 -24.81 -10.43
N ARG B 1232 3.00 -23.64 -9.78
CA ARG B 1232 3.77 -22.57 -10.38
C ARG B 1232 5.25 -22.94 -10.46
N LYS B 1233 5.74 -23.79 -9.55
CA LYS B 1233 7.07 -24.34 -9.74
C LYS B 1233 7.12 -25.24 -10.96
N THR B 1234 6.04 -25.98 -11.23
CA THR B 1234 5.98 -26.78 -12.45
C THR B 1234 6.03 -25.91 -13.70
N VAL B 1235 5.30 -24.79 -13.69
CA VAL B 1235 5.36 -23.89 -14.84
C VAL B 1235 6.73 -23.19 -14.91
N GLU B 1236 7.40 -22.98 -13.78
CA GLU B 1236 8.77 -22.50 -13.81
C GLU B 1236 9.69 -23.52 -14.49
N GLU B 1237 9.51 -24.80 -14.18
CA GLU B 1237 10.27 -25.85 -14.85
C GLU B 1237 9.98 -25.84 -16.35
N LEU B 1238 8.70 -25.67 -16.71
CA LEU B 1238 8.34 -25.52 -18.12
C LEU B 1238 9.00 -24.29 -18.74
N PHE B 1239 9.26 -23.27 -17.94
CA PHE B 1239 9.96 -22.08 -18.41
C PHE B 1239 11.47 -22.26 -18.47
N VAL B 1240 12.00 -23.30 -17.81
CA VAL B 1240 13.44 -23.54 -17.84
C VAL B 1240 13.93 -23.73 -19.27
N ASN B 1241 13.21 -24.54 -20.04
CA ASN B 1241 13.48 -24.67 -21.47
C ASN B 1241 12.69 -23.60 -22.22
N CYS B 1242 12.56 -23.77 -23.54
CA CYS B 1242 12.02 -22.73 -24.41
C CYS B 1242 10.55 -22.96 -24.75
N LYS B 1243 9.76 -23.48 -23.81
CA LYS B 1243 8.36 -23.77 -24.09
C LYS B 1243 7.44 -22.60 -23.75
N VAL B 1244 7.47 -22.14 -22.50
CA VAL B 1244 6.57 -21.07 -22.08
C VAL B 1244 6.86 -19.78 -22.83
N GLN B 1245 8.14 -19.43 -22.97
CA GLN B 1245 8.62 -18.33 -23.81
C GLN B 1245 8.32 -16.94 -23.23
N VAL B 1246 7.52 -16.87 -22.16
CA VAL B 1246 7.27 -15.60 -21.49
C VAL B 1246 6.59 -15.85 -20.14
N LEU B 1247 6.94 -15.04 -19.14
CA LEU B 1247 6.26 -15.06 -17.86
C LEU B 1247 6.28 -13.66 -17.28
N ILE B 1248 5.38 -13.42 -16.32
CA ILE B 1248 5.31 -12.14 -15.61
C ILE B 1248 5.53 -12.42 -14.12
N ALA B 1249 6.42 -11.63 -13.51
CA ALA B 1249 6.73 -11.77 -12.09
C ALA B 1249 6.04 -10.69 -11.28
N THR B 1250 5.92 -10.93 -9.98
CA THR B 1250 5.26 -10.01 -9.07
C THR B 1250 6.22 -9.01 -8.42
N SER B 1251 7.49 -9.05 -8.78
CA SER B 1251 8.55 -8.18 -8.28
C SER B 1251 8.90 -8.45 -6.83
N THR B 1252 8.17 -9.32 -6.14
CA THR B 1252 8.50 -9.72 -4.78
C THR B 1252 9.26 -11.04 -4.72
N LEU B 1253 9.10 -11.89 -5.74
CA LEU B 1253 9.83 -13.14 -5.85
C LEU B 1253 11.12 -12.99 -6.65
N ALA B 1254 11.70 -11.80 -6.66
CA ALA B 1254 12.94 -11.57 -7.43
C ALA B 1254 14.09 -12.42 -6.91
N TRP B 1255 14.03 -12.85 -5.65
CA TRP B 1255 15.04 -13.74 -5.06
C TRP B 1255 14.46 -15.14 -4.99
N GLY B 1256 15.16 -16.11 -5.58
CA GLY B 1256 14.64 -17.47 -5.61
C GLY B 1256 15.39 -18.38 -6.56
N VAL B 1257 14.64 -19.08 -7.43
CA VAL B 1257 15.23 -20.07 -8.33
C VAL B 1257 16.21 -19.41 -9.28
N ASN B 1258 15.98 -18.16 -9.65
CA ASN B 1258 16.86 -17.41 -10.55
C ASN B 1258 17.00 -18.11 -11.91
N PHE B 1259 15.86 -18.46 -12.49
CA PHE B 1259 15.87 -19.06 -13.82
C PHE B 1259 16.29 -18.01 -14.86
N PRO B 1260 17.06 -18.40 -15.87
CA PRO B 1260 17.58 -17.43 -16.83
C PRO B 1260 16.53 -17.01 -17.85
N ALA B 1261 16.85 -15.94 -18.57
CA ALA B 1261 16.00 -15.41 -19.63
C ALA B 1261 16.89 -14.63 -20.59
N HIS B 1262 16.27 -13.95 -21.55
CA HIS B 1262 17.00 -13.20 -22.56
C HIS B 1262 16.68 -11.71 -22.57
N LEU B 1263 15.42 -11.34 -22.59
CA LEU B 1263 15.01 -9.94 -22.66
C LEU B 1263 14.10 -9.63 -21.49
N VAL B 1264 14.40 -8.54 -20.79
CA VAL B 1264 13.64 -8.11 -19.61
C VAL B 1264 13.26 -6.65 -19.79
N ILE B 1265 11.99 -6.33 -19.52
CA ILE B 1265 11.51 -4.96 -19.52
C ILE B 1265 11.14 -4.63 -18.08
N ILE B 1266 11.68 -3.52 -17.55
CA ILE B 1266 11.33 -3.11 -16.19
C ILE B 1266 10.11 -2.21 -16.30
N LYS B 1267 8.94 -2.84 -16.36
CA LYS B 1267 7.67 -2.15 -16.50
C LYS B 1267 7.07 -1.73 -15.16
N GLY B 1268 7.34 -2.47 -14.09
CA GLY B 1268 6.85 -2.10 -12.77
C GLY B 1268 7.96 -1.73 -11.83
N THR B 1269 8.07 -0.45 -11.48
CA THR B 1269 9.12 0.03 -10.60
C THR B 1269 8.61 0.72 -9.35
N GLU B 1270 7.34 1.13 -9.31
CA GLU B 1270 6.76 1.79 -8.15
C GLU B 1270 5.79 0.85 -7.46
N TYR B 1271 5.46 1.16 -6.20
CA TYR B 1271 4.45 0.39 -5.49
C TYR B 1271 3.82 1.27 -4.42
N TYR B 1272 2.51 1.10 -4.24
CA TYR B 1272 1.75 1.85 -3.25
C TYR B 1272 0.89 0.89 -2.43
N ASP B 1273 0.84 1.11 -1.13
CA ASP B 1273 0.07 0.26 -0.22
C ASP B 1273 -0.43 1.13 0.92
N GLY B 1274 -0.89 0.49 1.99
CA GLY B 1274 -1.37 1.17 3.18
C GLY B 1274 -0.29 1.59 4.16
N LYS B 1275 0.98 1.50 3.76
CA LYS B 1275 2.06 1.89 4.64
C LYS B 1275 2.13 3.41 4.79
N THR B 1276 2.01 4.14 3.67
CA THR B 1276 2.12 5.59 3.70
C THR B 1276 1.10 6.28 2.80
N ARG B 1277 0.09 5.57 2.31
CA ARG B 1277 -0.98 6.11 1.48
C ARG B 1277 -0.45 6.72 0.18
N ARG B 1278 0.76 6.36 -0.25
CA ARG B 1278 1.32 6.95 -1.46
C ARG B 1278 2.30 5.98 -2.09
N TYR B 1279 2.57 6.22 -3.38
CA TYR B 1279 3.50 5.39 -4.12
C TYR B 1279 4.95 5.70 -3.75
N VAL B 1280 5.77 4.66 -3.72
CA VAL B 1280 7.19 4.77 -3.42
C VAL B 1280 7.95 3.89 -4.42
N ASP B 1281 9.16 4.33 -4.77
CA ASP B 1281 9.97 3.63 -5.75
C ASP B 1281 10.59 2.37 -5.15
N PHE B 1282 10.91 1.42 -6.03
CA PHE B 1282 11.68 0.26 -5.62
C PHE B 1282 13.10 0.68 -5.27
N PRO B 1283 13.77 -0.04 -4.37
CA PRO B 1283 15.18 0.23 -4.12
C PRO B 1283 16.00 0.06 -5.39
N ILE B 1284 16.97 0.96 -5.58
CA ILE B 1284 17.79 0.93 -6.79
C ILE B 1284 18.62 -0.35 -6.85
N THR B 1285 19.15 -0.78 -5.71
CA THR B 1285 19.87 -2.05 -5.67
C THR B 1285 18.94 -3.22 -5.99
N ASP B 1286 17.71 -3.16 -5.48
CA ASP B 1286 16.73 -4.19 -5.77
C ASP B 1286 16.44 -4.26 -7.26
N VAL B 1287 16.25 -3.10 -7.90
CA VAL B 1287 16.00 -3.07 -9.34
C VAL B 1287 17.21 -3.60 -10.10
N LEU B 1288 18.41 -3.21 -9.70
CA LEU B 1288 19.62 -3.67 -10.37
C LEU B 1288 19.74 -5.19 -10.31
N GLN B 1289 19.64 -5.76 -9.11
CA GLN B 1289 19.76 -7.21 -8.97
C GLN B 1289 18.64 -7.92 -9.70
N MET B 1290 17.42 -7.38 -9.62
CA MET B 1290 16.26 -8.01 -10.24
C MET B 1290 16.40 -8.05 -11.76
N MET B 1291 16.89 -6.96 -12.36
CA MET B 1291 17.09 -6.92 -13.80
C MET B 1291 18.30 -7.76 -14.23
N GLY B 1292 19.31 -7.89 -13.38
CA GLY B 1292 20.48 -8.65 -13.73
C GLY B 1292 20.29 -10.13 -13.91
N ARG B 1293 19.09 -10.65 -13.67
CA ARG B 1293 18.82 -12.07 -13.88
C ARG B 1293 18.86 -12.47 -15.35
N ALA B 1294 18.86 -11.50 -16.27
CA ALA B 1294 18.86 -11.82 -17.69
C ALA B 1294 20.17 -12.47 -18.12
N GLY B 1295 20.09 -13.29 -19.15
CA GLY B 1295 21.25 -13.91 -19.73
C GLY B 1295 21.37 -15.38 -19.37
N ARG B 1296 22.02 -16.14 -20.25
CA ARG B 1296 22.28 -17.56 -20.04
C ARG B 1296 23.48 -17.98 -20.88
N PRO B 1297 24.51 -18.56 -20.26
CA PRO B 1297 25.76 -18.84 -21.00
C PRO B 1297 25.61 -19.86 -22.12
N GLN B 1298 24.57 -20.72 -22.08
CA GLN B 1298 24.46 -21.80 -23.04
C GLN B 1298 23.27 -21.69 -23.98
N PHE B 1299 22.32 -20.79 -23.72
CA PHE B 1299 21.16 -20.63 -24.59
C PHE B 1299 21.08 -19.26 -25.24
N ASP B 1300 22.01 -18.35 -24.95
CA ASP B 1300 21.96 -17.01 -25.52
C ASP B 1300 23.38 -16.47 -25.64
N ASP B 1301 23.52 -15.44 -26.47
CA ASP B 1301 24.80 -14.77 -26.68
C ASP B 1301 24.93 -13.52 -25.83
N GLN B 1302 23.85 -12.78 -25.61
CA GLN B 1302 23.89 -11.55 -24.83
C GLN B 1302 22.55 -11.37 -24.12
N GLY B 1303 22.57 -10.57 -23.05
CA GLY B 1303 21.36 -10.26 -22.30
C GLY B 1303 20.82 -8.90 -22.69
N LYS B 1304 19.50 -8.81 -22.76
CA LYS B 1304 18.81 -7.60 -23.19
C LYS B 1304 17.84 -7.14 -22.11
N ALA B 1305 17.81 -5.83 -21.87
CA ALA B 1305 16.86 -5.24 -20.94
C ALA B 1305 16.58 -3.81 -21.36
N VAL B 1306 15.34 -3.37 -21.11
CA VAL B 1306 14.96 -1.99 -21.39
C VAL B 1306 14.16 -1.44 -20.22
N ILE B 1307 14.10 -0.12 -20.16
CA ILE B 1307 13.49 0.61 -19.05
C ILE B 1307 12.18 1.24 -19.54
N LEU B 1308 11.12 1.05 -18.76
CA LEU B 1308 9.80 1.60 -19.05
C LEU B 1308 9.33 2.35 -17.80
N VAL B 1309 9.72 3.61 -17.71
CA VAL B 1309 9.35 4.47 -16.58
C VAL B 1309 9.07 5.87 -17.11
N HIS B 1310 8.38 6.67 -16.29
CA HIS B 1310 8.02 8.02 -16.69
C HIS B 1310 9.27 8.91 -16.77
N ASP B 1311 9.14 9.99 -17.55
CA ASP B 1311 10.31 10.76 -17.96
C ASP B 1311 10.98 11.47 -16.79
N ILE B 1312 10.21 11.89 -15.78
CA ILE B 1312 10.78 12.71 -14.72
C ILE B 1312 11.84 11.96 -13.92
N LYS B 1313 11.78 10.64 -13.87
CA LYS B 1313 12.80 9.84 -13.20
C LYS B 1313 13.58 8.94 -14.15
N LYS B 1314 13.32 9.02 -15.46
CA LYS B 1314 14.11 8.25 -16.41
C LYS B 1314 15.56 8.71 -16.39
N ASP B 1315 15.79 10.03 -16.27
CA ASP B 1315 17.15 10.53 -16.17
C ASP B 1315 17.84 10.03 -14.91
N PHE B 1316 17.11 9.99 -13.78
CA PHE B 1316 17.67 9.47 -12.55
C PHE B 1316 18.04 7.99 -12.69
N TYR B 1317 17.16 7.21 -13.30
CA TYR B 1317 17.47 5.79 -13.54
C TYR B 1317 18.69 5.65 -14.43
N LYS B 1318 18.75 6.41 -15.52
CA LYS B 1318 19.92 6.36 -16.40
C LYS B 1318 21.18 6.74 -15.65
N LYS B 1319 21.08 7.67 -14.70
CA LYS B 1319 22.23 8.00 -13.87
C LYS B 1319 22.65 6.82 -13.01
N PHE B 1320 21.67 6.09 -12.45
CA PHE B 1320 21.99 5.00 -11.53
C PHE B 1320 21.99 3.62 -12.16
N LEU B 1321 21.48 3.47 -13.38
CA LEU B 1321 21.49 2.15 -14.02
C LEU B 1321 22.87 1.74 -14.51
N TYR B 1322 23.79 2.67 -14.70
CA TYR B 1322 25.17 2.37 -15.07
C TYR B 1322 26.15 2.60 -13.93
N GLU B 1323 26.05 3.73 -13.23
CA GLU B 1323 26.93 4.00 -12.11
C GLU B 1323 26.54 3.13 -10.92
N PRO B 1324 27.49 2.44 -10.29
CA PRO B 1324 27.15 1.62 -9.12
C PRO B 1324 26.58 2.49 -8.00
N PHE B 1325 25.61 1.92 -7.27
CA PHE B 1325 24.95 2.66 -6.20
C PHE B 1325 25.74 2.54 -4.91
N PRO B 1326 26.11 3.66 -4.28
CA PRO B 1326 26.80 3.57 -2.99
C PRO B 1326 25.89 3.01 -1.91
N VAL B 1327 26.50 2.31 -0.95
CA VAL B 1327 25.80 1.64 0.13
C VAL B 1327 26.08 2.41 1.42
N GLU B 1328 25.01 2.67 2.19
CA GLU B 1328 25.10 3.45 3.41
C GLU B 1328 24.46 2.69 4.56
N SER B 1329 25.03 2.85 5.75
CA SER B 1329 24.54 2.12 6.92
C SER B 1329 23.17 2.63 7.35
N SER B 1330 22.39 1.74 7.96
CA SER B 1330 21.08 2.05 8.51
C SER B 1330 20.96 1.50 9.93
N LEU B 1331 22.07 1.56 10.68
CA LEU B 1331 22.10 1.00 12.03
C LEU B 1331 21.34 1.84 13.03
N LEU B 1332 21.15 3.14 12.74
CA LEU B 1332 20.59 4.04 13.75
C LEU B 1332 19.17 3.64 14.16
N GLY B 1333 18.35 3.23 13.18
CA GLY B 1333 16.95 2.96 13.45
C GLY B 1333 16.71 1.91 14.52
N VAL B 1334 17.66 1.00 14.73
CA VAL B 1334 17.53 -0.02 15.76
C VAL B 1334 18.76 0.01 16.65
N LEU B 1335 19.50 1.13 16.61
CA LEU B 1335 20.77 1.22 17.33
C LEU B 1335 20.61 0.91 18.81
N SER B 1336 19.48 1.31 19.40
CA SER B 1336 19.24 1.01 20.80
C SER B 1336 19.14 -0.50 21.03
N ASP B 1337 18.34 -1.18 20.22
CA ASP B 1337 18.00 -2.57 20.49
C ASP B 1337 19.25 -3.44 20.62
N HIS B 1338 20.12 -3.38 19.61
CA HIS B 1338 21.36 -4.16 19.65
C HIS B 1338 22.17 -3.80 20.89
N LEU B 1339 22.27 -2.51 21.21
CA LEU B 1339 23.01 -2.08 22.38
C LEU B 1339 22.49 -2.79 23.63
N ASN B 1340 21.18 -3.01 23.70
CA ASN B 1340 20.61 -3.73 24.85
C ASN B 1340 21.31 -5.06 25.05
N ALA B 1341 21.43 -5.85 23.97
CA ALA B 1341 22.14 -7.12 24.09
C ALA B 1341 23.55 -6.89 24.63
N GLU B 1342 24.27 -5.92 24.05
CA GLU B 1342 25.64 -5.66 24.43
C GLU B 1342 25.77 -5.07 25.83
N ILE B 1343 24.66 -4.63 26.44
CA ILE B 1343 24.70 -4.25 27.84
C ILE B 1343 24.10 -5.34 28.73
N ALA B 1344 23.29 -6.23 28.18
CA ALA B 1344 22.76 -7.34 28.96
C ALA B 1344 23.80 -8.43 29.18
N GLY B 1345 24.68 -8.64 28.21
CA GLY B 1345 25.70 -9.68 28.30
C GLY B 1345 26.93 -9.31 29.08
N GLY B 1346 27.00 -8.08 29.61
CA GLY B 1346 28.15 -7.65 30.37
C GLY B 1346 29.32 -7.14 29.56
N THR B 1347 29.20 -7.09 28.23
CA THR B 1347 30.28 -6.56 27.41
C THR B 1347 30.48 -5.07 27.60
N ILE B 1348 29.49 -4.37 28.15
CA ILE B 1348 29.54 -2.93 28.34
C ILE B 1348 29.37 -2.64 29.82
N THR B 1349 30.19 -1.73 30.34
CA THR B 1349 30.15 -1.36 31.75
C THR B 1349 29.69 0.08 31.95
N SER B 1350 30.34 1.04 31.31
CA SER B 1350 30.07 2.45 31.48
C SER B 1350 29.48 3.02 30.19
N LYS B 1351 29.31 4.35 30.16
CA LYS B 1351 28.89 5.02 28.93
C LYS B 1351 30.04 5.21 27.96
N GLN B 1352 31.26 5.41 28.46
CA GLN B 1352 32.39 5.71 27.59
C GLN B 1352 32.75 4.51 26.73
N ASP B 1353 32.83 3.32 27.32
CA ASP B 1353 33.09 2.13 26.52
C ASP B 1353 31.92 1.81 25.61
N ALA B 1354 30.70 2.13 26.03
CA ALA B 1354 29.55 1.98 25.15
C ALA B 1354 29.71 2.85 23.91
N LEU B 1355 30.22 4.07 24.09
CA LEU B 1355 30.47 4.95 22.94
C LEU B 1355 31.58 4.39 22.07
N ASP B 1356 32.72 4.04 22.66
CA ASP B 1356 33.86 3.63 21.84
C ASP B 1356 33.69 2.24 21.24
N TYR B 1357 32.67 1.49 21.66
CA TYR B 1357 32.36 0.24 20.98
C TYR B 1357 31.93 0.48 19.54
N ILE B 1358 31.16 1.55 19.30
CA ILE B 1358 30.58 1.81 17.99
C ILE B 1358 31.63 2.05 16.91
N THR B 1359 32.90 2.21 17.30
CA THR B 1359 33.96 2.37 16.31
C THR B 1359 34.07 1.14 15.40
N TRP B 1360 33.71 -0.04 15.92
CA TRP B 1360 33.78 -1.26 15.15
C TRP B 1360 32.69 -1.37 14.09
N THR B 1361 31.69 -0.50 14.13
CA THR B 1361 30.55 -0.59 13.23
C THR B 1361 30.81 0.15 11.93
N TYR B 1362 30.19 -0.34 10.85
CA TYR B 1362 30.34 0.30 9.55
C TYR B 1362 29.72 1.69 9.53
N PHE B 1363 28.74 1.94 10.41
CA PHE B 1363 28.14 3.27 10.48
C PHE B 1363 29.16 4.32 10.85
N PHE B 1364 30.05 3.99 11.80
CA PHE B 1364 31.11 4.94 12.17
C PHE B 1364 32.04 5.20 11.00
N ARG B 1365 32.37 4.16 10.22
CA ARG B 1365 33.23 4.35 9.06
C ARG B 1365 32.57 5.24 8.02
N ARG B 1366 31.27 5.01 7.75
CA ARG B 1366 30.57 5.76 6.71
C ARG B 1366 30.21 7.18 7.15
N LEU B 1367 30.14 7.44 8.46
CA LEU B 1367 29.74 8.75 8.93
C LEU B 1367 30.76 9.83 8.53
N ILE B 1368 32.05 9.51 8.63
CA ILE B 1368 33.08 10.48 8.30
C ILE B 1368 33.04 10.84 6.82
N MET B 1369 32.89 9.84 5.95
CA MET B 1369 32.95 10.09 4.52
C MET B 1369 31.68 10.76 4.00
N ASN B 1370 30.54 10.47 4.62
CA ASN B 1370 29.24 11.02 4.21
C ASN B 1370 28.56 11.62 5.43
N PRO B 1371 29.02 12.79 5.88
CA PRO B 1371 28.47 13.37 7.11
C PRO B 1371 27.05 13.89 6.93
N SER B 1372 26.82 14.65 5.86
CA SER B 1372 25.52 15.30 5.67
C SER B 1372 24.38 14.31 5.54
N TYR B 1373 24.67 13.06 5.16
CA TYR B 1373 23.63 12.05 5.11
C TYR B 1373 23.10 11.73 6.50
N TYR B 1374 23.98 11.71 7.50
CA TYR B 1374 23.62 11.37 8.87
C TYR B 1374 23.32 12.61 9.72
N ASN B 1375 22.96 13.73 9.09
CA ASN B 1375 22.61 14.99 9.74
C ASN B 1375 23.76 15.56 10.56
N LEU B 1376 24.98 15.08 10.38
CA LEU B 1376 26.11 15.61 11.10
C LEU B 1376 26.53 16.96 10.54
N GLY B 1377 26.93 17.87 11.43
CA GLY B 1377 27.25 19.22 11.03
C GLY B 1377 28.61 19.38 10.38
N ASP B 1378 29.67 19.12 11.14
CA ASP B 1378 31.03 19.33 10.66
C ASP B 1378 31.90 18.13 11.01
N VAL B 1379 32.89 17.86 10.14
CA VAL B 1379 33.77 16.71 10.32
C VAL B 1379 34.79 16.92 11.45
N SER B 1380 34.77 18.07 12.11
CA SER B 1380 35.71 18.32 13.20
C SER B 1380 35.49 17.33 14.33
N HIS B 1381 36.57 17.06 15.07
CA HIS B 1381 36.52 16.02 16.10
C HIS B 1381 35.49 16.34 17.17
N ASP B 1382 35.43 17.61 17.61
CA ASP B 1382 34.45 17.98 18.62
C ASP B 1382 33.02 17.77 18.10
N SER B 1383 32.76 18.16 16.86
CA SER B 1383 31.41 18.01 16.32
C SER B 1383 30.99 16.55 16.24
N VAL B 1384 31.87 15.70 15.71
CA VAL B 1384 31.50 14.30 15.52
C VAL B 1384 31.36 13.60 16.87
N ASN B 1385 32.27 13.86 17.81
CA ASN B 1385 32.17 13.17 19.10
C ASN B 1385 30.96 13.67 19.89
N LYS B 1386 30.64 14.97 19.77
CA LYS B 1386 29.43 15.48 20.40
C LYS B 1386 28.17 14.86 19.81
N PHE B 1387 28.12 14.72 18.47
CA PHE B 1387 26.97 14.10 17.85
C PHE B 1387 26.81 12.65 18.27
N LEU B 1388 27.93 11.91 18.30
CA LEU B 1388 27.87 10.52 18.73
C LEU B 1388 27.42 10.40 20.18
N SER B 1389 27.95 11.27 21.05
CA SER B 1389 27.55 11.25 22.45
C SER B 1389 26.07 11.56 22.60
N HIS B 1390 25.57 12.55 21.86
CA HIS B 1390 24.16 12.91 21.94
C HIS B 1390 23.28 11.76 21.48
N LEU B 1391 23.63 11.13 20.35
CA LEU B 1391 22.83 10.03 19.84
C LEU B 1391 22.82 8.85 20.80
N ILE B 1392 23.98 8.49 21.33
CA ILE B 1392 24.05 7.35 22.24
C ILE B 1392 23.35 7.67 23.54
N GLU B 1393 23.44 8.91 24.01
CA GLU B 1393 22.71 9.31 25.21
C GLU B 1393 21.21 9.24 24.99
N LYS B 1394 20.73 9.65 23.81
CA LYS B 1394 19.31 9.53 23.51
C LYS B 1394 18.87 8.06 23.51
N SER B 1395 19.69 7.20 22.90
CA SER B 1395 19.36 5.77 22.90
C SER B 1395 19.33 5.21 24.31
N LEU B 1396 20.30 5.61 25.15
CA LEU B 1396 20.33 5.13 26.53
C LEU B 1396 19.14 5.66 27.32
N ILE B 1397 18.73 6.90 27.07
CA ILE B 1397 17.53 7.45 27.73
C ILE B 1397 16.30 6.65 27.34
N GLU B 1398 16.17 6.32 26.05
CA GLU B 1398 15.06 5.49 25.61
C GLU B 1398 15.09 4.12 26.27
N LEU B 1399 16.29 3.52 26.37
CA LEU B 1399 16.42 2.23 27.02
C LEU B 1399 16.01 2.31 28.49
N GLU B 1400 16.43 3.36 29.19
CA GLU B 1400 16.06 3.53 30.58
C GLU B 1400 14.55 3.72 30.73
N LEU B 1401 13.94 4.51 29.84
CA LEU B 1401 12.49 4.66 29.85
C LEU B 1401 11.79 3.34 29.51
N SER B 1402 12.50 2.40 28.88
CA SER B 1402 11.96 1.07 28.62
C SER B 1402 12.19 0.11 29.78
N TYR B 1403 12.66 0.62 30.93
CA TYR B 1403 12.91 -0.20 32.12
C TYR B 1403 13.91 -1.32 31.82
N CYS B 1404 15.02 -0.98 31.19
CA CYS B 1404 16.05 -1.95 30.85
C CYS B 1404 17.42 -1.62 31.44
N ILE B 1405 17.73 -0.35 31.66
CA ILE B 1405 19.05 0.07 32.10
C ILE B 1405 18.93 0.88 33.39
N GLU B 1406 19.96 0.78 34.21
CA GLU B 1406 20.10 1.61 35.41
C GLU B 1406 21.35 2.47 35.25
N ILE B 1407 21.17 3.78 35.34
CA ILE B 1407 22.28 4.70 35.10
C ILE B 1407 23.03 5.04 36.39
N GLY B 1408 22.37 4.96 37.55
CA GLY B 1408 23.02 5.21 38.81
C GLY B 1408 23.23 6.69 39.10
N GLU B 1409 23.60 6.97 40.35
CA GLU B 1409 23.81 8.35 40.76
C GLU B 1409 24.99 8.97 40.01
N ASP B 1410 26.05 8.19 39.80
CA ASP B 1410 27.21 8.70 39.06
C ASP B 1410 26.83 9.06 37.63
N ASN B 1411 25.81 8.41 37.08
CA ASN B 1411 25.26 8.62 35.74
C ASN B 1411 26.23 8.22 34.63
N ARG B 1412 27.43 7.76 34.96
CA ARG B 1412 28.42 7.36 33.96
C ARG B 1412 28.61 5.85 33.90
N SER B 1413 27.81 5.08 34.64
CA SER B 1413 27.91 3.62 34.64
C SER B 1413 26.51 3.05 34.43
N ILE B 1414 26.34 2.30 33.35
CA ILE B 1414 25.05 1.75 32.97
C ILE B 1414 25.01 0.28 33.38
N GLU B 1415 24.02 -0.10 34.21
CA GLU B 1415 23.81 -1.45 34.66
C GLU B 1415 22.56 -2.05 34.03
N PRO B 1416 22.63 -3.28 33.53
CA PRO B 1416 21.44 -3.90 32.93
C PRO B 1416 20.41 -4.25 33.98
N LEU B 1417 19.15 -4.30 33.55
CA LEU B 1417 18.04 -4.72 34.38
C LEU B 1417 17.54 -6.09 33.92
N THR B 1418 16.70 -6.70 34.77
CA THR B 1418 16.17 -8.02 34.46
C THR B 1418 15.26 -7.99 33.23
N TYR B 1419 14.44 -6.94 33.10
CA TYR B 1419 13.57 -6.85 31.94
C TYR B 1419 14.37 -6.69 30.65
N GLY B 1420 15.41 -5.84 30.67
CA GLY B 1420 16.26 -5.71 29.51
C GLY B 1420 17.02 -6.99 29.20
N ARG B 1421 17.44 -7.71 30.24
CA ARG B 1421 18.07 -9.01 30.06
C ARG B 1421 17.12 -9.99 29.39
N ILE B 1422 15.86 -10.03 29.82
CA ILE B 1422 14.87 -10.91 29.22
C ILE B 1422 14.65 -10.54 27.76
N ALA B 1423 14.56 -9.24 27.48
CA ALA B 1423 14.37 -8.79 26.10
C ALA B 1423 15.56 -9.19 25.23
N SER B 1424 16.77 -9.04 25.76
CA SER B 1424 17.96 -9.43 25.00
C SER B 1424 17.99 -10.93 24.73
N TYR B 1425 17.61 -11.74 25.71
CA TYR B 1425 17.65 -13.18 25.52
C TYR B 1425 16.71 -13.63 24.40
N TYR B 1426 15.52 -13.05 24.33
CA TYR B 1426 14.49 -13.49 23.41
C TYR B 1426 14.46 -12.67 22.12
N TYR B 1427 15.54 -11.94 21.82
CA TYR B 1427 15.65 -11.15 20.59
C TYR B 1427 14.49 -10.16 20.48
N LEU B 1428 14.44 -9.25 21.45
CA LEU B 1428 13.34 -8.30 21.57
C LEU B 1428 13.88 -6.87 21.39
N LYS B 1429 13.00 -5.89 21.61
CA LYS B 1429 13.32 -4.49 21.45
C LYS B 1429 12.94 -3.75 22.72
N HIS B 1430 13.40 -2.49 22.81
CA HIS B 1430 13.06 -1.69 23.99
C HIS B 1430 11.59 -1.31 24.00
N GLN B 1431 11.05 -0.94 22.84
CA GLN B 1431 9.67 -0.43 22.78
C GLN B 1431 8.64 -1.53 23.03
N THR B 1432 9.01 -2.80 22.87
CA THR B 1432 8.08 -3.87 23.18
C THR B 1432 8.19 -4.34 24.62
N VAL B 1433 9.42 -4.41 25.17
CA VAL B 1433 9.55 -4.79 26.57
C VAL B 1433 9.01 -3.70 27.49
N LYS B 1434 9.11 -2.43 27.07
CA LYS B 1434 8.53 -1.36 27.85
C LYS B 1434 7.02 -1.53 27.98
N MET B 1435 6.34 -1.78 26.86
CA MET B 1435 4.90 -2.03 26.90
C MET B 1435 4.57 -3.33 27.63
N PHE B 1436 5.45 -4.33 27.54
CA PHE B 1436 5.28 -5.56 28.31
C PHE B 1436 5.22 -5.27 29.80
N LYS B 1437 6.20 -4.51 30.30
CA LYS B 1437 6.20 -4.16 31.72
C LYS B 1437 5.03 -3.26 32.07
N ASP B 1438 4.66 -2.35 31.17
CA ASP B 1438 3.61 -1.39 31.46
C ASP B 1438 2.25 -2.06 31.62
N ARG B 1439 1.88 -2.92 30.67
CA ARG B 1439 0.53 -3.47 30.63
C ARG B 1439 0.47 -4.94 31.07
N LEU B 1440 1.38 -5.38 31.93
CA LEU B 1440 1.28 -6.68 32.57
C LEU B 1440 0.97 -6.49 34.04
N LYS B 1441 -0.16 -7.02 34.49
CA LYS B 1441 -0.67 -6.84 35.83
C LYS B 1441 -1.05 -8.20 36.42
N PRO B 1442 -1.04 -8.32 37.74
CA PRO B 1442 -1.42 -9.60 38.37
C PRO B 1442 -2.88 -9.93 38.13
N GLU B 1443 -3.16 -11.23 38.11
CA GLU B 1443 -4.52 -11.76 37.98
C GLU B 1443 -5.18 -11.31 36.67
N CYS B 1444 -4.45 -11.42 35.57
CA CYS B 1444 -5.03 -11.15 34.27
C CYS B 1444 -5.62 -12.43 33.68
N SER B 1445 -6.55 -12.27 32.75
CA SER B 1445 -7.20 -13.39 32.09
C SER B 1445 -6.72 -13.52 30.65
N THR B 1446 -7.01 -14.67 30.05
CA THR B 1446 -6.37 -15.06 28.79
C THR B 1446 -6.57 -14.03 27.68
N GLU B 1447 -7.72 -13.34 27.66
CA GLU B 1447 -7.91 -12.32 26.64
C GLU B 1447 -6.95 -11.16 26.84
N GLU B 1448 -6.62 -10.84 28.10
CA GLU B 1448 -5.60 -9.82 28.34
C GLU B 1448 -4.22 -10.28 27.87
N LEU B 1449 -3.90 -11.58 28.02
CA LEU B 1449 -2.65 -12.08 27.46
C LEU B 1449 -2.64 -11.99 25.95
N LEU B 1450 -3.77 -12.27 25.30
CA LEU B 1450 -3.85 -12.11 23.86
C LEU B 1450 -3.66 -10.65 23.46
N SER B 1451 -4.26 -9.73 24.22
CA SER B 1451 -4.12 -8.31 23.93
C SER B 1451 -2.68 -7.85 24.07
N ILE B 1452 -2.00 -8.26 25.16
CA ILE B 1452 -0.60 -7.88 25.34
C ILE B 1452 0.27 -8.55 24.28
N LEU B 1453 -0.15 -9.72 23.79
CA LEU B 1453 0.54 -10.35 22.66
C LEU B 1453 0.40 -9.51 21.40
N SER B 1454 -0.78 -8.89 21.21
CA SER B 1454 -1.08 -8.23 19.94
C SER B 1454 -0.13 -7.06 19.68
N ASP B 1455 0.12 -6.24 20.69
CA ASP B 1455 0.84 -4.98 20.49
C ASP B 1455 2.36 -5.13 20.57
N ALA B 1456 2.89 -6.33 20.37
CA ALA B 1456 4.34 -6.49 20.29
C ALA B 1456 4.88 -5.75 19.08
N GLU B 1457 5.95 -4.97 19.29
CA GLU B 1457 6.48 -4.14 18.22
C GLU B 1457 7.24 -4.93 17.17
N GLU B 1458 7.62 -6.18 17.46
CA GLU B 1458 8.21 -7.03 16.43
C GLU B 1458 7.25 -7.26 15.27
N TYR B 1459 5.96 -7.03 15.48
CA TYR B 1459 4.94 -7.15 14.46
C TYR B 1459 4.81 -5.89 13.61
N THR B 1460 5.62 -4.87 13.89
CA THR B 1460 5.55 -3.62 13.12
C THR B 1460 5.90 -3.85 11.65
N ASP B 1461 6.91 -4.69 11.40
CA ASP B 1461 7.38 -4.92 10.03
C ASP B 1461 6.38 -5.69 9.17
N LEU B 1462 5.30 -6.20 9.76
CA LEU B 1462 4.27 -6.91 8.99
C LEU B 1462 3.67 -5.96 7.96
N PRO B 1463 3.66 -6.33 6.68
CA PRO B 1463 3.24 -5.40 5.63
C PRO B 1463 1.72 -5.42 5.44
N VAL B 1464 1.27 -4.59 4.51
CA VAL B 1464 -0.14 -4.49 4.14
C VAL B 1464 -0.25 -4.57 2.62
N ARG B 1465 -1.44 -4.94 2.16
CA ARG B 1465 -1.67 -5.18 0.74
C ARG B 1465 -2.59 -4.14 0.11
N HIS B 1466 -2.76 -2.98 0.77
CA HIS B 1466 -3.58 -1.87 0.30
C HIS B 1466 -5.06 -2.27 0.19
N ASN B 1467 -5.38 -3.51 0.53
CA ASN B 1467 -6.74 -4.01 0.52
C ASN B 1467 -7.10 -4.81 1.76
N GLU B 1468 -6.14 -5.09 2.65
CA GLU B 1468 -6.40 -5.94 3.81
C GLU B 1468 -7.46 -5.37 4.74
N ASP B 1469 -7.72 -4.06 4.67
CA ASP B 1469 -8.68 -3.43 5.57
C ASP B 1469 -10.08 -4.02 5.42
N HIS B 1470 -10.37 -4.63 4.28
CA HIS B 1470 -11.69 -5.24 4.07
C HIS B 1470 -11.76 -6.67 4.60
N MET B 1471 -10.80 -7.53 4.23
CA MET B 1471 -10.89 -8.91 4.69
C MET B 1471 -10.62 -9.02 6.18
N ASN B 1472 -9.72 -8.22 6.74
CA ASN B 1472 -9.51 -8.27 8.19
C ASN B 1472 -10.76 -7.82 8.92
N SER B 1473 -11.46 -6.81 8.40
CA SER B 1473 -12.70 -6.35 9.01
C SER B 1473 -13.78 -7.43 8.93
N GLU B 1474 -13.92 -8.09 7.78
CA GLU B 1474 -14.99 -9.07 7.65
C GLU B 1474 -14.69 -10.33 8.44
N LEU B 1475 -13.42 -10.72 8.57
CA LEU B 1475 -13.07 -11.88 9.39
C LEU B 1475 -13.02 -11.54 10.88
N ALA B 1476 -13.07 -10.26 11.24
CA ALA B 1476 -13.13 -9.89 12.65
C ALA B 1476 -14.38 -10.41 13.31
N LYS B 1477 -15.46 -10.60 12.55
CA LYS B 1477 -16.67 -11.19 13.08
C LYS B 1477 -16.48 -12.69 13.30
N CYS B 1478 -17.52 -13.33 13.83
CA CYS B 1478 -17.52 -14.77 14.12
C CYS B 1478 -16.28 -15.20 14.90
N LEU B 1479 -15.78 -14.32 15.75
CA LEU B 1479 -14.60 -14.57 16.56
C LEU B 1479 -14.92 -14.31 18.02
N PRO B 1480 -14.28 -15.03 18.94
CA PRO B 1480 -14.60 -14.85 20.37
C PRO B 1480 -14.37 -13.44 20.89
N ILE B 1481 -13.32 -12.75 20.42
CA ILE B 1481 -13.01 -11.40 20.85
C ILE B 1481 -12.85 -10.50 19.63
N GLU B 1482 -12.89 -9.19 19.87
CA GLU B 1482 -12.83 -8.20 18.81
C GLU B 1482 -11.83 -7.11 19.19
N SER B 1483 -11.30 -6.46 18.17
CA SER B 1483 -10.33 -5.38 18.32
C SER B 1483 -10.99 -4.03 17.99
N ASN B 1484 -10.17 -2.99 17.97
CA ASN B 1484 -10.69 -1.65 17.67
C ASN B 1484 -11.15 -1.57 16.23
N PRO B 1485 -12.40 -1.20 15.96
CA PRO B 1485 -12.86 -1.10 14.57
C PRO B 1485 -12.14 -0.04 13.76
N HIS B 1486 -11.52 0.95 14.40
CA HIS B 1486 -10.84 2.03 13.70
C HIS B 1486 -9.36 1.76 13.47
N SER B 1487 -8.86 0.59 13.87
CA SER B 1487 -7.45 0.26 13.73
C SER B 1487 -7.24 -0.96 12.83
N PHE B 1488 -8.16 -1.19 11.90
CA PHE B 1488 -8.05 -2.34 11.00
C PHE B 1488 -6.83 -2.23 10.08
N ASP B 1489 -6.31 -1.03 9.86
CA ASP B 1489 -5.11 -0.86 9.05
C ASP B 1489 -3.83 -1.01 9.84
N SER B 1490 -3.92 -1.08 11.16
CA SER B 1490 -2.72 -1.22 11.99
C SER B 1490 -2.13 -2.61 11.82
N PRO B 1491 -0.84 -2.73 11.55
CA PRO B 1491 -0.24 -4.08 11.43
C PRO B 1491 -0.36 -4.89 12.71
N HIS B 1492 -0.32 -4.25 13.88
CA HIS B 1492 -0.48 -4.98 15.13
C HIS B 1492 -1.88 -5.59 15.22
N THR B 1493 -2.91 -4.84 14.82
CA THR B 1493 -4.26 -5.38 14.81
C THR B 1493 -4.40 -6.53 13.81
N LYS B 1494 -3.77 -6.40 12.65
CA LYS B 1494 -3.80 -7.49 11.67
C LYS B 1494 -3.13 -8.73 12.22
N ALA B 1495 -2.01 -8.57 12.92
CA ALA B 1495 -1.33 -9.72 13.53
C ALA B 1495 -2.18 -10.32 14.64
N HIS B 1496 -2.89 -9.49 15.41
CA HIS B 1496 -3.80 -9.99 16.44
C HIS B 1496 -4.90 -10.83 15.81
N LEU B 1497 -5.48 -10.33 14.70
CA LEU B 1497 -6.52 -11.09 14.01
C LEU B 1497 -5.97 -12.39 13.46
N LEU B 1498 -4.74 -12.36 12.94
CA LEU B 1498 -4.10 -13.58 12.43
C LEU B 1498 -3.90 -14.60 13.54
N LEU B 1499 -3.42 -14.14 14.71
CA LEU B 1499 -3.22 -15.04 15.83
C LEU B 1499 -4.55 -15.63 16.30
N GLN B 1500 -5.59 -14.81 16.36
CA GLN B 1500 -6.91 -15.33 16.75
C GLN B 1500 -7.41 -16.35 15.74
N ALA B 1501 -7.20 -16.09 14.44
CA ALA B 1501 -7.65 -17.02 13.42
C ALA B 1501 -6.92 -18.35 13.51
N HIS B 1502 -5.60 -18.30 13.70
CA HIS B 1502 -4.84 -19.55 13.81
C HIS B 1502 -5.23 -20.31 15.08
N LEU B 1503 -5.35 -19.60 16.20
CA LEU B 1503 -5.63 -20.23 17.48
C LEU B 1503 -7.08 -20.66 17.61
N SER B 1504 -7.97 -20.20 16.73
CA SER B 1504 -9.37 -20.63 16.73
C SER B 1504 -9.73 -21.40 15.46
N ARG B 1505 -8.75 -21.81 14.66
CA ARG B 1505 -8.98 -22.60 13.45
C ARG B 1505 -9.92 -21.89 12.48
N ALA B 1506 -9.46 -20.73 11.98
CA ALA B 1506 -10.24 -19.91 11.07
C ALA B 1506 -9.57 -19.84 9.70
N MET B 1507 -10.39 -19.75 8.66
CA MET B 1507 -9.92 -19.71 7.28
C MET B 1507 -9.44 -18.31 6.93
N LEU B 1508 -8.40 -18.25 6.11
CA LEU B 1508 -7.75 -17.00 5.74
C LEU B 1508 -7.98 -16.74 4.25
N PRO B 1509 -8.60 -15.62 3.88
CA PRO B 1509 -8.94 -15.39 2.47
C PRO B 1509 -7.72 -15.31 1.55
N CYS B 1510 -6.81 -14.40 1.86
CA CYS B 1510 -5.66 -14.30 0.96
C CYS B 1510 -4.62 -15.35 1.32
N PRO B 1511 -4.09 -16.06 0.32
CA PRO B 1511 -3.11 -17.13 0.62
C PRO B 1511 -1.87 -16.65 1.36
N ASP B 1512 -1.39 -15.43 1.04
CA ASP B 1512 -0.17 -14.94 1.66
C ASP B 1512 -0.31 -14.87 3.18
N TYR B 1513 -1.54 -14.67 3.67
CA TYR B 1513 -1.78 -14.66 5.10
C TYR B 1513 -1.18 -15.88 5.77
N ASP B 1514 -1.35 -17.06 5.15
CA ASP B 1514 -0.78 -18.28 5.70
C ASP B 1514 0.70 -18.10 5.98
N THR B 1515 1.45 -17.64 4.98
CA THR B 1515 2.87 -17.36 5.19
C THR B 1515 3.06 -16.40 6.36
N ASP B 1516 2.35 -15.27 6.33
CA ASP B 1516 2.41 -14.33 7.44
C ASP B 1516 2.10 -15.03 8.74
N THR B 1517 1.06 -15.86 8.75
CA THR B 1517 0.71 -16.64 9.94
C THR B 1517 1.94 -17.30 10.52
N LYS B 1518 2.65 -18.07 9.69
CA LYS B 1518 3.82 -18.78 10.17
C LYS B 1518 4.78 -17.81 10.85
N THR B 1519 5.13 -16.72 10.15
CA THR B 1519 6.03 -15.74 10.73
C THR B 1519 5.50 -15.27 12.07
N VAL B 1520 4.23 -14.82 12.09
CA VAL B 1520 3.64 -14.34 13.33
C VAL B 1520 3.75 -15.43 14.39
N LEU B 1521 3.34 -16.65 14.03
CA LEU B 1521 3.38 -17.76 14.98
C LEU B 1521 4.75 -17.85 15.61
N ASP B 1522 5.80 -17.87 14.77
CA ASP B 1522 7.16 -17.95 15.27
C ASP B 1522 7.38 -16.89 16.34
N GLN B 1523 7.22 -15.62 15.94
CA GLN B 1523 7.44 -14.52 16.87
C GLN B 1523 6.63 -14.73 18.14
N ALA B 1524 5.35 -15.10 17.97
CA ALA B 1524 4.47 -15.25 19.11
C ALA B 1524 5.09 -16.18 20.12
N LEU B 1525 5.48 -17.38 19.68
CA LEU B 1525 6.04 -18.35 20.61
C LEU B 1525 7.17 -17.72 21.40
N ARG B 1526 8.12 -17.11 20.68
CA ARG B 1526 9.25 -16.46 21.34
C ARG B 1526 8.75 -15.53 22.44
N VAL B 1527 7.96 -14.53 22.05
CA VAL B 1527 7.57 -13.52 23.04
C VAL B 1527 6.71 -14.16 24.10
N CYS B 1528 5.92 -15.18 23.74
CA CYS B 1528 5.12 -15.87 24.74
C CYS B 1528 6.00 -16.35 25.87
N GLN B 1529 7.08 -17.06 25.53
CA GLN B 1529 7.99 -17.53 26.57
C GLN B 1529 8.54 -16.36 27.35
N ALA B 1530 8.97 -15.31 26.65
CA ALA B 1530 9.47 -14.12 27.33
C ALA B 1530 8.43 -13.57 28.28
N MET B 1531 7.16 -13.54 27.83
CA MET B 1531 6.09 -13.08 28.69
C MET B 1531 6.11 -13.81 30.02
N LEU B 1532 6.18 -15.14 29.97
CA LEU B 1532 6.19 -15.94 31.19
C LEU B 1532 7.31 -15.47 32.10
N ASP B 1533 8.51 -15.31 31.52
CA ASP B 1533 9.65 -14.92 32.32
C ASP B 1533 9.39 -13.60 33.02
N VAL B 1534 8.82 -12.63 32.31
CA VAL B 1534 8.48 -11.35 32.94
C VAL B 1534 7.56 -11.59 34.12
N ALA B 1535 6.50 -12.38 33.91
CA ALA B 1535 5.63 -12.73 35.02
C ALA B 1535 6.39 -13.52 36.08
N ALA B 1536 7.27 -14.43 35.64
CA ALA B 1536 8.10 -15.16 36.59
C ALA B 1536 8.99 -14.22 37.38
N ASN B 1537 9.37 -13.09 36.78
CA ASN B 1537 10.16 -12.10 37.52
C ASN B 1537 9.30 -11.29 38.47
N GLN B 1538 8.01 -11.14 38.17
CA GLN B 1538 7.17 -10.26 38.97
C GLN B 1538 6.93 -10.83 40.37
N GLY B 1539 6.64 -12.12 40.46
CA GLY B 1539 6.45 -12.75 41.75
C GLY B 1539 5.19 -13.58 41.86
N TRP B 1540 4.12 -13.15 41.20
CA TRP B 1540 2.84 -13.84 41.26
C TRP B 1540 2.79 -14.96 40.24
N LEU B 1541 1.98 -15.98 40.56
CA LEU B 1541 1.92 -17.21 39.76
C LEU B 1541 0.69 -17.34 38.89
N VAL B 1542 -0.38 -16.58 39.18
CA VAL B 1542 -1.61 -16.71 38.40
C VAL B 1542 -1.36 -16.32 36.95
N THR B 1543 -0.67 -15.20 36.73
CA THR B 1543 -0.34 -14.78 35.37
C THR B 1543 0.65 -15.73 34.73
N VAL B 1544 1.53 -16.35 35.53
CA VAL B 1544 2.45 -17.36 34.98
C VAL B 1544 1.67 -18.55 34.44
N LEU B 1545 0.68 -19.03 35.20
CA LEU B 1545 -0.17 -20.10 34.71
C LEU B 1545 -0.96 -19.68 33.48
N ASN B 1546 -1.43 -18.43 33.46
CA ASN B 1546 -2.16 -17.94 32.29
C ASN B 1546 -1.27 -17.91 31.06
N ILE B 1547 -0.02 -17.48 31.21
CA ILE B 1547 0.90 -17.46 30.07
C ILE B 1547 1.26 -18.87 29.63
N THR B 1548 1.36 -19.81 30.59
CA THR B 1548 1.56 -21.21 30.23
C THR B 1548 0.39 -21.73 29.40
N ASN B 1549 -0.84 -21.41 29.81
CA ASN B 1549 -1.99 -21.78 29.01
C ASN B 1549 -1.95 -21.11 27.64
N LEU B 1550 -1.50 -19.86 27.59
CA LEU B 1550 -1.43 -19.13 26.33
C LEU B 1550 -0.44 -19.79 25.37
N ILE B 1551 0.73 -20.19 25.86
CA ILE B 1551 1.69 -20.87 24.99
C ILE B 1551 1.16 -22.25 24.60
N GLN B 1552 0.38 -22.88 25.48
CA GLN B 1552 -0.26 -24.14 25.11
C GLN B 1552 -1.25 -23.95 23.95
N MET B 1553 -2.05 -22.88 24.00
CA MET B 1553 -2.93 -22.59 22.88
C MET B 1553 -2.12 -22.29 21.61
N VAL B 1554 -1.03 -21.54 21.75
CA VAL B 1554 -0.23 -21.18 20.59
C VAL B 1554 0.33 -22.44 19.93
N ILE B 1555 0.86 -23.36 20.74
CA ILE B 1555 1.42 -24.59 20.18
C ILE B 1555 0.34 -25.56 19.73
N GLN B 1556 -0.90 -25.39 20.20
CA GLN B 1556 -1.99 -26.28 19.82
C GLN B 1556 -3.05 -25.63 18.94
N GLY B 1557 -3.08 -24.30 18.86
CA GLY B 1557 -4.11 -23.63 18.07
C GLY B 1557 -5.51 -23.89 18.58
N ARG B 1558 -5.70 -23.87 19.90
CA ARG B 1558 -6.98 -24.19 20.51
C ARG B 1558 -7.21 -23.24 21.67
N TRP B 1559 -8.15 -23.58 22.55
CA TRP B 1559 -8.40 -22.85 23.77
C TRP B 1559 -8.41 -23.81 24.96
N LEU B 1560 -8.15 -23.28 26.14
CA LEU B 1560 -8.33 -24.05 27.36
C LEU B 1560 -9.77 -24.05 27.85
N LYS B 1561 -10.63 -23.22 27.28
CA LYS B 1561 -12.05 -23.24 27.66
C LYS B 1561 -12.76 -24.45 27.07
N ASP B 1562 -12.27 -24.98 25.96
CA ASP B 1562 -12.84 -26.17 25.35
C ASP B 1562 -12.20 -27.43 25.96
N SER B 1563 -12.63 -28.59 25.49
CA SER B 1563 -12.12 -29.85 25.99
C SER B 1563 -10.67 -30.05 25.57
N SER B 1564 -9.88 -30.67 26.45
CA SER B 1564 -8.48 -30.92 26.15
C SER B 1564 -8.34 -31.94 25.02
N LEU B 1565 -9.25 -32.91 24.94
CA LEU B 1565 -9.16 -33.96 23.93
C LEU B 1565 -9.26 -33.42 22.53
N LEU B 1566 -9.73 -32.18 22.36
CA LEU B 1566 -9.76 -31.54 21.05
C LEU B 1566 -8.37 -31.30 20.48
N THR B 1567 -7.32 -31.39 21.31
CA THR B 1567 -5.96 -31.25 20.79
C THR B 1567 -5.54 -32.40 19.89
N LEU B 1568 -6.31 -33.49 19.86
CA LEU B 1568 -6.01 -34.59 18.96
C LEU B 1568 -6.16 -34.13 17.51
N PRO B 1569 -5.28 -34.56 16.61
CA PRO B 1569 -5.36 -34.11 15.22
C PRO B 1569 -6.67 -34.52 14.56
N ASN B 1570 -7.19 -33.61 13.73
CA ASN B 1570 -8.40 -33.85 12.94
C ASN B 1570 -9.60 -34.22 13.81
N ILE B 1571 -9.71 -33.61 14.98
CA ILE B 1571 -10.81 -33.84 15.90
C ILE B 1571 -11.49 -32.50 16.18
N GLU B 1572 -12.81 -32.46 16.01
CA GLU B 1572 -13.61 -31.28 16.27
C GLU B 1572 -14.76 -31.64 17.20
N ASN B 1573 -15.48 -30.61 17.66
CA ASN B 1573 -16.48 -30.82 18.71
C ASN B 1573 -17.72 -31.54 18.20
N HIS B 1574 -18.05 -31.39 16.91
CA HIS B 1574 -19.35 -31.86 16.42
C HIS B 1574 -19.52 -33.36 16.61
N HIS B 1575 -18.43 -34.12 16.63
CA HIS B 1575 -18.50 -35.57 16.78
C HIS B 1575 -18.14 -36.04 18.18
N LEU B 1576 -17.96 -35.12 19.14
CA LEU B 1576 -17.61 -35.54 20.49
C LEU B 1576 -18.69 -36.40 21.14
N HIS B 1577 -19.93 -36.32 20.66
CA HIS B 1577 -20.95 -37.24 21.17
C HIS B 1577 -20.59 -38.68 20.86
N LEU B 1578 -20.02 -38.93 19.67
CA LEU B 1578 -19.45 -40.25 19.39
C LEU B 1578 -18.32 -40.56 20.35
N PHE B 1579 -17.55 -39.55 20.74
CA PHE B 1579 -16.54 -39.69 21.78
C PHE B 1579 -17.14 -39.64 23.18
N LYS B 1580 -18.38 -39.18 23.32
CA LYS B 1580 -18.98 -39.08 24.65
C LYS B 1580 -19.36 -40.45 25.19
N LYS B 1581 -19.95 -41.30 24.36
CA LYS B 1581 -20.34 -42.64 24.80
C LYS B 1581 -19.10 -43.48 25.06
N TRP B 1582 -19.10 -44.20 26.18
CA TRP B 1582 -17.94 -45.00 26.57
C TRP B 1582 -18.39 -46.20 27.37
N LYS B 1583 -17.95 -47.38 26.96
CA LYS B 1583 -18.13 -48.63 27.66
C LYS B 1583 -16.80 -49.13 28.19
N PRO B 1584 -16.80 -50.09 29.12
CA PRO B 1584 -15.55 -50.72 29.54
C PRO B 1584 -14.84 -51.36 28.34
N ILE B 1585 -13.51 -51.36 28.39
CA ILE B 1585 -12.71 -51.86 27.27
C ILE B 1585 -13.09 -53.30 26.96
N MET B 1586 -13.20 -54.14 27.99
CA MET B 1586 -13.77 -55.47 27.84
C MET B 1586 -15.24 -55.42 28.23
N LYS B 1587 -16.06 -56.18 27.51
CA LYS B 1587 -17.50 -56.07 27.61
C LYS B 1587 -18.02 -56.97 28.74
N GLY B 1588 -18.83 -56.38 29.63
CA GLY B 1588 -19.43 -57.15 30.70
C GLY B 1588 -19.21 -56.63 32.12
N PRO B 1589 -17.99 -56.22 32.48
CA PRO B 1589 -17.75 -55.77 33.86
C PRO B 1589 -18.48 -54.49 34.20
N HIS B 1590 -18.78 -54.35 35.49
CA HIS B 1590 -19.40 -53.14 36.00
C HIS B 1590 -18.43 -51.96 35.91
N ALA B 1591 -18.98 -50.77 35.68
CA ALA B 1591 -18.15 -49.58 35.56
C ALA B 1591 -17.44 -49.27 36.87
N ARG B 1592 -16.18 -48.88 36.76
CA ARG B 1592 -15.34 -48.56 37.93
C ARG B 1592 -15.09 -47.07 38.08
N GLY B 1593 -14.69 -46.40 37.01
CA GLY B 1593 -14.39 -44.98 37.04
C GLY B 1593 -15.58 -44.13 36.69
N ARG B 1594 -15.30 -42.98 36.05
CA ARG B 1594 -16.35 -42.06 35.65
C ARG B 1594 -17.14 -42.55 34.44
N THR B 1595 -16.72 -43.65 33.81
CA THR B 1595 -17.31 -44.15 32.58
C THR B 1595 -17.18 -43.14 31.44
N SER B 1596 -16.24 -42.20 31.58
CA SER B 1596 -15.98 -41.20 30.56
C SER B 1596 -14.47 -41.10 30.35
N ILE B 1597 -14.07 -40.80 29.13
CA ILE B 1597 -12.66 -40.75 28.76
C ILE B 1597 -12.35 -39.34 28.25
N GLU B 1598 -13.04 -38.34 28.82
CA GLU B 1598 -12.81 -36.96 28.40
C GLU B 1598 -11.41 -36.49 28.77
N SER B 1599 -10.92 -36.90 29.93
CA SER B 1599 -9.58 -36.49 30.37
C SER B 1599 -8.51 -37.15 29.53
N LEU B 1600 -7.59 -36.34 29.00
CA LEU B 1600 -6.51 -36.87 28.18
C LEU B 1600 -5.60 -37.83 28.95
N PRO B 1601 -5.12 -37.51 30.16
CA PRO B 1601 -4.37 -38.52 30.92
C PRO B 1601 -5.18 -39.78 31.19
N GLU B 1602 -6.49 -39.64 31.42
CA GLU B 1602 -7.33 -40.82 31.55
C GLU B 1602 -7.36 -41.62 30.25
N LEU B 1603 -7.38 -40.93 29.11
CA LEU B 1603 -7.34 -41.63 27.84
C LEU B 1603 -6.03 -42.38 27.67
N ILE B 1604 -4.91 -41.76 28.04
CA ILE B 1604 -3.61 -42.43 27.93
C ILE B 1604 -3.57 -43.65 28.84
N HIS B 1605 -4.08 -43.51 30.07
CA HIS B 1605 -4.07 -44.63 31.01
C HIS B 1605 -4.95 -45.79 30.52
N ALA B 1606 -6.15 -45.46 30.02
CA ALA B 1606 -7.07 -46.51 29.60
C ALA B 1606 -6.58 -47.21 28.33
N CYS B 1607 -6.19 -46.42 27.32
CA CYS B 1607 -5.74 -47.01 26.06
C CYS B 1607 -4.34 -47.60 26.18
N GLY B 1608 -3.48 -46.99 27.00
CA GLY B 1608 -2.14 -47.50 27.15
C GLY B 1608 -1.31 -47.32 25.90
N GLY B 1609 -0.30 -48.16 25.75
CA GLY B 1609 0.55 -48.16 24.57
C GLY B 1609 0.01 -48.95 23.41
N LYS B 1610 -1.17 -49.55 23.56
CA LYS B 1610 -1.75 -50.36 22.49
C LYS B 1610 -2.30 -49.47 21.38
N ASP B 1611 -3.29 -48.64 21.70
CA ASP B 1611 -3.87 -47.67 20.78
C ASP B 1611 -4.51 -48.32 19.57
N HIS B 1612 -4.63 -49.64 19.56
CA HIS B 1612 -5.20 -50.33 18.41
C HIS B 1612 -6.27 -51.35 18.83
N VAL B 1613 -6.16 -51.88 20.05
CA VAL B 1613 -7.18 -52.83 20.51
C VAL B 1613 -8.38 -52.11 21.10
N PHE B 1614 -8.24 -50.85 21.50
CA PHE B 1614 -9.33 -50.06 22.05
C PHE B 1614 -9.67 -48.85 21.20
N SER B 1615 -8.68 -48.03 20.85
CA SER B 1615 -8.95 -46.77 20.18
C SER B 1615 -9.31 -46.94 18.72
N SER B 1616 -8.96 -48.06 18.09
CA SER B 1616 -9.17 -48.20 16.65
C SER B 1616 -10.66 -48.33 16.33
N MET B 1617 -11.38 -49.17 17.07
CA MET B 1617 -12.80 -49.34 16.81
C MET B 1617 -13.62 -48.13 17.28
N VAL B 1618 -13.28 -47.57 18.43
CA VAL B 1618 -14.05 -46.44 18.96
C VAL B 1618 -13.85 -45.20 18.10
N GLU B 1619 -12.71 -45.09 17.41
CA GLU B 1619 -12.45 -43.98 16.51
C GLU B 1619 -12.63 -44.37 15.04
N SER B 1620 -13.43 -45.41 14.79
CA SER B 1620 -13.70 -45.84 13.41
C SER B 1620 -14.53 -44.84 12.64
N GLU B 1621 -15.12 -43.83 13.30
CA GLU B 1621 -15.86 -42.81 12.60
C GLU B 1621 -14.96 -41.97 11.69
N LEU B 1622 -13.65 -42.03 11.90
CA LEU B 1622 -12.68 -41.39 11.02
C LEU B 1622 -12.41 -42.22 9.77
N HIS B 1623 -13.05 -43.39 9.64
CA HIS B 1623 -12.93 -44.30 8.51
C HIS B 1623 -11.47 -44.51 8.10
N ALA B 1624 -10.58 -44.60 9.10
CA ALA B 1624 -9.18 -44.94 8.92
C ALA B 1624 -8.45 -44.00 7.97
N ALA B 1625 -9.01 -42.83 7.69
CA ALA B 1625 -8.36 -41.90 6.77
C ALA B 1625 -7.08 -41.34 7.37
N LYS B 1626 -7.15 -40.85 8.61
CA LYS B 1626 -5.98 -40.31 9.31
C LYS B 1626 -5.95 -40.82 10.75
N THR B 1627 -6.41 -42.05 10.97
CA THR B 1627 -6.39 -42.62 12.31
C THR B 1627 -4.96 -42.89 12.77
N LYS B 1628 -4.04 -43.15 11.83
CA LYS B 1628 -2.64 -43.33 12.20
C LYS B 1628 -2.05 -42.05 12.78
N GLN B 1629 -2.53 -40.89 12.33
CA GLN B 1629 -2.07 -39.63 12.90
C GLN B 1629 -2.41 -39.57 14.39
N ALA B 1630 -3.65 -39.89 14.75
CA ALA B 1630 -4.03 -39.92 16.16
C ALA B 1630 -3.29 -41.02 16.90
N TRP B 1631 -3.04 -42.15 16.23
CA TRP B 1631 -2.30 -43.24 16.85
C TRP B 1631 -0.91 -42.78 17.28
N ASN B 1632 -0.16 -42.18 16.36
CA ASN B 1632 1.19 -41.71 16.72
C ASN B 1632 1.14 -40.51 17.66
N PHE B 1633 0.10 -39.67 17.55
CA PHE B 1633 -0.04 -38.56 18.48
C PHE B 1633 -0.20 -39.05 19.91
N LEU B 1634 -1.00 -40.09 20.11
CA LEU B 1634 -1.17 -40.64 21.45
C LEU B 1634 0.05 -41.43 21.89
N SER B 1635 0.67 -42.17 20.97
CA SER B 1635 1.83 -42.99 21.32
C SER B 1635 3.01 -42.12 21.74
N HIS B 1636 3.27 -41.03 21.02
CA HIS B 1636 4.37 -40.15 21.38
C HIS B 1636 4.05 -39.31 22.61
N LEU B 1637 2.77 -39.19 22.98
CA LEU B 1637 2.38 -38.43 24.14
C LEU B 1637 2.63 -39.26 25.40
N PRO B 1638 3.53 -38.85 26.28
CA PRO B 1638 3.86 -39.67 27.45
C PRO B 1638 3.03 -39.29 28.67
N VAL B 1639 3.10 -40.16 29.68
CA VAL B 1639 2.54 -39.91 31.00
C VAL B 1639 3.65 -40.13 32.02
N ILE B 1640 3.75 -39.21 32.98
CA ILE B 1640 4.84 -39.20 33.94
C ILE B 1640 4.27 -39.10 35.34
N ASN B 1641 4.79 -39.92 36.26
CA ASN B 1641 4.44 -39.83 37.66
C ASN B 1641 5.65 -39.38 38.46
N VAL B 1642 5.39 -38.62 39.53
CA VAL B 1642 6.44 -37.94 40.26
C VAL B 1642 6.43 -38.38 41.72
N GLY B 1643 7.56 -38.15 42.38
CA GLY B 1643 7.71 -38.35 43.81
C GLY B 1643 8.55 -37.25 44.42
N ILE B 1644 8.05 -36.59 45.46
CA ILE B 1644 8.65 -35.37 45.99
C ILE B 1644 9.21 -35.64 47.38
N SER B 1645 10.46 -35.20 47.59
CA SER B 1645 11.10 -35.31 48.90
C SER B 1645 11.81 -34.00 49.21
N VAL B 1646 11.52 -33.44 50.37
CA VAL B 1646 12.12 -32.17 50.80
C VAL B 1646 13.34 -32.49 51.65
N LYS B 1647 14.45 -31.81 51.36
CA LYS B 1647 15.72 -32.02 52.03
C LYS B 1647 16.27 -30.68 52.50
N GLY B 1648 16.84 -30.66 53.70
CA GLY B 1648 17.41 -29.44 54.22
C GLY B 1648 18.68 -29.04 53.48
N SER B 1649 18.98 -27.75 53.52
CA SER B 1649 20.17 -27.17 52.91
C SER B 1649 20.91 -26.31 53.93
N TRP B 1650 21.12 -26.86 55.12
CA TRP B 1650 21.74 -26.12 56.21
C TRP B 1650 23.15 -25.68 55.84
N ASP B 1651 23.53 -24.50 56.31
CA ASP B 1651 24.82 -23.93 55.92
C ASP B 1651 25.98 -24.77 56.42
N ASP B 1652 26.00 -25.08 57.72
CA ASP B 1652 27.11 -25.83 58.32
C ASP B 1652 26.75 -26.18 59.75
N LEU B 1653 27.38 -27.26 60.24
CA LEU B 1653 27.35 -27.68 61.65
C LEU B 1653 25.94 -27.67 62.24
N VAL B 1654 24.93 -27.91 61.41
CA VAL B 1654 23.56 -28.03 61.91
C VAL B 1654 22.99 -29.38 61.48
N GLU B 1655 22.90 -29.60 60.17
CA GLU B 1655 22.47 -30.86 59.56
C GLU B 1655 21.00 -31.17 59.85
N GLY B 1656 20.36 -30.34 60.67
CA GLY B 1656 18.93 -30.44 60.96
C GLY B 1656 18.41 -31.85 61.18
N HIS B 1657 17.48 -32.27 60.32
CA HIS B 1657 16.87 -33.58 60.36
C HIS B 1657 17.27 -34.36 59.10
N ASN B 1658 16.69 -35.54 58.93
CA ASN B 1658 16.92 -36.35 57.75
C ASN B 1658 16.01 -35.91 56.61
N GLU B 1659 16.22 -36.51 55.44
CA GLU B 1659 15.37 -36.21 54.29
C GLU B 1659 13.93 -36.63 54.56
N LEU B 1660 12.99 -35.78 54.17
CA LEU B 1660 11.57 -36.02 54.44
C LEU B 1660 10.83 -36.15 53.12
N SER B 1661 10.47 -37.37 52.74
CA SER B 1661 9.73 -37.61 51.51
C SER B 1661 8.24 -37.47 51.77
N VAL B 1662 7.58 -36.62 50.99
CA VAL B 1662 6.15 -36.34 51.15
C VAL B 1662 5.41 -37.02 50.02
N SER B 1663 4.35 -37.77 50.37
CA SER B 1663 3.61 -38.54 49.39
C SER B 1663 2.95 -37.63 48.36
N THR B 1664 3.10 -37.99 47.08
CA THR B 1664 2.46 -37.24 46.02
C THR B 1664 0.95 -37.43 46.03
N LEU B 1665 0.48 -38.60 46.45
CA LEU B 1665 -0.95 -38.84 46.59
C LEU B 1665 -1.55 -37.81 47.54
N THR B 1666 -2.74 -37.31 47.19
CA THR B 1666 -3.39 -36.27 47.98
C THR B 1666 -3.57 -36.74 49.42
N ALA B 1667 -2.87 -36.09 50.34
CA ALA B 1667 -2.87 -36.48 51.75
C ALA B 1667 -3.27 -35.26 52.58
N ASP B 1668 -4.48 -35.30 53.13
CA ASP B 1668 -4.95 -34.26 54.05
C ASP B 1668 -5.74 -34.86 55.21
N LYS B 1669 -5.57 -36.16 55.47
CA LYS B 1669 -6.37 -36.88 56.47
C LYS B 1669 -5.70 -36.87 57.84
N ARG B 1670 -5.34 -35.67 58.32
CA ARG B 1670 -4.80 -35.48 59.66
C ARG B 1670 -3.59 -36.38 59.93
N ASP B 1671 -2.63 -36.35 59.01
CA ASP B 1671 -1.40 -37.12 59.12
C ASP B 1671 -0.23 -36.16 59.26
N ASP B 1672 0.70 -36.47 60.17
CA ASP B 1672 1.88 -35.65 60.33
C ASP B 1672 2.90 -35.85 59.21
N ASN B 1673 2.74 -36.90 58.40
CA ASN B 1673 3.66 -37.13 57.28
C ASN B 1673 3.57 -35.99 56.27
N LYS B 1674 2.35 -35.53 55.97
CA LYS B 1674 2.21 -34.37 55.08
C LYS B 1674 2.81 -33.12 55.72
N TRP B 1675 2.62 -32.95 57.04
CA TRP B 1675 3.09 -31.77 57.75
C TRP B 1675 4.60 -31.92 57.99
N ILE B 1676 5.38 -31.43 57.03
CA ILE B 1676 6.83 -31.55 57.13
C ILE B 1676 7.32 -30.66 58.27
N LYS B 1677 8.06 -31.26 59.21
CA LYS B 1677 8.59 -30.49 60.34
C LYS B 1677 9.75 -29.64 59.87
N LEU B 1678 9.44 -28.52 59.23
CA LEU B 1678 10.43 -27.70 58.56
C LEU B 1678 10.85 -26.53 59.44
N HIS B 1679 12.17 -26.35 59.57
CA HIS B 1679 12.70 -25.29 60.43
C HIS B 1679 12.59 -23.95 59.73
N ALA B 1680 12.13 -22.93 60.45
CA ALA B 1680 11.86 -21.64 59.86
C ALA B 1680 13.16 -20.96 59.40
N ASP B 1681 13.04 -20.15 58.36
CA ASP B 1681 14.15 -19.36 57.81
C ASP B 1681 15.34 -20.24 57.40
N GLN B 1682 15.06 -21.41 56.83
CA GLN B 1682 16.09 -22.32 56.35
C GLN B 1682 15.82 -22.67 54.90
N GLU B 1683 16.85 -22.54 54.06
CA GLU B 1683 16.71 -22.92 52.65
C GLU B 1683 16.50 -24.41 52.53
N TYR B 1684 15.47 -24.81 51.77
CA TYR B 1684 15.14 -26.21 51.61
C TYR B 1684 14.97 -26.55 50.14
N VAL B 1685 15.45 -27.74 49.77
CA VAL B 1685 15.51 -28.18 48.38
C VAL B 1685 14.50 -29.30 48.19
N LEU B 1686 13.58 -29.12 47.26
CA LEU B 1686 12.61 -30.13 46.89
C LEU B 1686 13.16 -30.94 45.72
N GLN B 1687 13.51 -32.20 46.00
CA GLN B 1687 13.92 -33.13 44.95
C GLN B 1687 12.67 -33.87 44.47
N VAL B 1688 12.30 -33.63 43.22
CA VAL B 1688 11.16 -34.31 42.60
C VAL B 1688 11.70 -35.26 41.54
N SER B 1689 11.48 -36.55 41.75
CA SER B 1689 11.86 -37.57 40.77
C SER B 1689 10.64 -37.85 39.91
N LEU B 1690 10.72 -37.46 38.64
CA LEU B 1690 9.63 -37.64 37.68
C LEU B 1690 10.06 -38.70 36.68
N GLN B 1691 9.26 -39.76 36.56
CA GLN B 1691 9.59 -40.86 35.67
C GLN B 1691 8.41 -41.15 34.75
N ARG B 1692 8.70 -41.42 33.49
CA ARG B 1692 7.70 -41.88 32.56
C ARG B 1692 7.45 -43.38 32.77
N VAL B 1693 6.25 -43.82 32.40
CA VAL B 1693 5.89 -45.23 32.44
C VAL B 1693 5.41 -45.62 31.05
N HIS B 1694 6.34 -46.10 30.23
CA HIS B 1694 5.99 -46.60 28.91
C HIS B 1694 5.34 -47.97 29.05
N PHE B 1695 4.22 -48.16 28.34
CA PHE B 1695 3.43 -49.37 28.47
C PHE B 1695 4.12 -50.59 27.86
N GLY B 1696 5.23 -50.41 27.15
CA GLY B 1696 6.02 -51.50 26.64
C GLY B 1696 5.85 -51.78 25.16
N PHE B 1697 4.78 -51.26 24.54
CA PHE B 1697 4.61 -51.48 23.10
C PHE B 1697 5.59 -50.64 22.29
N HIS B 1698 5.80 -49.38 22.70
CA HIS B 1698 6.81 -48.54 22.07
C HIS B 1698 8.17 -48.65 22.74
N LYS B 1699 8.25 -49.29 23.92
CA LYS B 1699 9.45 -49.54 24.70
C LYS B 1699 10.08 -48.27 25.25
N GLY B 1700 9.54 -47.10 24.95
CA GLY B 1700 10.09 -45.86 25.46
C GLY B 1700 11.20 -45.31 24.59
N LYS B 1701 11.34 -43.99 24.63
CA LYS B 1701 12.34 -43.24 23.89
C LYS B 1701 12.32 -43.59 22.40
N PRO B 1702 11.23 -43.27 21.69
CA PRO B 1702 11.25 -43.43 20.23
C PRO B 1702 12.03 -42.31 19.55
N GLU B 1703 11.79 -41.07 19.99
CA GLU B 1703 12.44 -39.88 19.45
C GLU B 1703 12.38 -38.80 20.52
N SER B 1704 13.01 -37.66 20.21
CA SER B 1704 13.05 -36.53 21.11
C SER B 1704 12.32 -35.31 20.57
N CYS B 1705 11.47 -35.48 19.56
CA CYS B 1705 10.74 -34.39 18.94
C CYS B 1705 9.25 -34.57 19.21
N ALA B 1706 8.63 -33.53 19.77
CA ALA B 1706 7.20 -33.56 20.04
C ALA B 1706 6.41 -33.29 18.77
N VAL B 1707 5.18 -33.77 18.74
CA VAL B 1707 4.31 -33.61 17.58
C VAL B 1707 3.67 -32.23 17.63
N THR B 1708 3.81 -31.48 16.54
CA THR B 1708 3.22 -30.14 16.39
C THR B 1708 2.47 -30.10 15.08
N PRO B 1709 1.22 -30.59 15.06
CA PRO B 1709 0.47 -30.64 13.80
C PRO B 1709 0.24 -29.28 13.17
N ARG B 1710 0.08 -28.22 13.96
CA ARG B 1710 -0.22 -26.90 13.43
C ARG B 1710 0.95 -25.94 13.45
N PHE B 1711 1.87 -26.08 14.39
CA PHE B 1711 3.02 -25.18 14.43
C PHE B 1711 3.96 -25.48 13.27
N PRO B 1712 4.48 -24.45 12.59
CA PRO B 1712 5.40 -24.69 11.47
C PRO B 1712 6.72 -25.31 11.91
N LYS B 1713 7.32 -24.75 12.94
CA LYS B 1713 8.60 -25.23 13.44
C LYS B 1713 8.41 -26.49 14.29
N SER B 1714 9.52 -27.16 14.56
CA SER B 1714 9.55 -28.35 15.40
C SER B 1714 10.11 -27.97 16.76
N LYS B 1715 9.42 -28.38 17.82
CA LYS B 1715 9.79 -28.01 19.17
C LYS B 1715 9.89 -29.26 20.04
N ASP B 1716 10.81 -29.21 21.00
CA ASP B 1716 11.09 -30.35 21.86
C ASP B 1716 9.99 -30.52 22.91
N GLU B 1717 10.00 -31.68 23.56
CA GLU B 1717 9.01 -32.03 24.58
C GLU B 1717 9.46 -31.47 25.91
N GLY B 1718 9.03 -30.25 26.22
CA GLY B 1718 9.34 -29.62 27.48
C GLY B 1718 8.35 -29.98 28.57
N TRP B 1719 8.65 -29.50 29.78
CA TRP B 1719 7.80 -29.75 30.93
C TRP B 1719 8.00 -28.60 31.92
N PHE B 1720 6.95 -27.86 32.21
CA PHE B 1720 7.00 -26.81 33.22
C PHE B 1720 6.65 -27.39 34.59
N LEU B 1721 7.22 -26.81 35.63
CA LEU B 1721 6.92 -27.23 36.99
C LEU B 1721 7.20 -26.07 37.93
N ILE B 1722 6.18 -25.68 38.69
CA ILE B 1722 6.24 -24.48 39.52
C ILE B 1722 5.87 -24.82 40.95
N LEU B 1723 6.50 -24.11 41.89
CA LEU B 1723 6.19 -24.24 43.31
C LEU B 1723 5.83 -22.86 43.84
N GLY B 1724 4.67 -22.77 44.48
CA GLY B 1724 4.23 -21.49 45.03
C GLY B 1724 3.01 -21.66 45.89
N GLU B 1725 2.66 -20.58 46.59
CA GLU B 1725 1.47 -20.58 47.44
C GLU B 1725 0.30 -19.93 46.71
N VAL B 1726 -0.92 -20.28 47.12
CA VAL B 1726 -2.12 -19.87 46.42
C VAL B 1726 -2.89 -18.83 47.24
N ASP B 1727 -2.74 -18.87 48.57
CA ASP B 1727 -3.47 -17.93 49.41
C ASP B 1727 -3.01 -16.50 49.17
N LYS B 1728 -1.70 -16.29 49.03
CA LYS B 1728 -1.16 -14.99 48.71
C LYS B 1728 -1.02 -14.77 47.21
N ARG B 1729 -1.11 -15.84 46.42
CA ARG B 1729 -1.05 -15.78 44.95
C ARG B 1729 0.31 -15.27 44.46
N GLU B 1730 1.37 -15.93 44.93
CA GLU B 1730 2.72 -15.72 44.43
C GLU B 1730 3.41 -17.08 44.30
N LEU B 1731 4.41 -17.12 43.43
CA LEU B 1731 5.20 -18.34 43.25
C LEU B 1731 6.55 -18.20 43.93
N ILE B 1732 7.12 -19.34 44.31
CA ILE B 1732 8.43 -19.39 44.93
C ILE B 1732 9.52 -19.84 43.97
N ALA B 1733 9.21 -20.74 43.04
CA ALA B 1733 10.22 -21.21 42.10
C ALA B 1733 9.54 -21.72 40.83
N LEU B 1734 10.27 -21.62 39.71
CA LEU B 1734 9.79 -22.08 38.42
C LEU B 1734 10.89 -22.89 37.74
N LYS B 1735 10.47 -23.89 36.97
CA LYS B 1735 11.40 -24.79 36.29
C LYS B 1735 10.80 -25.18 34.94
N ARG B 1736 11.65 -25.25 33.92
CA ARG B 1736 11.29 -25.88 32.65
C ARG B 1736 12.39 -26.87 32.31
N VAL B 1737 11.99 -28.07 31.90
CA VAL B 1737 12.94 -29.14 31.62
C VAL B 1737 12.67 -29.69 30.23
N GLY B 1738 13.72 -30.24 29.63
CA GLY B 1738 13.64 -30.78 28.28
C GLY B 1738 13.02 -32.16 28.22
N TYR B 1739 13.58 -33.02 27.38
CA TYR B 1739 13.02 -34.36 27.19
C TYR B 1739 13.35 -35.25 28.38
N ILE B 1740 12.31 -35.91 28.90
CA ILE B 1740 12.49 -36.91 29.96
C ILE B 1740 12.32 -38.27 29.27
N ARG B 1741 13.46 -38.87 28.90
CA ARG B 1741 13.41 -40.11 28.14
C ARG B 1741 12.80 -41.26 28.94
N ASN B 1742 13.29 -41.46 30.17
CA ASN B 1742 12.68 -42.46 31.04
C ASN B 1742 12.41 -41.92 32.44
N HIS B 1743 13.31 -41.11 33.00
CA HIS B 1743 13.22 -40.66 34.37
C HIS B 1743 14.26 -39.57 34.59
N HIS B 1744 13.92 -38.61 35.45
CA HIS B 1744 14.83 -37.51 35.77
C HIS B 1744 14.49 -36.98 37.15
N VAL B 1745 15.35 -36.12 37.66
CA VAL B 1745 15.19 -35.50 38.98
C VAL B 1745 15.38 -34.00 38.84
N ALA B 1746 14.47 -33.23 39.44
CA ALA B 1746 14.53 -31.79 39.43
C ALA B 1746 14.69 -31.28 40.86
N SER B 1747 15.53 -30.27 41.04
CA SER B 1747 15.89 -29.74 42.35
C SER B 1747 15.38 -28.30 42.46
N LEU B 1748 14.19 -28.16 43.07
CA LEU B 1748 13.65 -26.85 43.36
C LEU B 1748 14.24 -26.31 44.67
N SER B 1749 14.29 -24.98 44.78
CA SER B 1749 14.76 -24.33 45.99
C SER B 1749 13.67 -23.41 46.53
N PHE B 1750 13.46 -23.44 47.85
CA PHE B 1750 12.44 -22.58 48.42
C PHE B 1750 12.80 -22.26 49.86
N TYR B 1751 12.20 -21.19 50.36
CA TYR B 1751 12.39 -20.69 51.72
C TYR B 1751 11.09 -20.81 52.50
N THR B 1752 11.14 -20.37 53.76
CA THR B 1752 9.98 -20.41 54.64
C THR B 1752 9.90 -19.13 55.46
N PRO B 1753 8.70 -18.57 55.64
CA PRO B 1753 8.56 -17.41 56.52
C PRO B 1753 8.92 -17.74 57.95
N GLU B 1754 9.41 -16.73 58.67
CA GLU B 1754 9.80 -16.92 60.06
C GLU B 1754 8.62 -17.25 60.97
N ILE B 1755 7.40 -16.94 60.54
CA ILE B 1755 6.21 -17.21 61.35
C ILE B 1755 5.96 -18.71 61.39
N PRO B 1756 5.87 -19.32 62.57
CA PRO B 1756 5.63 -20.77 62.67
C PRO B 1756 4.18 -21.14 62.35
N GLY B 1757 3.81 -20.98 61.09
CA GLY B 1757 2.46 -21.26 60.64
C GLY B 1757 2.36 -22.58 59.88
N ARG B 1758 1.20 -23.21 59.99
CA ARG B 1758 0.90 -24.44 59.26
C ARG B 1758 0.18 -24.06 57.98
N TYR B 1759 0.97 -23.79 56.93
CA TYR B 1759 0.40 -23.31 55.68
C TYR B 1759 0.57 -24.35 54.58
N ILE B 1760 0.16 -23.99 53.37
CA ILE B 1760 0.14 -24.90 52.23
C ILE B 1760 0.85 -24.27 51.05
N TYR B 1761 1.79 -25.00 50.46
CA TYR B 1761 2.36 -24.68 49.16
C TYR B 1761 1.82 -25.68 48.15
N THR B 1762 2.06 -25.41 46.87
CA THR B 1762 1.57 -26.28 45.82
C THR B 1762 2.60 -26.35 44.70
N LEU B 1763 2.78 -27.55 44.15
CA LEU B 1763 3.62 -27.79 43.00
C LEU B 1763 2.72 -28.19 41.83
N TYR B 1764 2.82 -27.43 40.74
CA TYR B 1764 2.05 -27.68 39.53
C TYR B 1764 2.99 -28.16 38.43
N PHE B 1765 2.69 -29.34 37.87
CA PHE B 1765 3.40 -29.89 36.73
C PHE B 1765 2.58 -29.57 35.49
N MET B 1766 3.03 -28.59 34.72
CA MET B 1766 2.33 -28.09 33.56
C MET B 1766 2.99 -28.56 32.27
N SER B 1767 2.18 -28.66 31.22
CA SER B 1767 2.64 -29.11 29.92
C SER B 1767 3.16 -27.94 29.11
N ASP B 1768 4.41 -28.06 28.65
CA ASP B 1768 5.01 -27.01 27.85
C ASP B 1768 4.49 -26.99 26.41
N CYS B 1769 4.18 -28.16 25.86
CA CYS B 1769 3.74 -28.25 24.47
C CYS B 1769 2.56 -29.20 24.30
N TYR B 1770 1.68 -29.28 25.31
CA TYR B 1770 0.55 -30.18 25.24
C TYR B 1770 -0.64 -29.53 25.93
N LEU B 1771 -1.71 -30.30 26.12
CA LEU B 1771 -2.94 -29.81 26.73
C LEU B 1771 -3.50 -30.87 27.67
N GLY B 1772 -3.89 -30.43 28.87
CA GLY B 1772 -4.59 -31.29 29.79
C GLY B 1772 -3.74 -32.34 30.49
N LEU B 1773 -2.42 -32.31 30.30
CA LEU B 1773 -1.52 -33.25 30.95
C LEU B 1773 -0.87 -32.65 32.19
N ASP B 1774 -1.63 -31.86 32.94
CA ASP B 1774 -1.10 -31.06 34.05
C ASP B 1774 -1.62 -31.63 35.36
N GLN B 1775 -0.74 -31.70 36.36
CA GLN B 1775 -1.11 -32.28 37.64
C GLN B 1775 -0.71 -31.36 38.78
N GLN B 1776 -1.45 -31.45 39.88
CA GLN B 1776 -1.25 -30.60 41.06
C GLN B 1776 -0.92 -31.47 42.27
N TYR B 1777 0.00 -30.99 43.10
CA TYR B 1777 0.38 -31.70 44.32
C TYR B 1777 0.61 -30.66 45.41
N ASP B 1778 -0.24 -30.67 46.44
CA ASP B 1778 -0.14 -29.71 47.53
C ASP B 1778 0.69 -30.28 48.67
N ILE B 1779 1.60 -29.46 49.18
CA ILE B 1779 2.47 -29.83 50.30
C ILE B 1779 2.10 -28.96 51.48
N TYR B 1780 1.75 -29.59 52.59
CA TYR B 1780 1.31 -28.89 53.79
C TYR B 1780 2.52 -28.73 54.72
N LEU B 1781 3.05 -27.51 54.79
CA LEU B 1781 4.25 -27.24 55.57
C LEU B 1781 3.84 -26.75 56.96
N ASN B 1782 4.20 -27.54 57.99
CA ASN B 1782 4.03 -27.15 59.39
C ASN B 1782 5.38 -26.59 59.87
N VAL B 1783 5.72 -25.41 59.36
CA VAL B 1783 7.00 -24.81 59.69
C VAL B 1783 7.01 -24.36 61.16
N THR B 1784 8.11 -24.66 61.84
CA THR B 1784 8.27 -24.31 63.23
C THR B 1784 9.56 -23.50 63.40
N GLN B 1785 9.65 -22.82 64.54
CA GLN B 1785 10.83 -22.01 64.83
C GLN B 1785 12.06 -22.90 65.04
N ALA B 1786 13.22 -22.34 64.74
CA ALA B 1786 14.50 -23.04 64.88
C ALA B 1786 15.39 -22.28 65.83
N SER B 1787 16.04 -23.00 66.74
CA SER B 1787 16.94 -22.39 67.71
C SER B 1787 18.38 -22.40 67.20
#